data_5EZF
# 
_entry.id   5EZF 
# 
_audit_conform.dict_name       mmcif_pdbx.dic 
_audit_conform.dict_version    5.383 
_audit_conform.dict_location   http://mmcif.pdb.org/dictionaries/ascii/mmcif_pdbx.dic 
# 
loop_
_database_2.database_id 
_database_2.database_code 
_database_2.pdbx_database_accession 
_database_2.pdbx_DOI 
PDB   5EZF         pdb_00005ezf 10.2210/pdb5ezf/pdb 
WWPDB D_1000215756 ?            ?                   
# 
loop_
_pdbx_audit_revision_history.ordinal 
_pdbx_audit_revision_history.data_content_type 
_pdbx_audit_revision_history.major_revision 
_pdbx_audit_revision_history.minor_revision 
_pdbx_audit_revision_history.revision_date 
1 'Structure model' 1 0 2016-05-18 
2 'Structure model' 1 1 2016-07-20 
3 'Structure model' 1 2 2017-11-29 
4 'Structure model' 1 3 2024-01-10 
# 
_pdbx_audit_revision_details.ordinal             1 
_pdbx_audit_revision_details.revision_ordinal    1 
_pdbx_audit_revision_details.data_content_type   'Structure model' 
_pdbx_audit_revision_details.provider            repository 
_pdbx_audit_revision_details.type                'Initial release' 
_pdbx_audit_revision_details.description         ? 
_pdbx_audit_revision_details.details             ? 
# 
loop_
_pdbx_audit_revision_group.ordinal 
_pdbx_audit_revision_group.revision_ordinal 
_pdbx_audit_revision_group.data_content_type 
_pdbx_audit_revision_group.group 
1 2 'Structure model' 'Database references'    
2 3 'Structure model' 'Database references'    
3 4 'Structure model' 'Data collection'        
4 4 'Structure model' 'Database references'    
5 4 'Structure model' 'Derived calculations'   
6 4 'Structure model' 'Refinement description' 
# 
loop_
_pdbx_audit_revision_category.ordinal 
_pdbx_audit_revision_category.revision_ordinal 
_pdbx_audit_revision_category.data_content_type 
_pdbx_audit_revision_category.category 
1 3 'Structure model' pdbx_database_related         
2 4 'Structure model' chem_comp_atom                
3 4 'Structure model' chem_comp_bond                
4 4 'Structure model' database_2                    
5 4 'Structure model' pdbx_initial_refinement_model 
6 4 'Structure model' pdbx_struct_conn_angle        
7 4 'Structure model' struct_conn                   
# 
loop_
_pdbx_audit_revision_item.ordinal 
_pdbx_audit_revision_item.revision_ordinal 
_pdbx_audit_revision_item.data_content_type 
_pdbx_audit_revision_item.item 
1  4 'Structure model' '_database_2.pdbx_DOI'                        
2  4 'Structure model' '_database_2.pdbx_database_accession'         
3  4 'Structure model' '_pdbx_struct_conn_angle.ptnr1_auth_asym_id'  
4  4 'Structure model' '_pdbx_struct_conn_angle.ptnr1_auth_comp_id'  
5  4 'Structure model' '_pdbx_struct_conn_angle.ptnr1_auth_seq_id'   
6  4 'Structure model' '_pdbx_struct_conn_angle.ptnr1_label_asym_id' 
7  4 'Structure model' '_pdbx_struct_conn_angle.ptnr1_label_atom_id' 
8  4 'Structure model' '_pdbx_struct_conn_angle.ptnr1_label_comp_id' 
9  4 'Structure model' '_pdbx_struct_conn_angle.ptnr1_label_seq_id'  
10 4 'Structure model' '_pdbx_struct_conn_angle.ptnr1_symmetry'      
11 4 'Structure model' '_pdbx_struct_conn_angle.ptnr3_auth_asym_id'  
12 4 'Structure model' '_pdbx_struct_conn_angle.ptnr3_auth_comp_id'  
13 4 'Structure model' '_pdbx_struct_conn_angle.ptnr3_auth_seq_id'   
14 4 'Structure model' '_pdbx_struct_conn_angle.ptnr3_label_asym_id' 
15 4 'Structure model' '_pdbx_struct_conn_angle.ptnr3_label_atom_id' 
16 4 'Structure model' '_pdbx_struct_conn_angle.ptnr3_label_comp_id' 
17 4 'Structure model' '_pdbx_struct_conn_angle.ptnr3_label_seq_id'  
18 4 'Structure model' '_pdbx_struct_conn_angle.ptnr3_symmetry'      
19 4 'Structure model' '_pdbx_struct_conn_angle.value'               
20 4 'Structure model' '_struct_conn.pdbx_dist_value'                
21 4 'Structure model' '_struct_conn.ptnr1_auth_asym_id'             
22 4 'Structure model' '_struct_conn.ptnr1_auth_comp_id'             
23 4 'Structure model' '_struct_conn.ptnr1_auth_seq_id'              
24 4 'Structure model' '_struct_conn.ptnr1_label_asym_id'            
25 4 'Structure model' '_struct_conn.ptnr1_label_atom_id'            
26 4 'Structure model' '_struct_conn.ptnr1_label_comp_id'            
27 4 'Structure model' '_struct_conn.ptnr1_label_seq_id'             
28 4 'Structure model' '_struct_conn.ptnr1_symmetry'                 
29 4 'Structure model' '_struct_conn.ptnr2_auth_asym_id'             
30 4 'Structure model' '_struct_conn.ptnr2_auth_comp_id'             
31 4 'Structure model' '_struct_conn.ptnr2_auth_seq_id'              
32 4 'Structure model' '_struct_conn.ptnr2_label_asym_id'            
33 4 'Structure model' '_struct_conn.ptnr2_label_atom_id'            
34 4 'Structure model' '_struct_conn.ptnr2_label_comp_id'            
35 4 'Structure model' '_struct_conn.ptnr2_symmetry'                 
# 
_pdbx_database_status.status_code                     REL 
_pdbx_database_status.status_code_sf                  REL 
_pdbx_database_status.status_code_mr                  ? 
_pdbx_database_status.entry_id                        5EZF 
_pdbx_database_status.recvd_initial_deposition_date   2015-11-26 
_pdbx_database_status.SG_entry                        N 
_pdbx_database_status.deposit_site                    RCSB 
_pdbx_database_status.process_site                    PDBE 
_pdbx_database_status.status_code_cs                  ? 
_pdbx_database_status.methods_development_category    ? 
_pdbx_database_status.pdb_format_compatible           Y 
_pdbx_database_status.status_code_nmr_data            ? 
# 
loop_
_pdbx_database_related.db_name 
_pdbx_database_related.details 
_pdbx_database_related.db_id 
_pdbx_database_related.content_type 
PDB '5ET9, 5EWB, 5EYQ contains racemic crystal structures of the Pribnow box consensus sequence in different space groups' 5ET9 
unspecified 
PDB '5ET9, 5EWB, 5EYQ contains racemic crystal structures of the Pribnow box consensus sequence in different space groups' 5EWB 
unspecified 
PDB '5ET9, 5EWB, 5EYQ contains racemic crystal structures of the Pribnow box consensus sequence in different space groups' 5EYQ 
unspecified 
# 
loop_
_audit_author.name 
_audit_author.pdbx_ordinal 
'Mandal, P.K.'     1 
'Collie, G.W.'     2 
'Kauffmann, B.'    3 
'Srivastava, S.C.' 4 
'Huc, I.'          5 
# 
loop_
_citation.abstract 
_citation.abstract_id_CAS 
_citation.book_id_ISBN 
_citation.book_publisher 
_citation.book_publisher_city 
_citation.book_title 
_citation.coordinate_linkage 
_citation.country 
_citation.database_id_Medline 
_citation.details 
_citation.id 
_citation.journal_abbrev 
_citation.journal_id_ASTM 
_citation.journal_id_CSD 
_citation.journal_id_ISSN 
_citation.journal_full 
_citation.journal_issue 
_citation.journal_volume 
_citation.language 
_citation.page_first 
_citation.page_last 
_citation.title 
_citation.year 
_citation.database_id_CSD 
_citation.pdbx_database_id_DOI 
_citation.pdbx_database_id_PubMed 
_citation.unpublished_flag 
? ? ? ? ? ? ? UK ? ? primary 'Nucleic Acids Res.'    NARHAD 0389 1362-4962 ? ? 44 ? 5936  5943  
'Structure elucidation of the Pribnow box consensus promoter sequence by racemic DNA crystallography.' 2016 ? 10.1093/nar/gkw367 
27137886 ? 
? ? ? ? ? ? ? GE ? ? 1       'Angew. Chem. Int. Ed.' ACIEAY 0179 1521-3773 ? ? 53 ? 14424 14427 'Racemic DNA Crystallography' 2014 
? 10.1002/anie.201409014 25358289 ? 
# 
loop_
_citation_author.citation_id 
_citation_author.name 
_citation_author.ordinal 
_citation_author.identifier_ORCID 
primary 'Mandal, P.K.'     1 ? 
primary 'Collie, G.W.'     2 ? 
primary 'Srivastava, S.C.' 3 ? 
primary 'Kauffmann, B.'    4 ? 
primary 'Huc, I.'          5 ? 
1       'Mandal, P.K.'     6 ? 
1       'Collie, G.W.'     7 ? 
1       'Kauffmann, B.'    8 ? 
1       'Huc, I.'          9 ? 
# 
loop_
_entity.id 
_entity.type 
_entity.src_method 
_entity.pdbx_description 
_entity.formula_weight 
_entity.pdbx_number_of_molecules 
_entity.pdbx_ec 
_entity.pdbx_mutation 
_entity.pdbx_fragment 
_entity.details 
1 polymer     syn 'Pribnow box template strand' 3662.404 1  ? ? ? ? 
2 polymer     syn 'Complementary strand'        3662.404 1  ? ? ? ? 
3 non-polymer syn 'CALCIUM ION'                 40.078   2  ? ? ? ? 
4 water       nat water                         18.015   52 ? ? ? ? 
# 
loop_
_entity_poly.entity_id 
_entity_poly.type 
_entity_poly.nstd_linkage 
_entity_poly.nstd_monomer 
_entity_poly.pdbx_seq_one_letter_code 
_entity_poly.pdbx_seq_one_letter_code_can 
_entity_poly.pdbx_strand_id 
_entity_poly.pdbx_target_identifier 
1 polydeoxyribonucleotide no no '(DC)(DG)(DC)(DT)(DA)(DT)(DA)(DA)(DT)(DG)(DC)(DG)' CGCTATAATGCG A ? 
2 polydeoxyribonucleotide no no '(DC)(DG)(DC)(DA)(DT)(DT)(DA)(DT)(DA)(DG)(DC)(DG)' CGCATTATAGCG B ? 
# 
loop_
_pdbx_entity_nonpoly.entity_id 
_pdbx_entity_nonpoly.name 
_pdbx_entity_nonpoly.comp_id 
3 'CALCIUM ION' CA  
4 water         HOH 
# 
loop_
_entity_poly_seq.entity_id 
_entity_poly_seq.num 
_entity_poly_seq.mon_id 
_entity_poly_seq.hetero 
1 1  DC n 
1 2  DG n 
1 3  DC n 
1 4  DT n 
1 5  DA n 
1 6  DT n 
1 7  DA n 
1 8  DA n 
1 9  DT n 
1 10 DG n 
1 11 DC n 
1 12 DG n 
2 1  DC n 
2 2  DG n 
2 3  DC n 
2 4  DA n 
2 5  DT n 
2 6  DT n 
2 7  DA n 
2 8  DT n 
2 9  DA n 
2 10 DG n 
2 11 DC n 
2 12 DG n 
# 
loop_
_pdbx_entity_src_syn.entity_id 
_pdbx_entity_src_syn.pdbx_src_id 
_pdbx_entity_src_syn.pdbx_alt_source_flag 
_pdbx_entity_src_syn.pdbx_beg_seq_num 
_pdbx_entity_src_syn.pdbx_end_seq_num 
_pdbx_entity_src_syn.organism_scientific 
_pdbx_entity_src_syn.organism_common_name 
_pdbx_entity_src_syn.ncbi_taxonomy_id 
_pdbx_entity_src_syn.details 
1 1 sample 1 12 'synthetic construct' ? 32630 ? 
2 1 sample 1 12 'synthetic construct' ? 32630 ? 
# 
loop_
_chem_comp.id 
_chem_comp.type 
_chem_comp.mon_nstd_flag 
_chem_comp.name 
_chem_comp.pdbx_synonyms 
_chem_comp.formula 
_chem_comp.formula_weight 
CA  non-polymer   . 'CALCIUM ION'                        ? 'Ca 2'            40.078  
DA  'DNA linking' y "2'-DEOXYADENOSINE-5'-MONOPHOSPHATE" ? 'C10 H14 N5 O6 P' 331.222 
DC  'DNA linking' y "2'-DEOXYCYTIDINE-5'-MONOPHOSPHATE"  ? 'C9 H14 N3 O7 P'  307.197 
DG  'DNA linking' y "2'-DEOXYGUANOSINE-5'-MONOPHOSPHATE" ? 'C10 H14 N5 O7 P' 347.221 
DT  'DNA linking' y "THYMIDINE-5'-MONOPHOSPHATE"         ? 'C10 H15 N2 O8 P' 322.208 
HOH non-polymer   . WATER                                ? 'H2 O'            18.015  
# 
loop_
_pdbx_poly_seq_scheme.asym_id 
_pdbx_poly_seq_scheme.entity_id 
_pdbx_poly_seq_scheme.seq_id 
_pdbx_poly_seq_scheme.mon_id 
_pdbx_poly_seq_scheme.ndb_seq_num 
_pdbx_poly_seq_scheme.pdb_seq_num 
_pdbx_poly_seq_scheme.auth_seq_num 
_pdbx_poly_seq_scheme.pdb_mon_id 
_pdbx_poly_seq_scheme.auth_mon_id 
_pdbx_poly_seq_scheme.pdb_strand_id 
_pdbx_poly_seq_scheme.pdb_ins_code 
_pdbx_poly_seq_scheme.hetero 
A 1 1  DC 1  1  1  DC DC A . n 
A 1 2  DG 2  2  2  DG DG A . n 
A 1 3  DC 3  3  3  DC DC A . n 
A 1 4  DT 4  4  4  DT DT A . n 
A 1 5  DA 5  5  5  DA DA A . n 
A 1 6  DT 6  6  6  DT DT A . n 
A 1 7  DA 7  7  7  DA DA A . n 
A 1 8  DA 8  8  8  DA DA A . n 
A 1 9  DT 9  9  9  DT DT A . n 
A 1 10 DG 10 10 10 DG DG A . n 
A 1 11 DC 11 11 11 DC DC A . n 
A 1 12 DG 12 12 12 DG DG A . n 
B 2 1  DC 1  1  1  DC DC B . n 
B 2 2  DG 2  2  2  DG DG B . n 
B 2 3  DC 3  3  3  DC DC B . n 
B 2 4  DA 4  4  4  DA DA B . n 
B 2 5  DT 5  5  5  DT DT B . n 
B 2 6  DT 6  6  6  DT DT B . n 
B 2 7  DA 7  7  7  DA DA B . n 
B 2 8  DT 8  8  8  DT DT B . n 
B 2 9  DA 9  9  9  DA DA B . n 
B 2 10 DG 10 10 10 DG DG B . n 
B 2 11 DC 11 11 11 DC DC B . n 
B 2 12 DG 12 12 12 DG DG B . n 
# 
loop_
_pdbx_nonpoly_scheme.asym_id 
_pdbx_nonpoly_scheme.entity_id 
_pdbx_nonpoly_scheme.mon_id 
_pdbx_nonpoly_scheme.ndb_seq_num 
_pdbx_nonpoly_scheme.pdb_seq_num 
_pdbx_nonpoly_scheme.auth_seq_num 
_pdbx_nonpoly_scheme.pdb_mon_id 
_pdbx_nonpoly_scheme.auth_mon_id 
_pdbx_nonpoly_scheme.pdb_strand_id 
_pdbx_nonpoly_scheme.pdb_ins_code 
C 3 CA  1  101 1  CA  CA  B . 
D 3 CA  1  102 2  CA  CA  B . 
E 4 HOH 1  101 2  HOH HOH A . 
E 4 HOH 2  102 32 HOH HOH A . 
E 4 HOH 3  103 36 HOH HOH A . 
E 4 HOH 4  104 44 HOH HOH A . 
E 4 HOH 5  105 29 HOH HOH A . 
E 4 HOH 6  106 24 HOH HOH A . 
E 4 HOH 7  107 42 HOH HOH A . 
E 4 HOH 8  108 16 HOH HOH A . 
E 4 HOH 9  109 48 HOH HOH A . 
E 4 HOH 10 110 28 HOH HOH A . 
E 4 HOH 11 111 8  HOH HOH A . 
E 4 HOH 12 112 25 HOH HOH A . 
E 4 HOH 13 113 18 HOH HOH A . 
E 4 HOH 14 114 35 HOH HOH A . 
E 4 HOH 15 115 38 HOH HOH A . 
E 4 HOH 16 116 7  HOH HOH A . 
E 4 HOH 17 117 23 HOH HOH A . 
E 4 HOH 18 118 11 HOH HOH A . 
E 4 HOH 19 119 52 HOH HOH A . 
E 4 HOH 20 120 47 HOH HOH A . 
E 4 HOH 21 121 20 HOH HOH A . 
E 4 HOH 22 122 45 HOH HOH A . 
E 4 HOH 23 123 4  HOH HOH A . 
E 4 HOH 24 124 39 HOH HOH A . 
E 4 HOH 25 125 34 HOH HOH A . 
E 4 HOH 26 126 31 HOH HOH A . 
E 4 HOH 27 127 51 HOH HOH A . 
E 4 HOH 28 128 27 HOH HOH A . 
E 4 HOH 29 129 9  HOH HOH A . 
E 4 HOH 30 130 41 HOH HOH A . 
E 4 HOH 31 131 14 HOH HOH A . 
F 4 HOH 1  201 37 HOH HOH B . 
F 4 HOH 2  202 40 HOH HOH B . 
F 4 HOH 3  203 43 HOH HOH B . 
F 4 HOH 4  204 5  HOH HOH B . 
F 4 HOH 5  205 1  HOH HOH B . 
F 4 HOH 6  206 46 HOH HOH B . 
F 4 HOH 7  207 3  HOH HOH B . 
F 4 HOH 8  208 22 HOH HOH B . 
F 4 HOH 9  209 26 HOH HOH B . 
F 4 HOH 10 210 13 HOH HOH B . 
F 4 HOH 11 211 33 HOH HOH B . 
F 4 HOH 12 212 19 HOH HOH B . 
F 4 HOH 13 213 15 HOH HOH B . 
F 4 HOH 14 214 17 HOH HOH B . 
F 4 HOH 15 215 10 HOH HOH B . 
F 4 HOH 16 216 21 HOH HOH B . 
F 4 HOH 17 217 6  HOH HOH B . 
F 4 HOH 18 218 12 HOH HOH B . 
F 4 HOH 19 219 30 HOH HOH B . 
F 4 HOH 20 220 50 HOH HOH B . 
F 4 HOH 21 221 49 HOH HOH B . 
# 
loop_
_software.citation_id 
_software.classification 
_software.compiler_name 
_software.compiler_version 
_software.contact_author 
_software.contact_author_email 
_software.date 
_software.description 
_software.dependencies 
_software.hardware 
_software.language 
_software.location 
_software.mods 
_software.name 
_software.os 
_software.os_version 
_software.type 
_software.version 
_software.pdbx_ordinal 
? refinement       ? ? ? ? ? ? ? ? ? ? ? PHENIX ? ? ? 1.8.2_1309 1 
? 'data reduction' ? ? ? ? ? ? ? ? ? ? ? XDS    ? ? ? .          2 
? 'data scaling'   ? ? ? ? ? ? ? ? ? ? ? XDS    ? ? ? .          3 
? phasing          ? ? ? ? ? ? ? ? ? ? ? PHASER ? ? ? .          4 
# 
_cell.angle_alpha                  90.00 
_cell.angle_alpha_esd              ? 
_cell.angle_beta                   90.00 
_cell.angle_beta_esd               ? 
_cell.angle_gamma                  90.00 
_cell.angle_gamma_esd              ? 
_cell.entry_id                     5EZF 
_cell.details                      ? 
_cell.formula_units_Z              ? 
_cell.length_a                     41.736 
_cell.length_a_esd                 ? 
_cell.length_b                     39.329 
_cell.length_b_esd                 ? 
_cell.length_c                     65.713 
_cell.length_c_esd                 ? 
_cell.volume                       ? 
_cell.volume_esd                   ? 
_cell.Z_PDB                        8 
_cell.reciprocal_angle_alpha       ? 
_cell.reciprocal_angle_beta        ? 
_cell.reciprocal_angle_gamma       ? 
_cell.reciprocal_angle_alpha_esd   ? 
_cell.reciprocal_angle_beta_esd    ? 
_cell.reciprocal_angle_gamma_esd   ? 
_cell.reciprocal_length_a          ? 
_cell.reciprocal_length_b          ? 
_cell.reciprocal_length_c          ? 
_cell.reciprocal_length_a_esd      ? 
_cell.reciprocal_length_b_esd      ? 
_cell.reciprocal_length_c_esd      ? 
_cell.pdbx_unique_axis             ? 
# 
_symmetry.entry_id                         5EZF 
_symmetry.cell_setting                     ? 
_symmetry.Int_Tables_number                61 
_symmetry.space_group_name_Hall            ? 
_symmetry.space_group_name_H-M             'P b c a' 
_symmetry.pdbx_full_space_group_name_H-M   ? 
# 
_exptl.absorpt_coefficient_mu     ? 
_exptl.absorpt_correction_T_max   ? 
_exptl.absorpt_correction_T_min   ? 
_exptl.absorpt_correction_type    ? 
_exptl.absorpt_process_details    ? 
_exptl.entry_id                   5EZF 
_exptl.crystals_number            ? 
_exptl.details                    ? 
_exptl.method                     'X-RAY DIFFRACTION' 
_exptl.method_details             ? 
# 
_exptl_crystal.colour                      ? 
_exptl_crystal.density_diffrn              ? 
_exptl_crystal.density_Matthews            1.85 
_exptl_crystal.density_method              ? 
_exptl_crystal.density_percent_sol         55 
_exptl_crystal.description                 ? 
_exptl_crystal.F_000                       ? 
_exptl_crystal.id                          1 
_exptl_crystal.preparation                 ? 
_exptl_crystal.size_max                    ? 
_exptl_crystal.size_mid                    ? 
_exptl_crystal.size_min                    ? 
_exptl_crystal.size_rad                    ? 
_exptl_crystal.colour_lustre               ? 
_exptl_crystal.colour_modifier             ? 
_exptl_crystal.colour_primary              ? 
_exptl_crystal.density_meas                ? 
_exptl_crystal.density_meas_esd            ? 
_exptl_crystal.density_meas_gt             ? 
_exptl_crystal.density_meas_lt             ? 
_exptl_crystal.density_meas_temp           ? 
_exptl_crystal.density_meas_temp_esd       ? 
_exptl_crystal.density_meas_temp_gt        ? 
_exptl_crystal.density_meas_temp_lt        ? 
_exptl_crystal.pdbx_crystal_image_url      ? 
_exptl_crystal.pdbx_crystal_image_format   ? 
_exptl_crystal.pdbx_mosaicity              ? 
_exptl_crystal.pdbx_mosaicity_esd          ? 
# 
_exptl_crystal_grow.apparatus       ? 
_exptl_crystal_grow.atmosphere      ? 
_exptl_crystal_grow.crystal_id      1 
_exptl_crystal_grow.details         ? 
_exptl_crystal_grow.method          'VAPOR DIFFUSION, HANGING DROP' 
_exptl_crystal_grow.method_ref      ? 
_exptl_crystal_grow.pH              7.5 
_exptl_crystal_grow.pressure        ? 
_exptl_crystal_grow.pressure_esd    ? 
_exptl_crystal_grow.seeding         ? 
_exptl_crystal_grow.seeding_ref     ? 
_exptl_crystal_grow.temp            293 
_exptl_crystal_grow.temp_details    ? 
_exptl_crystal_grow.temp_esd        ? 
_exptl_crystal_grow.time            ? 
_exptl_crystal_grow.pdbx_details    
;Racemic DNA mixture*, HEPES, calcium chloride, PEG400

* For crystallization, we used four strands 
1) d(CGCTATAATGCG) with L-sugars
2) d(CGCATTATAGCG) with L-sugars
and 
3) d(CGCTATAATGCG) with D-sugars
4) d(CGCATTATAGCG) with D-sugars 

Enantio-pure DNA solutions were prepared first by de-naturation followed by slow cooling down process to ensure proper folding of the hetero-duplex formed between the non-self complementary strands. After slow-annealing, the enantiopure solutions were mixed in equimolar ratio and this racemic DNA mixture was used for crystallization.
;
_exptl_crystal_grow.pdbx_pH_range   ? 
# 
_diffrn.ambient_environment    ? 
_diffrn.ambient_temp           100 
_diffrn.ambient_temp_details   ? 
_diffrn.ambient_temp_esd       ? 
_diffrn.crystal_id             1 
_diffrn.crystal_support        ? 
_diffrn.crystal_treatment      ? 
_diffrn.details                ? 
_diffrn.id                     1 
_diffrn.ambient_pressure       ? 
_diffrn.ambient_pressure_esd   ? 
_diffrn.ambient_pressure_gt    ? 
_diffrn.ambient_pressure_lt    ? 
_diffrn.ambient_temp_gt        ? 
_diffrn.ambient_temp_lt        ? 
# 
_diffrn_detector.details                      ? 
_diffrn_detector.detector                     PIXEL 
_diffrn_detector.diffrn_id                    1 
_diffrn_detector.type                         'DECTRIS PILATUS 6M' 
_diffrn_detector.area_resol_mean              ? 
_diffrn_detector.dtime                        ? 
_diffrn_detector.pdbx_frames_total            ? 
_diffrn_detector.pdbx_collection_time_total   ? 
_diffrn_detector.pdbx_collection_date         2015-06-11 
# 
_diffrn_radiation.collimation                      ? 
_diffrn_radiation.diffrn_id                        1 
_diffrn_radiation.filter_edge                      ? 
_diffrn_radiation.inhomogeneity                    ? 
_diffrn_radiation.monochromator                    ? 
_diffrn_radiation.polarisn_norm                    ? 
_diffrn_radiation.polarisn_ratio                   ? 
_diffrn_radiation.probe                            ? 
_diffrn_radiation.type                             ? 
_diffrn_radiation.xray_symbol                      ? 
_diffrn_radiation.wavelength_id                    1 
_diffrn_radiation.pdbx_monochromatic_or_laue_m_l   M 
_diffrn_radiation.pdbx_wavelength_list             ? 
_diffrn_radiation.pdbx_wavelength                  ? 
_diffrn_radiation.pdbx_diffrn_protocol             'SINGLE WAVELENGTH' 
_diffrn_radiation.pdbx_analyzer                    ? 
_diffrn_radiation.pdbx_scattering_type             x-ray 
# 
_diffrn_radiation_wavelength.id           1 
_diffrn_radiation_wavelength.wavelength   0.9785 
_diffrn_radiation_wavelength.wt           1.0 
# 
_diffrn_source.current                     ? 
_diffrn_source.details                     ? 
_diffrn_source.diffrn_id                   1 
_diffrn_source.power                       ? 
_diffrn_source.size                        ? 
_diffrn_source.source                      SYNCHROTRON 
_diffrn_source.target                      ? 
_diffrn_source.type                        'SOLEIL BEAMLINE PROXIMA 1' 
_diffrn_source.voltage                     ? 
_diffrn_source.take-off_angle              ? 
_diffrn_source.pdbx_wavelength_list        0.9785 
_diffrn_source.pdbx_wavelength             ? 
_diffrn_source.pdbx_synchrotron_beamline   'PROXIMA 1' 
_diffrn_source.pdbx_synchrotron_site       SOLEIL 
# 
_reflns.B_iso_Wilson_estimate            ? 
_reflns.entry_id                         5EZF 
_reflns.data_reduction_details           ? 
_reflns.data_reduction_method            ? 
_reflns.d_resolution_high                1.65 
_reflns.d_resolution_low                 32.86 
_reflns.details                          ? 
_reflns.limit_h_max                      ? 
_reflns.limit_h_min                      ? 
_reflns.limit_k_max                      ? 
_reflns.limit_k_min                      ? 
_reflns.limit_l_max                      ? 
_reflns.limit_l_min                      ? 
_reflns.number_all                       ? 
_reflns.number_obs                       12549 
_reflns.observed_criterion               ? 
_reflns.observed_criterion_F_max         ? 
_reflns.observed_criterion_F_min         ? 
_reflns.observed_criterion_I_max         ? 
_reflns.observed_criterion_I_min         ? 
_reflns.observed_criterion_sigma_F       ? 
_reflns.observed_criterion_sigma_I       ? 
_reflns.percent_possible_obs             99.86 
_reflns.R_free_details                   ? 
_reflns.Rmerge_F_all                     ? 
_reflns.Rmerge_F_obs                     ? 
_reflns.Friedel_coverage                 ? 
_reflns.number_gt                        ? 
_reflns.threshold_expression             ? 
_reflns.pdbx_redundancy                  1.9 
_reflns.pdbx_Rmerge_I_obs                0.019 
_reflns.pdbx_Rmerge_I_all                ? 
_reflns.pdbx_Rsym_value                  ? 
_reflns.pdbx_netI_over_av_sigmaI         ? 
_reflns.pdbx_netI_over_sigmaI            16.92 
_reflns.pdbx_res_netI_over_av_sigmaI_2   ? 
_reflns.pdbx_res_netI_over_sigmaI_2      ? 
_reflns.pdbx_chi_squared                 ? 
_reflns.pdbx_scaling_rejects             ? 
_reflns.pdbx_d_res_high_opt              ? 
_reflns.pdbx_d_res_low_opt               ? 
_reflns.pdbx_d_res_opt_method            ? 
_reflns.phase_calculation_details        ? 
_reflns.pdbx_Rrim_I_all                  ? 
_reflns.pdbx_Rpim_I_all                  ? 
_reflns.pdbx_d_opt                       ? 
_reflns.pdbx_number_measured_all         ? 
_reflns.pdbx_diffrn_id                   1 
_reflns.pdbx_ordinal                     1 
_reflns.pdbx_CC_half                     ? 
_reflns.pdbx_R_split                     ? 
# 
_reflns_shell.d_res_high                  1.65 
_reflns_shell.d_res_low                   1.79 
_reflns_shell.meanI_over_sigI_all         ? 
_reflns_shell.meanI_over_sigI_obs         2.75 
_reflns_shell.number_measured_all         ? 
_reflns_shell.number_measured_obs         ? 
_reflns_shell.number_possible             ? 
_reflns_shell.number_unique_all           ? 
_reflns_shell.number_unique_obs           ? 
_reflns_shell.percent_possible_all        99.76 
_reflns_shell.percent_possible_obs        ? 
_reflns_shell.Rmerge_F_all                ? 
_reflns_shell.Rmerge_F_obs                ? 
_reflns_shell.Rmerge_I_all                ? 
_reflns_shell.Rmerge_I_obs                0.268 
_reflns_shell.meanI_over_sigI_gt          ? 
_reflns_shell.meanI_over_uI_all           ? 
_reflns_shell.meanI_over_uI_gt            ? 
_reflns_shell.number_measured_gt          ? 
_reflns_shell.number_unique_gt            ? 
_reflns_shell.percent_possible_gt         ? 
_reflns_shell.Rmerge_F_gt                 ? 
_reflns_shell.Rmerge_I_gt                 ? 
_reflns_shell.pdbx_redundancy             1.9 
_reflns_shell.pdbx_Rsym_value             ? 
_reflns_shell.pdbx_chi_squared            ? 
_reflns_shell.pdbx_netI_over_sigmaI_all   ? 
_reflns_shell.pdbx_netI_over_sigmaI_obs   ? 
_reflns_shell.pdbx_Rrim_I_all             ? 
_reflns_shell.pdbx_Rpim_I_all             ? 
_reflns_shell.pdbx_rejects                ? 
_reflns_shell.pdbx_ordinal                1 
_reflns_shell.pdbx_diffrn_id              1 
_reflns_shell.pdbx_CC_half                ? 
_reflns_shell.pdbx_R_split                ? 
# 
_refine.aniso_B[1][1]                            ? 
_refine.aniso_B[1][2]                            ? 
_refine.aniso_B[1][3]                            ? 
_refine.aniso_B[2][2]                            ? 
_refine.aniso_B[2][3]                            ? 
_refine.aniso_B[3][3]                            ? 
_refine.B_iso_max                                ? 
_refine.B_iso_mean                               ? 
_refine.B_iso_min                                ? 
_refine.correlation_coeff_Fo_to_Fc               ? 
_refine.correlation_coeff_Fo_to_Fc_free          ? 
_refine.details                                  ? 
_refine.diff_density_max                         ? 
_refine.diff_density_max_esd                     ? 
_refine.diff_density_min                         ? 
_refine.diff_density_min_esd                     ? 
_refine.diff_density_rms                         ? 
_refine.diff_density_rms_esd                     ? 
_refine.entry_id                                 5EZF 
_refine.pdbx_refine_id                           'X-RAY DIFFRACTION' 
_refine.ls_abs_structure_details                 ? 
_refine.ls_abs_structure_Flack                   ? 
_refine.ls_abs_structure_Flack_esd               ? 
_refine.ls_abs_structure_Rogers                  ? 
_refine.ls_abs_structure_Rogers_esd              ? 
_refine.ls_d_res_high                            1.650 
_refine.ls_d_res_low                             32.856 
_refine.ls_extinction_coef                       ? 
_refine.ls_extinction_coef_esd                   ? 
_refine.ls_extinction_expression                 ? 
_refine.ls_extinction_method                     ? 
_refine.ls_goodness_of_fit_all                   ? 
_refine.ls_goodness_of_fit_all_esd               ? 
_refine.ls_goodness_of_fit_obs                   ? 
_refine.ls_goodness_of_fit_obs_esd               ? 
_refine.ls_hydrogen_treatment                    ? 
_refine.ls_matrix_type                           ? 
_refine.ls_number_constraints                    ? 
_refine.ls_number_parameters                     ? 
_refine.ls_number_reflns_all                     ? 
_refine.ls_number_reflns_obs                     12548 
_refine.ls_number_reflns_R_free                  611 
_refine.ls_number_reflns_R_work                  ? 
_refine.ls_number_restraints                     ? 
_refine.ls_percent_reflns_obs                    99.86 
_refine.ls_percent_reflns_R_free                 4.87 
_refine.ls_R_factor_all                          ? 
_refine.ls_R_factor_obs                          0.2973 
_refine.ls_R_factor_R_free                       0.3167 
_refine.ls_R_factor_R_free_error                 ? 
_refine.ls_R_factor_R_free_error_details         ? 
_refine.ls_R_factor_R_work                       0.2963 
_refine.ls_R_Fsqd_factor_obs                     ? 
_refine.ls_R_I_factor_obs                        ? 
_refine.ls_redundancy_reflns_all                 ? 
_refine.ls_redundancy_reflns_obs                 ? 
_refine.ls_restrained_S_all                      ? 
_refine.ls_restrained_S_obs                      ? 
_refine.ls_shift_over_esd_max                    ? 
_refine.ls_shift_over_esd_mean                   ? 
_refine.ls_structure_factor_coef                 ? 
_refine.ls_weighting_details                     ? 
_refine.ls_weighting_scheme                      ? 
_refine.ls_wR_factor_all                         ? 
_refine.ls_wR_factor_obs                         ? 
_refine.ls_wR_factor_R_free                      ? 
_refine.ls_wR_factor_R_work                      ? 
_refine.occupancy_max                            ? 
_refine.occupancy_min                            ? 
_refine.solvent_model_details                    'FLAT BULK SOLVENT MODEL' 
_refine.solvent_model_param_bsol                 ? 
_refine.solvent_model_param_ksol                 ? 
_refine.ls_R_factor_gt                           ? 
_refine.ls_goodness_of_fit_gt                    ? 
_refine.ls_goodness_of_fit_ref                   ? 
_refine.ls_shift_over_su_max                     ? 
_refine.ls_shift_over_su_max_lt                  ? 
_refine.ls_shift_over_su_mean                    ? 
_refine.ls_shift_over_su_mean_lt                 ? 
_refine.pdbx_ls_sigma_I                          ? 
_refine.pdbx_ls_sigma_F                          1.33 
_refine.pdbx_ls_sigma_Fsqd                       ? 
_refine.pdbx_data_cutoff_high_absF               ? 
_refine.pdbx_data_cutoff_high_rms_absF           ? 
_refine.pdbx_data_cutoff_low_absF                ? 
_refine.pdbx_isotropic_thermal_model             ? 
_refine.pdbx_ls_cross_valid_method               'FREE R-VALUE' 
_refine.pdbx_method_to_determine_struct          'MOLECULAR REPLACEMENT' 
_refine.pdbx_starting_model                      1FQ2 
_refine.pdbx_stereochemistry_target_values       ML 
_refine.pdbx_R_Free_selection_details            'Random selection' 
_refine.pdbx_stereochem_target_val_spec_case     ? 
_refine.pdbx_overall_ESU_R                       ? 
_refine.pdbx_overall_ESU_R_Free                  ? 
_refine.pdbx_solvent_vdw_probe_radii             1.11 
_refine.pdbx_solvent_ion_probe_radii             ? 
_refine.pdbx_solvent_shrinkage_radii             0.90 
_refine.pdbx_real_space_R                        ? 
_refine.pdbx_density_correlation                 ? 
_refine.pdbx_pd_number_of_powder_patterns        ? 
_refine.pdbx_pd_number_of_points                 ? 
_refine.pdbx_pd_meas_number_of_points            ? 
_refine.pdbx_pd_proc_ls_prof_R_factor            ? 
_refine.pdbx_pd_proc_ls_prof_wR_factor           ? 
_refine.pdbx_pd_Marquardt_correlation_coeff      ? 
_refine.pdbx_pd_Fsqrd_R_factor                   ? 
_refine.pdbx_pd_ls_matrix_band_width             ? 
_refine.pdbx_overall_phase_error                 31.68 
_refine.pdbx_overall_SU_R_free_Cruickshank_DPI   ? 
_refine.pdbx_overall_SU_R_free_Blow_DPI          ? 
_refine.pdbx_overall_SU_R_Blow_DPI               ? 
_refine.pdbx_TLS_residual_ADP_flag               ? 
_refine.pdbx_diffrn_id                           1 
_refine.overall_SU_B                             ? 
_refine.overall_SU_ML                            0.22 
_refine.overall_SU_R_Cruickshank_DPI             ? 
_refine.overall_SU_R_free                        ? 
_refine.overall_FOM_free_R_set                   ? 
_refine.overall_FOM_work_R_set                   ? 
_refine.pdbx_average_fsc_overall                 ? 
_refine.pdbx_average_fsc_work                    ? 
_refine.pdbx_average_fsc_free                    ? 
# 
_refine_hist.pdbx_refine_id                   'X-RAY DIFFRACTION' 
_refine_hist.cycle_id                         LAST 
_refine_hist.pdbx_number_atoms_protein        0 
_refine_hist.pdbx_number_atoms_nucleic_acid   486 
_refine_hist.pdbx_number_atoms_ligand         2 
_refine_hist.number_atoms_solvent             52 
_refine_hist.number_atoms_total               540 
_refine_hist.d_res_high                       1.650 
_refine_hist.d_res_low                        32.856 
# 
loop_
_refine_ls_restr.pdbx_refine_id 
_refine_ls_restr.criterion 
_refine_ls_restr.dev_ideal 
_refine_ls_restr.dev_ideal_target 
_refine_ls_restr.number 
_refine_ls_restr.rejects 
_refine_ls_restr.type 
_refine_ls_restr.weight 
_refine_ls_restr.pdbx_restraint_function 
'X-RAY DIFFRACTION' ? 0.007  ? 544 ? f_bond_d           ? ? 
'X-RAY DIFFRACTION' ? 1.626  ? 836 ? f_angle_d          ? ? 
'X-RAY DIFFRACTION' ? 32.069 ? 232 ? f_dihedral_angle_d ? ? 
'X-RAY DIFFRACTION' ? 0.054  ? 94  ? f_chiral_restr     ? ? 
'X-RAY DIFFRACTION' ? 0.007  ? 24  ? f_plane_restr      ? ? 
# 
loop_
_refine_ls_shell.pdbx_refine_id 
_refine_ls_shell.d_res_high 
_refine_ls_shell.d_res_low 
_refine_ls_shell.number_reflns_all 
_refine_ls_shell.number_reflns_obs 
_refine_ls_shell.number_reflns_R_free 
_refine_ls_shell.number_reflns_R_work 
_refine_ls_shell.percent_reflns_obs 
_refine_ls_shell.percent_reflns_R_free 
_refine_ls_shell.R_factor_all 
_refine_ls_shell.R_factor_obs 
_refine_ls_shell.R_factor_R_free 
_refine_ls_shell.R_factor_R_free_error 
_refine_ls_shell.R_factor_R_work 
_refine_ls_shell.redundancy_reflns_all 
_refine_ls_shell.redundancy_reflns_obs 
_refine_ls_shell.wR_factor_all 
_refine_ls_shell.wR_factor_obs 
_refine_ls_shell.wR_factor_R_free 
_refine_ls_shell.wR_factor_R_work 
_refine_ls_shell.pdbx_total_number_of_bins_used 
_refine_ls_shell.pdbx_phase_error 
_refine_ls_shell.pdbx_fsc_work 
_refine_ls_shell.pdbx_fsc_free 
'X-RAY DIFFRACTION' 1.6500 1.8160  . . 160 2976 100.00 . . . 0.4786 . 0.3954 . . . . . . . . . . 
'X-RAY DIFFRACTION' 1.8160 2.0788  . . 148 2987 100.00 . . . 0.4018 . 0.3909 . . . . . . . . . . 
'X-RAY DIFFRACTION' 2.0788 2.6189  . . 152 2994 100.00 . . . 0.4310 . 0.3773 . . . . . . . . . . 
'X-RAY DIFFRACTION' 2.6189 32.8630 . . 151 2980 100.00 . . . 0.2623 . 0.2515 . . . . . . . . . . 
# 
_struct.entry_id                     5EZF 
_struct.title                        'Racemic crystal structures of Pribnow box consensus promoter sequence (Pbca)' 
_struct.pdbx_model_details           ? 
_struct.pdbx_formula_weight          ? 
_struct.pdbx_formula_weight_method   ? 
_struct.pdbx_model_type_details      ? 
_struct.pdbx_CASP_flag               ? 
# 
_struct_keywords.entry_id        5EZF 
_struct_keywords.text            
'Pribnow box consensus sequence, -10 element, transcription initiation, B-DNA double helix, DNA double helix, DNA' 
_struct_keywords.pdbx_keywords   DNA 
# 
loop_
_struct_asym.id 
_struct_asym.pdbx_blank_PDB_chainid_flag 
_struct_asym.pdbx_modified 
_struct_asym.entity_id 
_struct_asym.details 
A N N 1 ? 
B N N 2 ? 
C N N 3 ? 
D N N 3 ? 
E N N 4 ? 
F N N 4 ? 
# 
loop_
_struct_ref.id 
_struct_ref.db_name 
_struct_ref.db_code 
_struct_ref.pdbx_db_accession 
_struct_ref.pdbx_db_isoform 
_struct_ref.entity_id 
_struct_ref.pdbx_seq_one_letter_code 
_struct_ref.pdbx_align_begin 
1 PDB 5EZF 5EZF ? 1 ? 1 
2 PDB 5EZF 5EZF ? 2 ? 1 
# 
loop_
_struct_ref_seq.align_id 
_struct_ref_seq.ref_id 
_struct_ref_seq.pdbx_PDB_id_code 
_struct_ref_seq.pdbx_strand_id 
_struct_ref_seq.seq_align_beg 
_struct_ref_seq.pdbx_seq_align_beg_ins_code 
_struct_ref_seq.seq_align_end 
_struct_ref_seq.pdbx_seq_align_end_ins_code 
_struct_ref_seq.pdbx_db_accession 
_struct_ref_seq.db_align_beg 
_struct_ref_seq.pdbx_db_align_beg_ins_code 
_struct_ref_seq.db_align_end 
_struct_ref_seq.pdbx_db_align_end_ins_code 
_struct_ref_seq.pdbx_auth_seq_align_beg 
_struct_ref_seq.pdbx_auth_seq_align_end 
1 1 5EZF A 1 ? 12 ? 5EZF 1 ? 12 ? 1 12 
2 2 5EZF B 1 ? 12 ? 5EZF 1 ? 12 ? 1 12 
# 
_pdbx_struct_assembly.id                   1 
_pdbx_struct_assembly.details              software_defined_assembly 
_pdbx_struct_assembly.method_details       PISA 
_pdbx_struct_assembly.oligomeric_details   dimeric 
_pdbx_struct_assembly.oligomeric_count     2 
# 
loop_
_pdbx_struct_assembly_prop.biol_id 
_pdbx_struct_assembly_prop.type 
_pdbx_struct_assembly_prop.value 
_pdbx_struct_assembly_prop.details 
1 'ABSA (A^2)' 1270 ? 
1 MORE         -18  ? 
1 'SSA (A^2)'  4560 ? 
# 
_pdbx_struct_assembly_gen.assembly_id       1 
_pdbx_struct_assembly_gen.oper_expression   1 
_pdbx_struct_assembly_gen.asym_id_list      A,B,C,D,E,F 
# 
_pdbx_struct_oper_list.id                   1 
_pdbx_struct_oper_list.type                 'identity operation' 
_pdbx_struct_oper_list.name                 1_555 
_pdbx_struct_oper_list.symmetry_operation   x,y,z 
_pdbx_struct_oper_list.matrix[1][1]         1.0000000000 
_pdbx_struct_oper_list.matrix[1][2]         0.0000000000 
_pdbx_struct_oper_list.matrix[1][3]         0.0000000000 
_pdbx_struct_oper_list.vector[1]            0.0000000000 
_pdbx_struct_oper_list.matrix[2][1]         0.0000000000 
_pdbx_struct_oper_list.matrix[2][2]         1.0000000000 
_pdbx_struct_oper_list.matrix[2][3]         0.0000000000 
_pdbx_struct_oper_list.vector[2]            0.0000000000 
_pdbx_struct_oper_list.matrix[3][1]         0.0000000000 
_pdbx_struct_oper_list.matrix[3][2]         0.0000000000 
_pdbx_struct_oper_list.matrix[3][3]         1.0000000000 
_pdbx_struct_oper_list.vector[3]            0.0000000000 
# 
loop_
_struct_conn.id 
_struct_conn.conn_type_id 
_struct_conn.pdbx_leaving_atom_flag 
_struct_conn.pdbx_PDB_id 
_struct_conn.ptnr1_label_asym_id 
_struct_conn.ptnr1_label_comp_id 
_struct_conn.ptnr1_label_seq_id 
_struct_conn.ptnr1_label_atom_id 
_struct_conn.pdbx_ptnr1_label_alt_id 
_struct_conn.pdbx_ptnr1_PDB_ins_code 
_struct_conn.pdbx_ptnr1_standard_comp_id 
_struct_conn.ptnr1_symmetry 
_struct_conn.ptnr2_label_asym_id 
_struct_conn.ptnr2_label_comp_id 
_struct_conn.ptnr2_label_seq_id 
_struct_conn.ptnr2_label_atom_id 
_struct_conn.pdbx_ptnr2_label_alt_id 
_struct_conn.pdbx_ptnr2_PDB_ins_code 
_struct_conn.ptnr1_auth_asym_id 
_struct_conn.ptnr1_auth_comp_id 
_struct_conn.ptnr1_auth_seq_id 
_struct_conn.ptnr2_auth_asym_id 
_struct_conn.ptnr2_auth_comp_id 
_struct_conn.ptnr2_auth_seq_id 
_struct_conn.ptnr2_symmetry 
_struct_conn.pdbx_ptnr3_label_atom_id 
_struct_conn.pdbx_ptnr3_label_seq_id 
_struct_conn.pdbx_ptnr3_label_comp_id 
_struct_conn.pdbx_ptnr3_label_asym_id 
_struct_conn.pdbx_ptnr3_label_alt_id 
_struct_conn.pdbx_ptnr3_PDB_ins_code 
_struct_conn.details 
_struct_conn.pdbx_dist_value 
_struct_conn.pdbx_value_order 
_struct_conn.pdbx_role 
metalc1  metalc ? ? E HOH .  O     ? ? ? 8_445 C CA  .  CA ? ? A HOH 103 B CA  101 1_555 ? ? ? ? ? ? ?            2.355 ? ? 
metalc2  metalc ? ? E HOH .  O     ? ? ? 1_555 D CA  .  CA ? ? A HOH 111 B CA  102 1_555 ? ? ? ? ? ? ?            2.292 ? ? 
metalc3  metalc ? ? E HOH .  O     ? ? ? 1_555 D CA  .  CA ? ? A HOH 115 B CA  102 1_555 ? ? ? ? ? ? ?            2.540 ? ? 
metalc4  metalc ? ? E HOH .  O     ? ? ? 2_455 C CA  .  CA ? ? A HOH 126 B CA  101 1_555 ? ? ? ? ? ? ?            2.420 ? ? 
metalc5  metalc ? ? E HOH .  O     ? ? ? 1_555 D CA  .  CA ? ? A HOH 128 B CA  102 1_555 ? ? ? ? ? ? ?            2.349 ? ? 
metalc6  metalc ? ? B DC  1  "O5'" ? ? ? 1_555 C CA  .  CA ? ? B DC  1   B CA  101 1_555 ? ? ? ? ? ? ?            2.325 ? ? 
metalc7  metalc ? ? B DG  10 O6    ? ? ? 1_555 D CA  .  CA ? ? B DG  10  B CA  102 1_555 ? ? ? ? ? ? ?            2.455 ? ? 
metalc8  metalc ? ? B DG  12 OP1   ? ? ? 1_555 C CA  .  CA ? ? B DG  12  B CA  101 7_544 ? ? ? ? ? ? ?            2.337 ? ? 
metalc9  metalc ? ? C CA  .  CA    ? ? ? 1_555 F HOH .  O  ? ? B CA  101 B HOH 204 1_555 ? ? ? ? ? ? ?            2.461 ? ? 
metalc10 metalc ? ? C CA  .  CA    ? ? ? 1_555 F HOH .  O  ? ? B CA  101 B HOH 206 1_555 ? ? ? ? ? ? ?            2.478 ? ? 
metalc11 metalc ? ? D CA  .  CA    ? ? ? 1_555 F HOH .  O  ? ? B CA  102 B HOH 203 1_555 ? ? ? ? ? ? ?            2.692 ? ? 
metalc12 metalc ? ? D CA  .  CA    ? ? ? 1_555 F HOH .  O  ? ? B CA  102 B HOH 205 1_555 ? ? ? ? ? ? ?            2.621 ? ? 
metalc13 metalc ? ? D CA  .  CA    ? ? ? 1_555 F HOH .  O  ? ? B CA  102 B HOH 212 6_555 ? ? ? ? ? ? ?            2.353 ? ? 
hydrog1  hydrog ? ? A DC  1  N3    ? ? ? 1_555 B DG  12 N1 ? ? A DC  1   B DG  12  1_555 ? ? ? ? ? ? WATSON-CRICK ?     ? ? 
hydrog2  hydrog ? ? A DC  1  N4    ? ? ? 1_555 B DG  12 O6 ? ? A DC  1   B DG  12  1_555 ? ? ? ? ? ? WATSON-CRICK ?     ? ? 
hydrog3  hydrog ? ? A DC  1  O2    ? ? ? 1_555 B DG  12 N2 ? ? A DC  1   B DG  12  1_555 ? ? ? ? ? ? WATSON-CRICK ?     ? ? 
hydrog4  hydrog ? ? A DG  2  N1    ? ? ? 1_555 B DC  11 N3 ? ? A DG  2   B DC  11  1_555 ? ? ? ? ? ? WATSON-CRICK ?     ? ? 
hydrog5  hydrog ? ? A DG  2  N2    ? ? ? 1_555 B DC  11 O2 ? ? A DG  2   B DC  11  1_555 ? ? ? ? ? ? WATSON-CRICK ?     ? ? 
hydrog6  hydrog ? ? A DG  2  O6    ? ? ? 1_555 B DC  11 N4 ? ? A DG  2   B DC  11  1_555 ? ? ? ? ? ? WATSON-CRICK ?     ? ? 
hydrog7  hydrog ? ? A DC  3  N3    ? ? ? 1_555 B DG  10 N1 ? ? A DC  3   B DG  10  1_555 ? ? ? ? ? ? WATSON-CRICK ?     ? ? 
hydrog8  hydrog ? ? A DC  3  N4    ? ? ? 1_555 B DG  10 O6 ? ? A DC  3   B DG  10  1_555 ? ? ? ? ? ? WATSON-CRICK ?     ? ? 
hydrog9  hydrog ? ? A DC  3  O2    ? ? ? 1_555 B DG  10 N2 ? ? A DC  3   B DG  10  1_555 ? ? ? ? ? ? WATSON-CRICK ?     ? ? 
hydrog10 hydrog ? ? A DT  4  N3    ? ? ? 1_555 B DA  9  N1 ? ? A DT  4   B DA  9   1_555 ? ? ? ? ? ? WATSON-CRICK ?     ? ? 
hydrog11 hydrog ? ? A DT  4  O4    ? ? ? 1_555 B DA  9  N6 ? ? A DT  4   B DA  9   1_555 ? ? ? ? ? ? WATSON-CRICK ?     ? ? 
hydrog12 hydrog ? ? A DA  5  N1    ? ? ? 1_555 B DT  8  N3 ? ? A DA  5   B DT  8   1_555 ? ? ? ? ? ? WATSON-CRICK ?     ? ? 
hydrog13 hydrog ? ? A DA  5  N6    ? ? ? 1_555 B DT  8  O4 ? ? A DA  5   B DT  8   1_555 ? ? ? ? ? ? WATSON-CRICK ?     ? ? 
hydrog14 hydrog ? ? A DT  6  N3    ? ? ? 1_555 B DA  7  N1 ? ? A DT  6   B DA  7   1_555 ? ? ? ? ? ? WATSON-CRICK ?     ? ? 
hydrog15 hydrog ? ? A DT  6  O4    ? ? ? 1_555 B DA  7  N6 ? ? A DT  6   B DA  7   1_555 ? ? ? ? ? ? WATSON-CRICK ?     ? ? 
hydrog16 hydrog ? ? A DA  7  N1    ? ? ? 1_555 B DT  6  N3 ? ? A DA  7   B DT  6   1_555 ? ? ? ? ? ? WATSON-CRICK ?     ? ? 
hydrog17 hydrog ? ? A DA  7  N6    ? ? ? 1_555 B DT  6  O4 ? ? A DA  7   B DT  6   1_555 ? ? ? ? ? ? WATSON-CRICK ?     ? ? 
hydrog18 hydrog ? ? A DA  8  N1    ? ? ? 1_555 B DT  5  N3 ? ? A DA  8   B DT  5   1_555 ? ? ? ? ? ? WATSON-CRICK ?     ? ? 
hydrog19 hydrog ? ? A DA  8  N6    ? ? ? 1_555 B DT  5  O4 ? ? A DA  8   B DT  5   1_555 ? ? ? ? ? ? WATSON-CRICK ?     ? ? 
hydrog20 hydrog ? ? A DT  9  N3    ? ? ? 1_555 B DA  4  N1 ? ? A DT  9   B DA  4   1_555 ? ? ? ? ? ? WATSON-CRICK ?     ? ? 
hydrog21 hydrog ? ? A DT  9  O4    ? ? ? 1_555 B DA  4  N6 ? ? A DT  9   B DA  4   1_555 ? ? ? ? ? ? WATSON-CRICK ?     ? ? 
hydrog22 hydrog ? ? A DG  10 N1    ? ? ? 1_555 B DC  3  N3 ? ? A DG  10  B DC  3   1_555 ? ? ? ? ? ? WATSON-CRICK ?     ? ? 
hydrog23 hydrog ? ? A DG  10 N2    ? ? ? 1_555 B DC  3  O2 ? ? A DG  10  B DC  3   1_555 ? ? ? ? ? ? WATSON-CRICK ?     ? ? 
hydrog24 hydrog ? ? A DG  10 O6    ? ? ? 1_555 B DC  3  N4 ? ? A DG  10  B DC  3   1_555 ? ? ? ? ? ? WATSON-CRICK ?     ? ? 
hydrog25 hydrog ? ? A DC  11 N3    ? ? ? 1_555 B DG  2  N1 ? ? A DC  11  B DG  2   1_555 ? ? ? ? ? ? WATSON-CRICK ?     ? ? 
hydrog26 hydrog ? ? A DC  11 N4    ? ? ? 1_555 B DG  2  O6 ? ? A DC  11  B DG  2   1_555 ? ? ? ? ? ? WATSON-CRICK ?     ? ? 
hydrog27 hydrog ? ? A DC  11 O2    ? ? ? 1_555 B DG  2  N2 ? ? A DC  11  B DG  2   1_555 ? ? ? ? ? ? WATSON-CRICK ?     ? ? 
hydrog28 hydrog ? ? A DG  12 N1    ? ? ? 1_555 B DC  1  N3 ? ? A DG  12  B DC  1   1_555 ? ? ? ? ? ? WATSON-CRICK ?     ? ? 
hydrog29 hydrog ? ? A DG  12 N2    ? ? ? 1_555 B DC  1  O2 ? ? A DG  12  B DC  1   1_555 ? ? ? ? ? ? WATSON-CRICK ?     ? ? 
hydrog30 hydrog ? ? A DG  12 O6    ? ? ? 1_555 B DC  1  N4 ? ? A DG  12  B DC  1   1_555 ? ? ? ? ? ? WATSON-CRICK ?     ? ? 
# 
loop_
_struct_conn_type.id 
_struct_conn_type.criteria 
_struct_conn_type.reference 
metalc ? ? 
hydrog ? ? 
# 
loop_
_pdbx_struct_conn_angle.id 
_pdbx_struct_conn_angle.ptnr1_label_atom_id 
_pdbx_struct_conn_angle.ptnr1_label_alt_id 
_pdbx_struct_conn_angle.ptnr1_label_asym_id 
_pdbx_struct_conn_angle.ptnr1_label_comp_id 
_pdbx_struct_conn_angle.ptnr1_label_seq_id 
_pdbx_struct_conn_angle.ptnr1_auth_atom_id 
_pdbx_struct_conn_angle.ptnr1_auth_asym_id 
_pdbx_struct_conn_angle.ptnr1_auth_comp_id 
_pdbx_struct_conn_angle.ptnr1_auth_seq_id 
_pdbx_struct_conn_angle.ptnr1_PDB_ins_code 
_pdbx_struct_conn_angle.ptnr1_symmetry 
_pdbx_struct_conn_angle.ptnr2_label_atom_id 
_pdbx_struct_conn_angle.ptnr2_label_alt_id 
_pdbx_struct_conn_angle.ptnr2_label_asym_id 
_pdbx_struct_conn_angle.ptnr2_label_comp_id 
_pdbx_struct_conn_angle.ptnr2_label_seq_id 
_pdbx_struct_conn_angle.ptnr2_auth_atom_id 
_pdbx_struct_conn_angle.ptnr2_auth_asym_id 
_pdbx_struct_conn_angle.ptnr2_auth_comp_id 
_pdbx_struct_conn_angle.ptnr2_auth_seq_id 
_pdbx_struct_conn_angle.ptnr2_PDB_ins_code 
_pdbx_struct_conn_angle.ptnr2_symmetry 
_pdbx_struct_conn_angle.ptnr3_label_atom_id 
_pdbx_struct_conn_angle.ptnr3_label_alt_id 
_pdbx_struct_conn_angle.ptnr3_label_asym_id 
_pdbx_struct_conn_angle.ptnr3_label_comp_id 
_pdbx_struct_conn_angle.ptnr3_label_seq_id 
_pdbx_struct_conn_angle.ptnr3_auth_atom_id 
_pdbx_struct_conn_angle.ptnr3_auth_asym_id 
_pdbx_struct_conn_angle.ptnr3_auth_comp_id 
_pdbx_struct_conn_angle.ptnr3_auth_seq_id 
_pdbx_struct_conn_angle.ptnr3_PDB_ins_code 
_pdbx_struct_conn_angle.ptnr3_symmetry 
_pdbx_struct_conn_angle.value 
_pdbx_struct_conn_angle.value_esd 
1  O     ? E HOH .  ? A HOH 103 ? 8_445 CA ? C CA . ? B CA 101 ? 1_555 O     ? E HOH .  ? A HOH 126 ? 2_455 107.7 ? 
2  O     ? E HOH .  ? A HOH 103 ? 8_445 CA ? C CA . ? B CA 101 ? 1_555 "O5'" ? B DC  1  ? B DC  1   ? 1_555 100.6 ? 
3  O     ? E HOH .  ? A HOH 126 ? 2_455 CA ? C CA . ? B CA 101 ? 1_555 "O5'" ? B DC  1  ? B DC  1   ? 1_555 150.1 ? 
4  O     ? E HOH .  ? A HOH 103 ? 8_445 CA ? C CA . ? B CA 101 ? 1_555 OP1   ? B DG  12 ? B DG  12  ? 1_555 109.0 ? 
5  O     ? E HOH .  ? A HOH 126 ? 2_455 CA ? C CA . ? B CA 101 ? 1_555 OP1   ? B DG  12 ? B DG  12  ? 1_555 134.6 ? 
6  "O5'" ? B DC  1  ? B DC  1   ? 1_555 CA ? C CA . ? B CA 101 ? 1_555 OP1   ? B DG  12 ? B DG  12  ? 1_555 36.8  ? 
7  O     ? E HOH .  ? A HOH 103 ? 8_445 CA ? C CA . ? B CA 101 ? 1_555 O     ? F HOH .  ? B HOH 204 ? 1_555 176.7 ? 
8  O     ? E HOH .  ? A HOH 126 ? 2_455 CA ? C CA . ? B CA 101 ? 1_555 O     ? F HOH .  ? B HOH 204 ? 1_555 75.5  ? 
9  "O5'" ? B DC  1  ? B DC  1   ? 1_555 CA ? C CA . ? B CA 101 ? 1_555 O     ? F HOH .  ? B HOH 204 ? 1_555 76.4  ? 
10 OP1   ? B DG  12 ? B DG  12  ? 1_555 CA ? C CA . ? B CA 101 ? 1_555 O     ? F HOH .  ? B HOH 204 ? 1_555 67.8  ? 
11 O     ? E HOH .  ? A HOH 103 ? 8_445 CA ? C CA . ? B CA 101 ? 1_555 O     ? F HOH .  ? B HOH 206 ? 1_555 87.7  ? 
12 O     ? E HOH .  ? A HOH 126 ? 2_455 CA ? C CA . ? B CA 101 ? 1_555 O     ? F HOH .  ? B HOH 206 ? 1_555 103.8 ? 
13 "O5'" ? B DC  1  ? B DC  1   ? 1_555 CA ? C CA . ? B CA 101 ? 1_555 O     ? F HOH .  ? B HOH 206 ? 1_555 67.3  ? 
14 OP1   ? B DG  12 ? B DG  12  ? 1_555 CA ? C CA . ? B CA 101 ? 1_555 O     ? F HOH .  ? B HOH 206 ? 1_555 103.6 ? 
15 O     ? F HOH .  ? B HOH 204 ? 1_555 CA ? C CA . ? B CA 101 ? 1_555 O     ? F HOH .  ? B HOH 206 ? 1_555 92.3  ? 
16 O     ? E HOH .  ? A HOH 111 ? 1_555 CA ? D CA . ? B CA 102 ? 1_555 O     ? E HOH .  ? A HOH 115 ? 1_555 70.1  ? 
17 O     ? E HOH .  ? A HOH 111 ? 1_555 CA ? D CA . ? B CA 102 ? 1_555 O     ? E HOH .  ? A HOH 128 ? 1_555 138.7 ? 
18 O     ? E HOH .  ? A HOH 115 ? 1_555 CA ? D CA . ? B CA 102 ? 1_555 O     ? E HOH .  ? A HOH 128 ? 1_555 69.8  ? 
19 O     ? E HOH .  ? A HOH 111 ? 1_555 CA ? D CA . ? B CA 102 ? 1_555 O6    ? B DG  10 ? B DG  10  ? 1_555 81.7  ? 
20 O     ? E HOH .  ? A HOH 115 ? 1_555 CA ? D CA . ? B CA 102 ? 1_555 O6    ? B DG  10 ? B DG  10  ? 1_555 92.1  ? 
21 O     ? E HOH .  ? A HOH 128 ? 1_555 CA ? D CA . ? B CA 102 ? 1_555 O6    ? B DG  10 ? B DG  10  ? 1_555 109.1 ? 
22 O     ? E HOH .  ? A HOH 111 ? 1_555 CA ? D CA . ? B CA 102 ? 1_555 O     ? F HOH .  ? B HOH 203 ? 1_555 143.2 ? 
23 O     ? E HOH .  ? A HOH 115 ? 1_555 CA ? D CA . ? B CA 102 ? 1_555 O     ? F HOH .  ? B HOH 203 ? 1_555 139.0 ? 
24 O     ? E HOH .  ? A HOH 128 ? 1_555 CA ? D CA . ? B CA 102 ? 1_555 O     ? F HOH .  ? B HOH 203 ? 1_555 77.0  ? 
25 O6    ? B DG  10 ? B DG  10  ? 1_555 CA ? D CA . ? B CA 102 ? 1_555 O     ? F HOH .  ? B HOH 203 ? 1_555 76.4  ? 
26 O     ? E HOH .  ? A HOH 111 ? 1_555 CA ? D CA . ? B CA 102 ? 1_555 O     ? F HOH .  ? B HOH 205 ? 1_555 82.9  ? 
27 O     ? E HOH .  ? A HOH 115 ? 1_555 CA ? D CA . ? B CA 102 ? 1_555 O     ? F HOH .  ? B HOH 205 ? 1_555 151.6 ? 
28 O     ? E HOH .  ? A HOH 128 ? 1_555 CA ? D CA . ? B CA 102 ? 1_555 O     ? F HOH .  ? B HOH 205 ? 1_555 134.0 ? 
29 O6    ? B DG  10 ? B DG  10  ? 1_555 CA ? D CA . ? B CA 102 ? 1_555 O     ? F HOH .  ? B HOH 205 ? 1_555 92.5  ? 
30 O     ? F HOH .  ? B HOH 203 ? 1_555 CA ? D CA . ? B CA 102 ? 1_555 O     ? F HOH .  ? B HOH 205 ? 1_555 69.1  ? 
31 O     ? E HOH .  ? A HOH 111 ? 1_555 CA ? D CA . ? B CA 102 ? 1_555 O     ? F HOH .  ? B HOH 212 ? 6_555 93.3  ? 
32 O     ? E HOH .  ? A HOH 115 ? 1_555 CA ? D CA . ? B CA 102 ? 1_555 O     ? F HOH .  ? B HOH 212 ? 6_555 95.2  ? 
33 O     ? E HOH .  ? A HOH 128 ? 1_555 CA ? D CA . ? B CA 102 ? 1_555 O     ? F HOH .  ? B HOH 212 ? 6_555 81.0  ? 
34 O6    ? B DG  10 ? B DG  10  ? 1_555 CA ? D CA . ? B CA 102 ? 1_555 O     ? F HOH .  ? B HOH 212 ? 6_555 169.1 ? 
35 O     ? F HOH .  ? B HOH 203 ? 1_555 CA ? D CA . ? B CA 102 ? 1_555 O     ? F HOH .  ? B HOH 212 ? 6_555 102.8 ? 
36 O     ? F HOH .  ? B HOH 205 ? 1_555 CA ? D CA . ? B CA 102 ? 1_555 O     ? F HOH .  ? B HOH 212 ? 6_555 77.3  ? 
# 
_pdbx_validate_close_contact.id               1 
_pdbx_validate_close_contact.PDB_model_num    1 
_pdbx_validate_close_contact.auth_atom_id_1   O 
_pdbx_validate_close_contact.auth_asym_id_1   A 
_pdbx_validate_close_contact.auth_comp_id_1   HOH 
_pdbx_validate_close_contact.auth_seq_id_1    131 
_pdbx_validate_close_contact.PDB_ins_code_1   ? 
_pdbx_validate_close_contact.label_alt_id_1   ? 
_pdbx_validate_close_contact.auth_atom_id_2   O 
_pdbx_validate_close_contact.auth_asym_id_2   B 
_pdbx_validate_close_contact.auth_comp_id_2   HOH 
_pdbx_validate_close_contact.auth_seq_id_2    221 
_pdbx_validate_close_contact.PDB_ins_code_2   ? 
_pdbx_validate_close_contact.label_alt_id_2   ? 
_pdbx_validate_close_contact.dist             2.15 
# 
_pdbx_validate_rmsd_bond.id                        1 
_pdbx_validate_rmsd_bond.PDB_model_num             1 
_pdbx_validate_rmsd_bond.auth_atom_id_1            "O3'" 
_pdbx_validate_rmsd_bond.auth_asym_id_1            A 
_pdbx_validate_rmsd_bond.auth_comp_id_1            DG 
_pdbx_validate_rmsd_bond.auth_seq_id_1             10 
_pdbx_validate_rmsd_bond.PDB_ins_code_1            ? 
_pdbx_validate_rmsd_bond.label_alt_id_1            ? 
_pdbx_validate_rmsd_bond.auth_atom_id_2            "C3'" 
_pdbx_validate_rmsd_bond.auth_asym_id_2            A 
_pdbx_validate_rmsd_bond.auth_comp_id_2            DG 
_pdbx_validate_rmsd_bond.auth_seq_id_2             10 
_pdbx_validate_rmsd_bond.PDB_ins_code_2            ? 
_pdbx_validate_rmsd_bond.label_alt_id_2            ? 
_pdbx_validate_rmsd_bond.bond_value                1.380 
_pdbx_validate_rmsd_bond.bond_target_value         1.419 
_pdbx_validate_rmsd_bond.bond_deviation            -0.039 
_pdbx_validate_rmsd_bond.bond_standard_deviation   0.006 
_pdbx_validate_rmsd_bond.linker_flag               N 
# 
loop_
_pdbx_validate_rmsd_angle.id 
_pdbx_validate_rmsd_angle.PDB_model_num 
_pdbx_validate_rmsd_angle.auth_atom_id_1 
_pdbx_validate_rmsd_angle.auth_asym_id_1 
_pdbx_validate_rmsd_angle.auth_comp_id_1 
_pdbx_validate_rmsd_angle.auth_seq_id_1 
_pdbx_validate_rmsd_angle.PDB_ins_code_1 
_pdbx_validate_rmsd_angle.label_alt_id_1 
_pdbx_validate_rmsd_angle.auth_atom_id_2 
_pdbx_validate_rmsd_angle.auth_asym_id_2 
_pdbx_validate_rmsd_angle.auth_comp_id_2 
_pdbx_validate_rmsd_angle.auth_seq_id_2 
_pdbx_validate_rmsd_angle.PDB_ins_code_2 
_pdbx_validate_rmsd_angle.label_alt_id_2 
_pdbx_validate_rmsd_angle.auth_atom_id_3 
_pdbx_validate_rmsd_angle.auth_asym_id_3 
_pdbx_validate_rmsd_angle.auth_comp_id_3 
_pdbx_validate_rmsd_angle.auth_seq_id_3 
_pdbx_validate_rmsd_angle.PDB_ins_code_3 
_pdbx_validate_rmsd_angle.label_alt_id_3 
_pdbx_validate_rmsd_angle.angle_value 
_pdbx_validate_rmsd_angle.angle_target_value 
_pdbx_validate_rmsd_angle.angle_deviation 
_pdbx_validate_rmsd_angle.angle_standard_deviation 
_pdbx_validate_rmsd_angle.linker_flag 
1 1 "C3'" A DG 10 ? ? "C2'" A DG 10 ? ? "C1'" A DG 10 ? ? 97.21  102.40 -5.19 0.80 N 
2 1 "O4'" B DC 1  ? ? "C1'" B DC 1  ? ? N1    B DC 1  ? ? 112.15 108.30 3.85  0.30 N 
3 1 "O4'" B DA 9  ? ? "C1'" B DA 9  ? ? N9    B DA 9  ? ? 102.63 108.00 -5.37 0.70 N 
4 1 "O4'" B DG 10 ? ? "C1'" B DG 10 ? ? N9    B DG 10 ? ? 110.54 108.30 2.24  0.30 N 
5 1 "O4'" B DC 11 ? ? "C1'" B DC 11 ? ? N1    B DC 11 ? ? 101.36 108.00 -6.64 0.70 N 
# 
loop_
_pdbx_refine_tls.id 
_pdbx_refine_tls.pdbx_refine_id 
_pdbx_refine_tls.details 
_pdbx_refine_tls.method 
_pdbx_refine_tls.origin_x 
_pdbx_refine_tls.origin_y 
_pdbx_refine_tls.origin_z 
_pdbx_refine_tls.T[1][1] 
_pdbx_refine_tls.T[1][1]_esd 
_pdbx_refine_tls.T[1][2] 
_pdbx_refine_tls.T[1][2]_esd 
_pdbx_refine_tls.T[1][3] 
_pdbx_refine_tls.T[1][3]_esd 
_pdbx_refine_tls.T[2][2] 
_pdbx_refine_tls.T[2][2]_esd 
_pdbx_refine_tls.T[2][3] 
_pdbx_refine_tls.T[2][3]_esd 
_pdbx_refine_tls.T[3][3] 
_pdbx_refine_tls.T[3][3]_esd 
_pdbx_refine_tls.L[1][1] 
_pdbx_refine_tls.L[1][1]_esd 
_pdbx_refine_tls.L[1][2] 
_pdbx_refine_tls.L[1][2]_esd 
_pdbx_refine_tls.L[1][3] 
_pdbx_refine_tls.L[1][3]_esd 
_pdbx_refine_tls.L[2][2] 
_pdbx_refine_tls.L[2][2]_esd 
_pdbx_refine_tls.L[2][3] 
_pdbx_refine_tls.L[2][3]_esd 
_pdbx_refine_tls.L[3][3] 
_pdbx_refine_tls.L[3][3]_esd 
_pdbx_refine_tls.S[1][1] 
_pdbx_refine_tls.S[1][1]_esd 
_pdbx_refine_tls.S[1][2] 
_pdbx_refine_tls.S[1][2]_esd 
_pdbx_refine_tls.S[1][3] 
_pdbx_refine_tls.S[1][3]_esd 
_pdbx_refine_tls.S[2][1] 
_pdbx_refine_tls.S[2][1]_esd 
_pdbx_refine_tls.S[2][2] 
_pdbx_refine_tls.S[2][2]_esd 
_pdbx_refine_tls.S[2][3] 
_pdbx_refine_tls.S[2][3]_esd 
_pdbx_refine_tls.S[3][1] 
_pdbx_refine_tls.S[3][1]_esd 
_pdbx_refine_tls.S[3][2] 
_pdbx_refine_tls.S[3][2]_esd 
_pdbx_refine_tls.S[3][3] 
_pdbx_refine_tls.S[3][3]_esd 
1 'X-RAY DIFFRACTION' ? refined 0.5646  0.0950 0.1838  0.3850 ? -0.0226 ? -0.0195 ? 0.2875 ? 0.0306 ? 0.2753 ? -0.6087 ? -0.0794 ? -0.3908 ? -1.1790 ? -1.1366 ? 0.1292  ? 0.1881 ? -0.0888 ? 0.0217  ? -0.0884 ? 0.1208  ? 0.0195  ? 0.0841 ? 0.2195 ? 0.1829 ? 
2 'X-RAY DIFFRACTION' ? refined -0.8168 0.0956 -0.1599 0.3983 ? 0.0101  ? 0.0456  ? 0.3093 ? 0.0168 ? 0.3303 ? 0.1557  ? 0.8617  ? -0.2201 ? -0.7363 ? -1.3234 ? -0.7710 ? 0.2285 ? -0.0972 ? -0.0577 ? -0.0881 ? -0.2730 ? -0.0204 ? 0.0247 ? 0.2544 ? 0.5568 ? 
# 
loop_
_pdbx_refine_tls_group.id 
_pdbx_refine_tls_group.pdbx_refine_id 
_pdbx_refine_tls_group.refine_tls_id 
_pdbx_refine_tls_group.beg_label_asym_id 
_pdbx_refine_tls_group.beg_label_seq_id 
_pdbx_refine_tls_group.beg_auth_asym_id 
_pdbx_refine_tls_group.beg_auth_seq_id 
_pdbx_refine_tls_group.end_label_asym_id 
_pdbx_refine_tls_group.end_label_seq_id 
_pdbx_refine_tls_group.end_auth_asym_id 
_pdbx_refine_tls_group.end_auth_seq_id 
_pdbx_refine_tls_group.selection 
_pdbx_refine_tls_group.selection_details 
1 'X-RAY DIFFRACTION' 1 ? ? ? ? ? ? ? ? ? 
;chain 'A' and (resid 1 through 12 )
;
2 'X-RAY DIFFRACTION' 2 ? ? ? ? ? ? ? ? ? 
;chain 'B' and (resid 1 through 12 )
;
# 
loop_
_chem_comp_atom.comp_id 
_chem_comp_atom.atom_id 
_chem_comp_atom.type_symbol 
_chem_comp_atom.pdbx_aromatic_flag 
_chem_comp_atom.pdbx_stereo_config 
_chem_comp_atom.pdbx_ordinal 
CA  CA     CA N N 1   
DA  OP3    O  N N 2   
DA  P      P  N N 3   
DA  OP1    O  N N 4   
DA  OP2    O  N N 5   
DA  "O5'"  O  N N 6   
DA  "C5'"  C  N N 7   
DA  "C4'"  C  N R 8   
DA  "O4'"  O  N N 9   
DA  "C3'"  C  N S 10  
DA  "O3'"  O  N N 11  
DA  "C2'"  C  N N 12  
DA  "C1'"  C  N R 13  
DA  N9     N  Y N 14  
DA  C8     C  Y N 15  
DA  N7     N  Y N 16  
DA  C5     C  Y N 17  
DA  C6     C  Y N 18  
DA  N6     N  N N 19  
DA  N1     N  Y N 20  
DA  C2     C  Y N 21  
DA  N3     N  Y N 22  
DA  C4     C  Y N 23  
DA  HOP3   H  N N 24  
DA  HOP2   H  N N 25  
DA  "H5'"  H  N N 26  
DA  "H5''" H  N N 27  
DA  "H4'"  H  N N 28  
DA  "H3'"  H  N N 29  
DA  "HO3'" H  N N 30  
DA  "H2'"  H  N N 31  
DA  "H2''" H  N N 32  
DA  "H1'"  H  N N 33  
DA  H8     H  N N 34  
DA  H61    H  N N 35  
DA  H62    H  N N 36  
DA  H2     H  N N 37  
DC  OP3    O  N N 38  
DC  P      P  N N 39  
DC  OP1    O  N N 40  
DC  OP2    O  N N 41  
DC  "O5'"  O  N N 42  
DC  "C5'"  C  N N 43  
DC  "C4'"  C  N R 44  
DC  "O4'"  O  N N 45  
DC  "C3'"  C  N S 46  
DC  "O3'"  O  N N 47  
DC  "C2'"  C  N N 48  
DC  "C1'"  C  N R 49  
DC  N1     N  N N 50  
DC  C2     C  N N 51  
DC  O2     O  N N 52  
DC  N3     N  N N 53  
DC  C4     C  N N 54  
DC  N4     N  N N 55  
DC  C5     C  N N 56  
DC  C6     C  N N 57  
DC  HOP3   H  N N 58  
DC  HOP2   H  N N 59  
DC  "H5'"  H  N N 60  
DC  "H5''" H  N N 61  
DC  "H4'"  H  N N 62  
DC  "H3'"  H  N N 63  
DC  "HO3'" H  N N 64  
DC  "H2'"  H  N N 65  
DC  "H2''" H  N N 66  
DC  "H1'"  H  N N 67  
DC  H41    H  N N 68  
DC  H42    H  N N 69  
DC  H5     H  N N 70  
DC  H6     H  N N 71  
DG  OP3    O  N N 72  
DG  P      P  N N 73  
DG  OP1    O  N N 74  
DG  OP2    O  N N 75  
DG  "O5'"  O  N N 76  
DG  "C5'"  C  N N 77  
DG  "C4'"  C  N R 78  
DG  "O4'"  O  N N 79  
DG  "C3'"  C  N S 80  
DG  "O3'"  O  N N 81  
DG  "C2'"  C  N N 82  
DG  "C1'"  C  N R 83  
DG  N9     N  Y N 84  
DG  C8     C  Y N 85  
DG  N7     N  Y N 86  
DG  C5     C  Y N 87  
DG  C6     C  N N 88  
DG  O6     O  N N 89  
DG  N1     N  N N 90  
DG  C2     C  N N 91  
DG  N2     N  N N 92  
DG  N3     N  N N 93  
DG  C4     C  Y N 94  
DG  HOP3   H  N N 95  
DG  HOP2   H  N N 96  
DG  "H5'"  H  N N 97  
DG  "H5''" H  N N 98  
DG  "H4'"  H  N N 99  
DG  "H3'"  H  N N 100 
DG  "HO3'" H  N N 101 
DG  "H2'"  H  N N 102 
DG  "H2''" H  N N 103 
DG  "H1'"  H  N N 104 
DG  H8     H  N N 105 
DG  H1     H  N N 106 
DG  H21    H  N N 107 
DG  H22    H  N N 108 
DT  OP3    O  N N 109 
DT  P      P  N N 110 
DT  OP1    O  N N 111 
DT  OP2    O  N N 112 
DT  "O5'"  O  N N 113 
DT  "C5'"  C  N N 114 
DT  "C4'"  C  N R 115 
DT  "O4'"  O  N N 116 
DT  "C3'"  C  N S 117 
DT  "O3'"  O  N N 118 
DT  "C2'"  C  N N 119 
DT  "C1'"  C  N R 120 
DT  N1     N  N N 121 
DT  C2     C  N N 122 
DT  O2     O  N N 123 
DT  N3     N  N N 124 
DT  C4     C  N N 125 
DT  O4     O  N N 126 
DT  C5     C  N N 127 
DT  C7     C  N N 128 
DT  C6     C  N N 129 
DT  HOP3   H  N N 130 
DT  HOP2   H  N N 131 
DT  "H5'"  H  N N 132 
DT  "H5''" H  N N 133 
DT  "H4'"  H  N N 134 
DT  "H3'"  H  N N 135 
DT  "HO3'" H  N N 136 
DT  "H2'"  H  N N 137 
DT  "H2''" H  N N 138 
DT  "H1'"  H  N N 139 
DT  H3     H  N N 140 
DT  H71    H  N N 141 
DT  H72    H  N N 142 
DT  H73    H  N N 143 
DT  H6     H  N N 144 
HOH O      O  N N 145 
HOH H1     H  N N 146 
HOH H2     H  N N 147 
# 
loop_
_chem_comp_bond.comp_id 
_chem_comp_bond.atom_id_1 
_chem_comp_bond.atom_id_2 
_chem_comp_bond.value_order 
_chem_comp_bond.pdbx_aromatic_flag 
_chem_comp_bond.pdbx_stereo_config 
_chem_comp_bond.pdbx_ordinal 
DA  OP3   P      sing N N 1   
DA  OP3   HOP3   sing N N 2   
DA  P     OP1    doub N N 3   
DA  P     OP2    sing N N 4   
DA  P     "O5'"  sing N N 5   
DA  OP2   HOP2   sing N N 6   
DA  "O5'" "C5'"  sing N N 7   
DA  "C5'" "C4'"  sing N N 8   
DA  "C5'" "H5'"  sing N N 9   
DA  "C5'" "H5''" sing N N 10  
DA  "C4'" "O4'"  sing N N 11  
DA  "C4'" "C3'"  sing N N 12  
DA  "C4'" "H4'"  sing N N 13  
DA  "O4'" "C1'"  sing N N 14  
DA  "C3'" "O3'"  sing N N 15  
DA  "C3'" "C2'"  sing N N 16  
DA  "C3'" "H3'"  sing N N 17  
DA  "O3'" "HO3'" sing N N 18  
DA  "C2'" "C1'"  sing N N 19  
DA  "C2'" "H2'"  sing N N 20  
DA  "C2'" "H2''" sing N N 21  
DA  "C1'" N9     sing N N 22  
DA  "C1'" "H1'"  sing N N 23  
DA  N9    C8     sing Y N 24  
DA  N9    C4     sing Y N 25  
DA  C8    N7     doub Y N 26  
DA  C8    H8     sing N N 27  
DA  N7    C5     sing Y N 28  
DA  C5    C6     sing Y N 29  
DA  C5    C4     doub Y N 30  
DA  C6    N6     sing N N 31  
DA  C6    N1     doub Y N 32  
DA  N6    H61    sing N N 33  
DA  N6    H62    sing N N 34  
DA  N1    C2     sing Y N 35  
DA  C2    N3     doub Y N 36  
DA  C2    H2     sing N N 37  
DA  N3    C4     sing Y N 38  
DC  OP3   P      sing N N 39  
DC  OP3   HOP3   sing N N 40  
DC  P     OP1    doub N N 41  
DC  P     OP2    sing N N 42  
DC  P     "O5'"  sing N N 43  
DC  OP2   HOP2   sing N N 44  
DC  "O5'" "C5'"  sing N N 45  
DC  "C5'" "C4'"  sing N N 46  
DC  "C5'" "H5'"  sing N N 47  
DC  "C5'" "H5''" sing N N 48  
DC  "C4'" "O4'"  sing N N 49  
DC  "C4'" "C3'"  sing N N 50  
DC  "C4'" "H4'"  sing N N 51  
DC  "O4'" "C1'"  sing N N 52  
DC  "C3'" "O3'"  sing N N 53  
DC  "C3'" "C2'"  sing N N 54  
DC  "C3'" "H3'"  sing N N 55  
DC  "O3'" "HO3'" sing N N 56  
DC  "C2'" "C1'"  sing N N 57  
DC  "C2'" "H2'"  sing N N 58  
DC  "C2'" "H2''" sing N N 59  
DC  "C1'" N1     sing N N 60  
DC  "C1'" "H1'"  sing N N 61  
DC  N1    C2     sing N N 62  
DC  N1    C6     sing N N 63  
DC  C2    O2     doub N N 64  
DC  C2    N3     sing N N 65  
DC  N3    C4     doub N N 66  
DC  C4    N4     sing N N 67  
DC  C4    C5     sing N N 68  
DC  N4    H41    sing N N 69  
DC  N4    H42    sing N N 70  
DC  C5    C6     doub N N 71  
DC  C5    H5     sing N N 72  
DC  C6    H6     sing N N 73  
DG  OP3   P      sing N N 74  
DG  OP3   HOP3   sing N N 75  
DG  P     OP1    doub N N 76  
DG  P     OP2    sing N N 77  
DG  P     "O5'"  sing N N 78  
DG  OP2   HOP2   sing N N 79  
DG  "O5'" "C5'"  sing N N 80  
DG  "C5'" "C4'"  sing N N 81  
DG  "C5'" "H5'"  sing N N 82  
DG  "C5'" "H5''" sing N N 83  
DG  "C4'" "O4'"  sing N N 84  
DG  "C4'" "C3'"  sing N N 85  
DG  "C4'" "H4'"  sing N N 86  
DG  "O4'" "C1'"  sing N N 87  
DG  "C3'" "O3'"  sing N N 88  
DG  "C3'" "C2'"  sing N N 89  
DG  "C3'" "H3'"  sing N N 90  
DG  "O3'" "HO3'" sing N N 91  
DG  "C2'" "C1'"  sing N N 92  
DG  "C2'" "H2'"  sing N N 93  
DG  "C2'" "H2''" sing N N 94  
DG  "C1'" N9     sing N N 95  
DG  "C1'" "H1'"  sing N N 96  
DG  N9    C8     sing Y N 97  
DG  N9    C4     sing Y N 98  
DG  C8    N7     doub Y N 99  
DG  C8    H8     sing N N 100 
DG  N7    C5     sing Y N 101 
DG  C5    C6     sing N N 102 
DG  C5    C4     doub Y N 103 
DG  C6    O6     doub N N 104 
DG  C6    N1     sing N N 105 
DG  N1    C2     sing N N 106 
DG  N1    H1     sing N N 107 
DG  C2    N2     sing N N 108 
DG  C2    N3     doub N N 109 
DG  N2    H21    sing N N 110 
DG  N2    H22    sing N N 111 
DG  N3    C4     sing N N 112 
DT  OP3   P      sing N N 113 
DT  OP3   HOP3   sing N N 114 
DT  P     OP1    doub N N 115 
DT  P     OP2    sing N N 116 
DT  P     "O5'"  sing N N 117 
DT  OP2   HOP2   sing N N 118 
DT  "O5'" "C5'"  sing N N 119 
DT  "C5'" "C4'"  sing N N 120 
DT  "C5'" "H5'"  sing N N 121 
DT  "C5'" "H5''" sing N N 122 
DT  "C4'" "O4'"  sing N N 123 
DT  "C4'" "C3'"  sing N N 124 
DT  "C4'" "H4'"  sing N N 125 
DT  "O4'" "C1'"  sing N N 126 
DT  "C3'" "O3'"  sing N N 127 
DT  "C3'" "C2'"  sing N N 128 
DT  "C3'" "H3'"  sing N N 129 
DT  "O3'" "HO3'" sing N N 130 
DT  "C2'" "C1'"  sing N N 131 
DT  "C2'" "H2'"  sing N N 132 
DT  "C2'" "H2''" sing N N 133 
DT  "C1'" N1     sing N N 134 
DT  "C1'" "H1'"  sing N N 135 
DT  N1    C2     sing N N 136 
DT  N1    C6     sing N N 137 
DT  C2    O2     doub N N 138 
DT  C2    N3     sing N N 139 
DT  N3    C4     sing N N 140 
DT  N3    H3     sing N N 141 
DT  C4    O4     doub N N 142 
DT  C4    C5     sing N N 143 
DT  C5    C7     sing N N 144 
DT  C5    C6     doub N N 145 
DT  C7    H71    sing N N 146 
DT  C7    H72    sing N N 147 
DT  C7    H73    sing N N 148 
DT  C6    H6     sing N N 149 
HOH O     H1     sing N N 150 
HOH O     H2     sing N N 151 
# 
_ndb_struct_conf_na.entry_id   5EZF 
_ndb_struct_conf_na.feature    'b-form double helix' 
# 
loop_
_ndb_struct_na_base_pair.model_number 
_ndb_struct_na_base_pair.i_label_asym_id 
_ndb_struct_na_base_pair.i_label_comp_id 
_ndb_struct_na_base_pair.i_label_seq_id 
_ndb_struct_na_base_pair.i_symmetry 
_ndb_struct_na_base_pair.j_label_asym_id 
_ndb_struct_na_base_pair.j_label_comp_id 
_ndb_struct_na_base_pair.j_label_seq_id 
_ndb_struct_na_base_pair.j_symmetry 
_ndb_struct_na_base_pair.shear 
_ndb_struct_na_base_pair.stretch 
_ndb_struct_na_base_pair.stagger 
_ndb_struct_na_base_pair.buckle 
_ndb_struct_na_base_pair.propeller 
_ndb_struct_na_base_pair.opening 
_ndb_struct_na_base_pair.pair_number 
_ndb_struct_na_base_pair.pair_name 
_ndb_struct_na_base_pair.i_auth_asym_id 
_ndb_struct_na_base_pair.i_auth_seq_id 
_ndb_struct_na_base_pair.i_PDB_ins_code 
_ndb_struct_na_base_pair.j_auth_asym_id 
_ndb_struct_na_base_pair.j_auth_seq_id 
_ndb_struct_na_base_pair.j_PDB_ins_code 
_ndb_struct_na_base_pair.hbond_type_28 
_ndb_struct_na_base_pair.hbond_type_12 
1 A DC 1  1_555 B DG 12 1_555 0.281  -0.180 0.044  -2.007 -15.333 0.301  1  A_DC1:DG12_B A 1  ? B 12 ? 19 1 
1 A DG 2  1_555 B DC 11 1_555 -0.084 -0.159 0.057  -1.848 -16.322 0.081  2  A_DG2:DC11_B A 2  ? B 11 ? 19 1 
1 A DC 3  1_555 B DG 10 1_555 0.078  -0.123 0.290  -7.917 -8.654  1.320  3  A_DC3:DG10_B A 3  ? B 10 ? 19 1 
1 A DT 4  1_555 B DA 9  1_555 -0.725 -0.117 -0.059 8.144  -12.078 -1.039 4  A_DT4:DA9_B  A 4  ? B 9  ? 20 1 
1 A DA 5  1_555 B DT 8  1_555 0.937  -0.220 0.176  -0.772 -13.554 1.419  5  A_DA5:DT8_B  A 5  ? B 8  ? 20 1 
1 A DT 6  1_555 B DA 7  1_555 -0.262 -0.146 -0.071 1.040  -12.456 1.143  6  A_DT6:DA7_B  A 6  ? B 7  ? 20 1 
1 A DA 7  1_555 B DT 6  1_555 0.004  -0.152 -0.115 -5.579 -13.008 3.066  7  A_DA7:DT6_B  A 7  ? B 6  ? 20 1 
1 A DA 8  1_555 B DT 5  1_555 0.266  -0.135 -0.012 -5.269 -13.576 2.128  8  A_DA8:DT5_B  A 8  ? B 5  ? 20 1 
1 A DT 9  1_555 B DA 4  1_555 -0.096 -0.138 0.049  -7.936 -12.779 1.614  9  A_DT9:DA4_B  A 9  ? B 4  ? 20 1 
1 A DG 10 1_555 B DC 3  1_555 -0.086 -0.135 0.139  6.189  -5.380  0.799  10 A_DG10:DC3_B A 10 ? B 3  ? 19 1 
1 A DC 11 1_555 B DG 2  1_555 0.269  -0.196 0.098  8.910  -13.092 -3.611 11 A_DC11:DG2_B A 11 ? B 2  ? 19 1 
1 A DG 12 1_555 B DC 1  1_555 -0.213 -0.193 -0.059 -2.069 -0.915  -2.222 12 A_DG12:DC1_B A 12 ? B 1  ? 19 1 
# 
loop_
_ndb_struct_na_base_pair_step.model_number 
_ndb_struct_na_base_pair_step.i_label_asym_id_1 
_ndb_struct_na_base_pair_step.i_label_comp_id_1 
_ndb_struct_na_base_pair_step.i_label_seq_id_1 
_ndb_struct_na_base_pair_step.i_symmetry_1 
_ndb_struct_na_base_pair_step.j_label_asym_id_1 
_ndb_struct_na_base_pair_step.j_label_comp_id_1 
_ndb_struct_na_base_pair_step.j_label_seq_id_1 
_ndb_struct_na_base_pair_step.j_symmetry_1 
_ndb_struct_na_base_pair_step.i_label_asym_id_2 
_ndb_struct_na_base_pair_step.i_label_comp_id_2 
_ndb_struct_na_base_pair_step.i_label_seq_id_2 
_ndb_struct_na_base_pair_step.i_symmetry_2 
_ndb_struct_na_base_pair_step.j_label_asym_id_2 
_ndb_struct_na_base_pair_step.j_label_comp_id_2 
_ndb_struct_na_base_pair_step.j_label_seq_id_2 
_ndb_struct_na_base_pair_step.j_symmetry_2 
_ndb_struct_na_base_pair_step.shift 
_ndb_struct_na_base_pair_step.slide 
_ndb_struct_na_base_pair_step.rise 
_ndb_struct_na_base_pair_step.tilt 
_ndb_struct_na_base_pair_step.roll 
_ndb_struct_na_base_pair_step.twist 
_ndb_struct_na_base_pair_step.x_displacement 
_ndb_struct_na_base_pair_step.y_displacement 
_ndb_struct_na_base_pair_step.helical_rise 
_ndb_struct_na_base_pair_step.inclination 
_ndb_struct_na_base_pair_step.tip 
_ndb_struct_na_base_pair_step.helical_twist 
_ndb_struct_na_base_pair_step.step_number 
_ndb_struct_na_base_pair_step.step_name 
_ndb_struct_na_base_pair_step.i_auth_asym_id_1 
_ndb_struct_na_base_pair_step.i_auth_seq_id_1 
_ndb_struct_na_base_pair_step.i_PDB_ins_code_1 
_ndb_struct_na_base_pair_step.j_auth_asym_id_1 
_ndb_struct_na_base_pair_step.j_auth_seq_id_1 
_ndb_struct_na_base_pair_step.j_PDB_ins_code_1 
_ndb_struct_na_base_pair_step.i_auth_asym_id_2 
_ndb_struct_na_base_pair_step.i_auth_seq_id_2 
_ndb_struct_na_base_pair_step.i_PDB_ins_code_2 
_ndb_struct_na_base_pair_step.j_auth_asym_id_2 
_ndb_struct_na_base_pair_step.j_auth_seq_id_2 
_ndb_struct_na_base_pair_step.j_PDB_ins_code_2 
1 A DC 1  1_555 B DG 12 1_555 A DG 2  1_555 B DC 11 1_555 -0.109 0.721  3.354 0.635  8.040  34.308 -0.066 0.280  3.427 13.401 
-1.059 35.215 1  AA_DC1DG2:DC11DG12_BB A 1  ? B 12 ? A 2  ? B 11 ? 
1 A DG 2  1_555 B DC 11 1_555 A DC 3  1_555 B DG 10 1_555 1.194  0.582  3.414 0.554  -4.874 42.128 1.319  -1.593 3.344 -6.753 
-0.768 42.400 2  AA_DG2DC3:DG10DC11_BB A 2  ? B 11 ? A 3  ? B 10 ? 
1 A DC 3  1_555 B DG 10 1_555 A DT 4  1_555 B DA 9  1_555 -0.795 0.459  2.982 2.541  4.236  22.668 -0.196 2.779  2.912 10.615 
-6.367 23.193 3  AA_DC3DT4:DA9DG10_BB  A 3  ? B 10 ? A 4  ? B 9  ? 
1 A DT 4  1_555 B DA 9  1_555 A DA 5  1_555 B DT 8  1_555 0.230  1.039  3.503 -1.463 -3.533 53.052 1.399  -0.356 3.426 -3.950 
1.635  53.180 4  AA_DT4DA5:DT8DA9_BB   A 4  ? B 9  ? A 5  ? B 8  ? 
1 A DA 5  1_555 B DT 8  1_555 A DT 6  1_555 B DA 7  1_555 0.050  -0.643 3.200 1.942  -0.871 26.358 -1.180 0.398  3.214 -1.906 
-4.251 26.443 5  AA_DA5DT6:DA7DT8_BB   A 5  ? B 8  ? A 6  ? B 7  ? 
1 A DT 6  1_555 B DA 7  1_555 A DA 7  1_555 B DT 6  1_555 0.184  0.494  3.432 -0.079 3.512  40.644 0.300  -0.273 3.460 5.045  
0.113  40.789 6  AA_DT6DA7:DT6DA7_BB   A 6  ? B 7  ? A 7  ? B 6  ? 
1 A DA 7  1_555 B DT 6  1_555 A DA 8  1_555 B DT 5  1_555 -0.094 -0.012 3.226 -1.882 2.662  35.268 -0.406 -0.119 3.217 4.381  
3.097  35.414 7  AA_DA7DA8:DT5DT6_BB   A 7  ? B 6  ? A 8  ? B 5  ? 
1 A DA 8  1_555 B DT 5  1_555 A DT 9  1_555 B DA 4  1_555 -0.314 -0.587 3.321 -0.678 3.400  30.036 -1.819 0.463  3.242 6.532  
1.303  30.230 8  AA_DA8DT9:DA4DT5_BB   A 8  ? B 5  ? A 9  ? B 4  ? 
1 A DT 9  1_555 B DA 4  1_555 A DG 10 1_555 B DC 3  1_555 0.331  0.993  3.091 -1.393 8.355  29.837 0.272  -0.884 3.226 15.829 
2.639  30.990 9  AA_DT9DG10:DC3DA4_BB  A 9  ? B 4  ? A 10 ? B 3  ? 
1 A DG 10 1_555 B DC 3  1_555 A DC 11 1_555 B DG 2  1_555 -0.882 0.538  3.250 -1.372 -2.373 40.610 1.035  1.117  3.241 -3.415 
1.975  40.698 10 AA_DG10DC11:DG2DC3_BB A 10 ? B 3  ? A 11 ? B 2  ? 
1 A DC 11 1_555 B DG 2  1_555 A DG 12 1_555 B DC 1  1_555 0.383  0.536  3.588 0.914  -1.385 39.382 0.973  -0.450 3.575 -2.054 
-1.356 39.415 11 AA_DC11DG12:DC1DG2_BB A 11 ? B 2  ? A 12 ? B 1  ? 
# 
_pdbx_audit_support.funding_organization   'European Research Council' 
_pdbx_audit_support.country                France 
_pdbx_audit_support.grant_number           ERC-2012-AdG-320892 
_pdbx_audit_support.ordinal                1 
# 
_pdbx_initial_refinement_model.id               1 
_pdbx_initial_refinement_model.entity_id_list   ? 
_pdbx_initial_refinement_model.type             'experimental model' 
_pdbx_initial_refinement_model.source_name      PDB 
_pdbx_initial_refinement_model.accession_code   1FQ2 
_pdbx_initial_refinement_model.details          ? 
# 
_atom_sites.entry_id                    5EZF 
_atom_sites.fract_transf_matrix[1][1]   0.02085713 
_atom_sites.fract_transf_matrix[1][2]   -0.00690051 
_atom_sites.fract_transf_matrix[1][3]   -0.00956268 
_atom_sites.fract_transf_matrix[2][1]   0.01214088 
_atom_sites.fract_transf_matrix[2][2]   0.01756588 
_atom_sites.fract_transf_matrix[2][3]   0.01380475 
_atom_sites.fract_transf_matrix[3][1]   0.00181640 
_atom_sites.fract_transf_matrix[3][2]   -0.01009220 
_atom_sites.fract_transf_matrix[3][3]   0.01124436 
_atom_sites.fract_transf_vector[1]      -0.167061 
_atom_sites.fract_transf_vector[2]      -0.052701 
_atom_sites.fract_transf_vector[3]      0.283098 
# 
loop_
_atom_type.symbol 
C  
CA 
N  
O  
P  
# 
loop_
_atom_site.group_PDB 
_atom_site.id 
_atom_site.type_symbol 
_atom_site.label_atom_id 
_atom_site.label_alt_id 
_atom_site.label_comp_id 
_atom_site.label_asym_id 
_atom_site.label_entity_id 
_atom_site.label_seq_id 
_atom_site.pdbx_PDB_ins_code 
_atom_site.Cartn_x 
_atom_site.Cartn_y 
_atom_site.Cartn_z 
_atom_site.occupancy 
_atom_site.B_iso_or_equiv 
_atom_site.pdbx_formal_charge 
_atom_site.auth_seq_id 
_atom_site.auth_comp_id 
_atom_site.auth_asym_id 
_atom_site.auth_atom_id 
_atom_site.pdbx_PDB_model_num 
ATOM   1   O  "O5'" . DC  A 1 1  ? 9.825   13.004  -12.862 1.00 69.55 ? 1   DC  A "O5'" 1 
ATOM   2   C  "C5'" . DC  A 1 1  ? 9.358   14.226  -13.445 1.00 58.10 ? 1   DC  A "C5'" 1 
ATOM   3   C  "C4'" . DC  A 1 1  ? 8.354   14.960  -12.560 1.00 43.46 ? 1   DC  A "C4'" 1 
ATOM   4   O  "O4'" . DC  A 1 1  ? 6.993   14.674  -12.977 1.00 38.90 ? 1   DC  A "O4'" 1 
ATOM   5   C  "C3'" . DC  A 1 1  ? 8.375   14.632  -11.076 1.00 40.70 ? 1   DC  A "C3'" 1 
ATOM   6   O  "O3'" . DC  A 1 1  ? 7.910   15.771  -10.382 1.00 36.75 ? 1   DC  A "O3'" 1 
ATOM   7   C  "C2'" . DC  A 1 1  ? 7.351   13.509  -10.983 1.00 24.59 ? 1   DC  A "C2'" 1 
ATOM   8   C  "C1'" . DC  A 1 1  ? 6.276   14.048  -11.928 1.00 30.56 ? 1   DC  A "C1'" 1 
ATOM   9   N  N1    . DC  A 1 1  ? 5.416   13.040  -12.594 1.00 23.27 ? 1   DC  A N1    1 
ATOM   10  C  C2    . DC  A 1 1  ? 4.032   13.216  -12.648 1.00 22.36 ? 1   DC  A C2    1 
ATOM   11  O  O2    . DC  A 1 1  ? 3.570   14.219  -12.098 1.00 21.84 ? 1   DC  A O2    1 
ATOM   12  N  N3    . DC  A 1 1  ? 3.271   12.293  -13.272 1.00 20.20 ? 1   DC  A N3    1 
ATOM   13  C  C4    . DC  A 1 1  ? 3.808   11.217  -13.840 1.00 20.48 ? 1   DC  A C4    1 
ATOM   14  N  N4    . DC  A 1 1  ? 3.016   10.330  -14.450 1.00 22.60 ? 1   DC  A N4    1 
ATOM   15  C  C5    . DC  A 1 1  ? 5.224   11.029  -13.802 1.00 18.59 ? 1   DC  A C5    1 
ATOM   16  C  C6    . DC  A 1 1  ? 5.962   11.946  -13.186 1.00 20.89 ? 1   DC  A C6    1 
ATOM   17  P  P     . DG  A 1 2  ? 8.435   16.083  -8.895  1.00 39.51 ? 2   DG  A P     1 
ATOM   18  O  OP1   . DG  A 1 2  ? 8.665   17.545  -8.838  1.00 44.94 ? 2   DG  A OP1   1 
ATOM   19  O  OP2   . DG  A 1 2  ? 9.521   15.125  -8.573  1.00 37.54 ? 2   DG  A OP2   1 
ATOM   20  O  "O5'" . DG  A 1 2  ? 7.183   15.754  -7.968  1.00 38.20 ? 2   DG  A "O5'" 1 
ATOM   21  C  "C5'" . DG  A 1 2  ? 6.099   16.665  -8.002  1.00 26.94 ? 2   DG  A "C5'" 1 
ATOM   22  C  "C4'" . DG  A 1 2  ? 4.916   16.067  -7.276  1.00 28.55 ? 2   DG  A "C4'" 1 
ATOM   23  O  "O4'" . DG  A 1 2  ? 4.359   15.017  -8.100  1.00 31.15 ? 2   DG  A "O4'" 1 
ATOM   24  C  "C3'" . DG  A 1 2  ? 5.239   15.449  -5.923  1.00 32.25 ? 2   DG  A "C3'" 1 
ATOM   25  O  "O3'" . DG  A 1 2  ? 4.405   16.109  -4.980  1.00 39.81 ? 2   DG  A "O3'" 1 
ATOM   26  C  "C2'" . DG  A 1 2  ? 4.940   13.956  -6.092  1.00 31.59 ? 2   DG  A "C2'" 1 
ATOM   27  C  "C1'" . DG  A 1 2  ? 3.992   13.913  -7.290  1.00 24.82 ? 2   DG  A "C1'" 1 
ATOM   28  N  N9    . DG  A 1 2  ? 4.092   12.753  -8.173  1.00 26.71 ? 2   DG  A N9    1 
ATOM   29  C  C8    . DG  A 1 2  ? 5.206   12.046  -8.559  1.00 28.52 ? 2   DG  A C8    1 
ATOM   30  N  N7    . DG  A 1 2  ? 4.943   11.069  -9.387  1.00 23.25 ? 2   DG  A N7    1 
ATOM   31  C  C5    . DG  A 1 2  ? 3.565   11.155  -9.581  1.00 20.84 ? 2   DG  A C5    1 
ATOM   32  C  C6    . DG  A 1 2  ? 2.688   10.370  -10.362 1.00 22.06 ? 2   DG  A C6    1 
ATOM   33  O  O6    . DG  A 1 2  ? 2.957   9.407   -11.089 1.00 20.59 ? 2   DG  A O6    1 
ATOM   34  N  N1    . DG  A 1 2  ? 1.367   10.808  -10.244 1.00 20.39 ? 2   DG  A N1    1 
ATOM   35  C  C2    . DG  A 1 2  ? 0.950   11.868  -9.472  1.00 20.38 ? 2   DG  A C2    1 
ATOM   36  N  N2    . DG  A 1 2  ? -0.362  12.156  -9.459  1.00 22.38 ? 2   DG  A N2    1 
ATOM   37  N  N3    . DG  A 1 2  ? 1.754   12.603  -8.738  1.00 20.61 ? 2   DG  A N3    1 
ATOM   38  C  C4    . DG  A 1 2  ? 3.037   12.187  -8.844  1.00 21.55 ? 2   DG  A C4    1 
ATOM   39  P  P     . DC  A 1 3  ? 4.392   15.667  -3.438  1.00 41.37 ? 3   DC  A P     1 
ATOM   40  O  OP1   . DC  A 1 3  ? 4.213   16.910  -2.659  1.00 48.77 ? 3   DC  A OP1   1 
ATOM   41  O  OP2   . DC  A 1 3  ? 5.537   14.763  -3.168  1.00 40.91 ? 3   DC  A OP2   1 
ATOM   42  O  "O5'" . DC  A 1 3  ? 3.067   14.792  -3.306  1.00 34.31 ? 3   DC  A "O5'" 1 
ATOM   43  C  "C5'" . DC  A 1 3  ? 1.864   15.319  -3.832  1.00 32.85 ? 3   DC  A "C5'" 1 
ATOM   44  C  "C4'" . DC  A 1 3  ? 0.951   14.158  -4.128  1.00 29.67 ? 3   DC  A "C4'" 1 
ATOM   45  O  "O4'" . DC  A 1 3  ? 1.561   13.304  -5.119  1.00 26.46 ? 3   DC  A "O4'" 1 
ATOM   46  C  "C3'" . DC  A 1 3  ? 0.769   13.243  -2.939  1.00 27.91 ? 3   DC  A "C3'" 1 
ATOM   47  O  "O3'" . DC  A 1 3  ? -0.296  13.740  -2.166  1.00 35.65 ? 3   DC  A "O3'" 1 
ATOM   48  C  "C2'" . DC  A 1 3  ? 0.425   11.908  -3.583  1.00 29.70 ? 3   DC  A "C2'" 1 
ATOM   49  C  "C1'" . DC  A 1 3  ? 0.919   12.049  -5.017  1.00 25.95 ? 3   DC  A "C1'" 1 
ATOM   50  N  N1    . DC  A 1 3  ? 1.909   11.058  -5.495  1.00 22.59 ? 3   DC  A N1    1 
ATOM   51  C  C2    . DC  A 1 3  ? 1.483   10.106  -6.394  1.00 22.30 ? 3   DC  A C2    1 
ATOM   52  O  O2    . DC  A 1 3  ? 0.298   10.105  -6.722  1.00 24.02 ? 3   DC  A O2    1 
ATOM   53  N  N3    . DC  A 1 3  ? 2.373   9.215   -6.871  1.00 22.46 ? 3   DC  A N3    1 
ATOM   54  C  C4    . DC  A 1 3  ? 3.645   9.266   -6.491  1.00 23.45 ? 3   DC  A C4    1 
ATOM   55  N  N4    . DC  A 1 3  ? 4.467   8.345   -7.004  1.00 27.34 ? 3   DC  A N4    1 
ATOM   56  C  C5    . DC  A 1 3  ? 4.112   10.246  -5.568  1.00 28.46 ? 3   DC  A C5    1 
ATOM   57  C  C6    . DC  A 1 3  ? 3.211   11.117  -5.105  1.00 25.93 ? 3   DC  A C6    1 
ATOM   58  P  P     . DT  A 1 4  ? -0.707  13.018  -0.795  1.00 39.79 ? 4   DT  A P     1 
ATOM   59  O  OP1   . DT  A 1 4  ? -1.330  14.058  0.055   1.00 47.07 ? 4   DT  A OP1   1 
ATOM   60  O  OP2   . DT  A 1 4  ? 0.431   12.221  -0.283  1.00 37.49 ? 4   DT  A OP2   1 
ATOM   61  O  "O5'" . DT  A 1 4  ? -1.826  11.980  -1.237  1.00 32.03 ? 4   DT  A "O5'" 1 
ATOM   62  C  "C5'" . DT  A 1 4  ? -2.907  12.448  -2.012  1.00 35.95 ? 4   DT  A "C5'" 1 
ATOM   63  C  "C4'" . DT  A 1 4  ? -3.657  11.256  -2.550  1.00 37.02 ? 4   DT  A "C4'" 1 
ATOM   64  O  "O4'" . DT  A 1 4  ? -2.756  10.460  -3.358  1.00 36.86 ? 4   DT  A "O4'" 1 
ATOM   65  C  "C3'" . DT  A 1 4  ? -4.235  10.321  -1.500  1.00 39.88 ? 4   DT  A "C3'" 1 
ATOM   66  O  "O3'" . DT  A 1 4  ? -5.529  10.023  -1.994  1.00 41.46 ? 4   DT  A "O3'" 1 
ATOM   67  C  "C2'" . DT  A 1 4  ? -3.248  9.147   -1.487  1.00 33.41 ? 4   DT  A "C2'" 1 
ATOM   68  C  "C1'" . DT  A 1 4  ? -2.750  9.110   -2.932  1.00 31.18 ? 4   DT  A "C1'" 1 
ATOM   69  N  N1    . DT  A 1 4  ? -1.362  8.565   -3.219  1.00 29.29 ? 4   DT  A N1    1 
ATOM   70  C  C2    . DT  A 1 4  ? -1.201  7.696   -4.290  1.00 28.95 ? 4   DT  A C2    1 
ATOM   71  O  O2    . DT  A 1 4  ? -2.098  7.308   -4.999  1.00 34.02 ? 4   DT  A O2    1 
ATOM   72  N  N3    . DT  A 1 4  ? 0.065   7.252   -4.521  1.00 37.34 ? 4   DT  A N3    1 
ATOM   73  C  C4    . DT  A 1 4  ? 1.199   7.568   -3.826  1.00 32.32 ? 4   DT  A C4    1 
ATOM   74  O  O4    . DT  A 1 4  ? 2.283   7.084   -4.161  1.00 31.79 ? 4   DT  A O4    1 
ATOM   75  C  C5    . DT  A 1 4  ? 0.993   8.495   -2.720  1.00 32.64 ? 4   DT  A C5    1 
ATOM   76  C  C7    . DT  A 1 4  ? 2.154   8.932   -1.874  1.00 45.84 ? 4   DT  A C7    1 
ATOM   77  C  C6    . DT  A 1 4  ? -0.258  8.935   -2.469  1.00 29.89 ? 4   DT  A C6    1 
ATOM   78  P  P     . DA  A 1 5  ? -6.517  9.014   -1.223  1.00 46.87 ? 5   DA  A P     1 
ATOM   79  O  OP1   . DA  A 1 5  ? -7.867  9.591   -1.383  1.00 39.82 ? 5   DA  A OP1   1 
ATOM   80  O  OP2   . DA  A 1 5  ? -5.996  8.674   0.123   1.00 46.34 ? 5   DA  A OP2   1 
ATOM   81  O  "O5'" . DA  A 1 5  ? -6.459  7.703   -2.116  1.00 38.89 ? 5   DA  A "O5'" 1 
ATOM   82  C  "C5'" . DA  A 1 5  ? -6.789  7.821   -3.494  1.00 40.80 ? 5   DA  A "C5'" 1 
ATOM   83  C  "C4'" . DA  A 1 5  ? -6.705  6.468   -4.177  1.00 46.02 ? 5   DA  A "C4'" 1 
ATOM   84  O  "O4'" . DA  A 1 5  ? -5.320  6.056   -4.257  1.00 48.27 ? 5   DA  A "O4'" 1 
ATOM   85  C  "C3'" . DA  A 1 5  ? -7.437  5.333   -3.475  1.00 45.04 ? 5   DA  A "C3'" 1 
ATOM   86  O  "O3'" . DA  A 1 5  ? -8.013  4.486   -4.462  1.00 51.52 ? 5   DA  A "O3'" 1 
ATOM   87  C  "C2'" . DA  A 1 5  ? -6.346  4.621   -2.680  1.00 42.76 ? 5   DA  A "C2'" 1 
ATOM   88  C  "C1'" . DA  A 1 5  ? -5.111  4.857   -3.536  1.00 44.85 ? 5   DA  A "C1'" 1 
ATOM   89  N  N9    . DA  A 1 5  ? -3.901  5.104   -2.774  1.00 38.96 ? 5   DA  A N9    1 
ATOM   90  C  C8    . DA  A 1 5  ? -3.772  5.895   -1.669  1.00 43.13 ? 5   DA  A C8    1 
ATOM   91  N  N7    . DA  A 1 5  ? -2.548  5.957   -1.201  1.00 40.27 ? 5   DA  A N7    1 
ATOM   92  C  C5    . DA  A 1 5  ? -1.833  5.153   -2.060  1.00 40.28 ? 5   DA  A C5    1 
ATOM   93  C  C6    . DA  A 1 5  ? -0.477  4.797   -2.103  1.00 28.01 ? 5   DA  A C6    1 
ATOM   94  N  N6    . DA  A 1 5  ? 0.463   5.217   -1.244  1.00 29.68 ? 5   DA  A N6    1 
ATOM   95  N  N1    . DA  A 1 5  ? -0.114  3.976   -3.098  1.00 41.19 ? 5   DA  A N1    1 
ATOM   96  C  C2    . DA  A 1 5  ? -1.007  3.533   -3.986  1.00 43.27 ? 5   DA  A C2    1 
ATOM   97  N  N3    . DA  A 1 5  ? -2.305  3.799   -4.050  1.00 29.74 ? 5   DA  A N3    1 
ATOM   98  C  C4    . DA  A 1 5  ? -2.648  4.626   -3.045  1.00 27.44 ? 5   DA  A C4    1 
ATOM   99  P  P     . DT  A 1 6  ? -8.929  3.241   -4.033  1.00 70.38 ? 6   DT  A P     1 
ATOM   100 O  OP1   . DT  A 1 6  ? -9.947  3.065   -5.094  1.00 73.48 ? 6   DT  A OP1   1 
ATOM   101 O  OP2   . DT  A 1 6  ? -9.345  3.426   -2.621  1.00 72.67 ? 6   DT  A OP2   1 
ATOM   102 O  "O5'" . DT  A 1 6  ? -7.925  2.004   -4.089  1.00 75.63 ? 6   DT  A "O5'" 1 
ATOM   103 C  "C5'" . DT  A 1 6  ? -7.191  1.822   -5.285  1.00 73.53 ? 6   DT  A "C5'" 1 
ATOM   104 C  "C4'" . DT  A 1 6  ? -6.158  0.726   -5.126  1.00 72.63 ? 6   DT  A "C4'" 1 
ATOM   105 O  "O4'" . DT  A 1 6  ? -5.003  1.226   -4.411  1.00 66.71 ? 6   DT  A "O4'" 1 
ATOM   106 C  "C3'" . DT  A 1 6  ? -6.637  -0.514  -4.379  1.00 74.24 ? 6   DT  A "C3'" 1 
ATOM   107 O  "O3'" . DT  A 1 6  ? -6.520  -1.602  -5.294  1.00 82.03 ? 6   DT  A "O3'" 1 
ATOM   108 C  "C2'" . DT  A 1 6  ? -5.701  -0.606  -3.169  1.00 67.10 ? 6   DT  A "C2'" 1 
ATOM   109 C  "C1'" . DT  A 1 6  ? -4.480  0.181   -3.625  1.00 57.44 ? 6   DT  A "C1'" 1 
ATOM   110 N  N1    . DT  A 1 6  ? -3.683  0.828   -2.551  1.00 45.51 ? 6   DT  A N1    1 
ATOM   111 C  C2    . DT  A 1 6  ? -2.316  0.676   -2.561  1.00 33.59 ? 6   DT  A C2    1 
ATOM   112 O  O2    . DT  A 1 6  ? -1.703  0.026   -3.391  1.00 41.15 ? 6   DT  A O2    1 
ATOM   113 N  N3    . DT  A 1 6  ? -1.676  1.321   -1.538  1.00 34.47 ? 6   DT  A N3    1 
ATOM   114 C  C4    . DT  A 1 6  ? -2.227  2.087   -0.535  1.00 29.91 ? 6   DT  A C4    1 
ATOM   115 O  O4    . DT  A 1 6  ? -1.536  2.616   0.329   1.00 32.95 ? 6   DT  A O4    1 
ATOM   116 C  C5    . DT  A 1 6  ? -3.660  2.207   -0.587  1.00 32.86 ? 6   DT  A C5    1 
ATOM   117 C  C7    . DT  A 1 6  ? -4.377  3.016   0.449   1.00 42.92 ? 6   DT  A C7    1 
ATOM   118 C  C6    . DT  A 1 6  ? -4.313  1.585   -1.580  1.00 42.72 ? 6   DT  A C6    1 
ATOM   119 P  P     . DA  A 1 7  ? -6.905  -3.104  -4.866  1.00 75.69 ? 7   DA  A P     1 
ATOM   120 O  OP1   . DA  A 1 7  ? -7.651  -3.687  -6.005  1.00 75.32 ? 7   DA  A OP1   1 
ATOM   121 O  OP2   . DA  A 1 7  ? -7.500  -3.110  -3.508  1.00 67.53 ? 7   DA  A OP2   1 
ATOM   122 O  "O5'" . DA  A 1 7  ? -5.484  -3.824  -4.771  1.00 63.38 ? 7   DA  A "O5'" 1 
ATOM   123 C  "C5'" . DA  A 1 7  ? -4.444  -3.373  -5.637  1.00 47.94 ? 7   DA  A "C5'" 1 
ATOM   124 C  "C4'" . DA  A 1 7  ? -3.146  -4.089  -5.323  1.00 45.75 ? 7   DA  A "C4'" 1 
ATOM   125 O  "O4'" . DA  A 1 7  ? -2.398  -3.368  -4.309  1.00 46.69 ? 7   DA  A "O4'" 1 
ATOM   126 C  "C3'" . DA  A 1 7  ? -3.321  -5.505  -4.794  1.00 43.20 ? 7   DA  A "C3'" 1 
ATOM   127 O  "O3'" . DA  A 1 7  ? -2.285  -6.309  -5.346  1.00 54.35 ? 7   DA  A "O3'" 1 
ATOM   128 C  "C2'" . DA  A 1 7  ? -3.213  -5.331  -3.279  1.00 42.28 ? 7   DA  A "C2'" 1 
ATOM   129 C  "C1'" . DA  A 1 7  ? -2.244  -4.162  -3.148  1.00 44.03 ? 7   DA  A "C1'" 1 
ATOM   130 N  N9    . DA  A 1 7  ? -2.494  -3.278  -2.013  1.00 36.85 ? 7   DA  A N9    1 
ATOM   131 C  C8    . DA  A 1 7  ? -3.694  -2.798  -1.570  1.00 35.54 ? 7   DA  A C8    1 
ATOM   132 N  N7    . DA  A 1 7  ? -3.597  -2.001  -0.530  1.00 32.91 ? 7   DA  A N7    1 
ATOM   133 C  C5    . DA  A 1 7  ? -2.239  -1.950  -0.271  1.00 29.76 ? 7   DA  A C5    1 
ATOM   134 C  C6    . DA  A 1 7  ? -1.475  -1.279  0.703   1.00 26.70 ? 7   DA  A C6    1 
ATOM   135 N  N6    . DA  A 1 7  ? -1.958  -0.476  1.662   1.00 28.48 ? 7   DA  A N6    1 
ATOM   136 N  N1    . DA  A 1 7  ? -0.149  -1.464  0.645   1.00 29.79 ? 7   DA  A N1    1 
ATOM   137 C  C2    . DA  A 1 7  ? 0.381   -2.256  -0.287  1.00 29.39 ? 7   DA  A C2    1 
ATOM   138 N  N3    . DA  A 1 7  ? -0.228  -2.928  -1.252  1.00 32.45 ? 7   DA  A N3    1 
ATOM   139 C  C4    . DA  A 1 7  ? -1.550  -2.731  -1.183  1.00 31.49 ? 7   DA  A C4    1 
ATOM   140 P  P     . DA  A 1 8  ? -2.155  -7.861  -4.954  1.00 60.37 ? 8   DA  A P     1 
ATOM   141 O  OP1   . DA  A 1 8  ? -1.597  -8.558  -6.134  1.00 67.00 ? 8   DA  A OP1   1 
ATOM   142 O  OP2   . DA  A 1 8  ? -3.427  -8.315  -4.342  1.00 56.57 ? 8   DA  A OP2   1 
ATOM   143 O  "O5'" . DA  A 1 8  ? -1.040  -7.859  -3.816  1.00 49.54 ? 8   DA  A "O5'" 1 
ATOM   144 C  "C5'" . DA  A 1 8  ? 0.151   -7.154  -4.106  1.00 51.71 ? 8   DA  A "C5'" 1 
ATOM   145 C  "C4'" . DA  A 1 8  ? 1.114   -7.259  -2.946  1.00 55.93 ? 8   DA  A "C4'" 1 
ATOM   146 O  "O4'" . DA  A 1 8  ? 0.735   -6.311  -1.920  1.00 54.85 ? 8   DA  A "O4'" 1 
ATOM   147 C  "C3'" . DA  A 1 8  ? 1.171   -8.628  -2.282  1.00 53.56 ? 8   DA  A "C3'" 1 
ATOM   148 O  "O3'" . DA  A 1 8  ? 2.544   -8.903  -2.077  1.00 62.82 ? 8   DA  A "O3'" 1 
ATOM   149 C  "C2'" . DA  A 1 8  ? 0.391   -8.430  -0.981  1.00 49.68 ? 8   DA  A "C2'" 1 
ATOM   150 C  "C1'" . DA  A 1 8  ? 0.665   -6.964  -0.672  1.00 47.07 ? 8   DA  A "C1'" 1 
ATOM   151 N  N9    . DA  A 1 8  ? -0.373  -6.257  0.067   1.00 37.55 ? 8   DA  A N9    1 
ATOM   152 C  C8    . DA  A 1 8  ? -1.726  -6.273  -0.130  1.00 38.90 ? 8   DA  A C8    1 
ATOM   153 N  N7    . DA  A 1 8  ? -2.393  -5.505  0.701   1.00 32.33 ? 8   DA  A N7    1 
ATOM   154 C  C5    . DA  A 1 8  ? -1.405  -4.941  1.488   1.00 33.91 ? 8   DA  A C5    1 
ATOM   155 C  C6    . DA  A 1 8  ? -1.445  -4.037  2.559   1.00 33.47 ? 8   DA  A C6    1 
ATOM   156 N  N6    . DA  A 1 8  ? -2.571  -3.495  3.050   1.00 32.03 ? 8   DA  A N6    1 
ATOM   157 N  N1    . DA  A 1 8  ? -0.260  -3.693  3.105   1.00 37.88 ? 8   DA  A N1    1 
ATOM   158 C  C2    . DA  A 1 8  ? 0.878   -4.210  2.630   1.00 42.96 ? 8   DA  A C2    1 
ATOM   159 N  N3    . DA  A 1 8  ? 1.034   -5.072  1.628   1.00 32.95 ? 8   DA  A N3    1 
ATOM   160 C  C4    . DA  A 1 8  ? -0.157  -5.393  1.103   1.00 36.01 ? 8   DA  A C4    1 
ATOM   161 P  P     . DT  A 1 9  ? 3.033   -10.355 -1.596  1.00 63.84 ? 9   DT  A P     1 
ATOM   162 O  OP1   . DT  A 1 9  ? 4.201   -10.705 -2.438  1.00 74.75 ? 9   DT  A OP1   1 
ATOM   163 O  OP2   . DT  A 1 9  ? 1.867   -11.265 -1.510  1.00 56.01 ? 9   DT  A OP2   1 
ATOM   164 O  "O5'" . DT  A 1 9  ? 3.538   -10.088 -0.104  1.00 57.47 ? 9   DT  A "O5'" 1 
ATOM   165 C  "C5'" . DT  A 1 9  ? 4.259   -8.889  0.146   1.00 40.16 ? 9   DT  A "C5'" 1 
ATOM   166 C  "C4'" . DT  A 1 9  ? 4.439   -8.671  1.634   1.00 40.11 ? 9   DT  A "C4'" 1 
ATOM   167 O  "O4'" . DT  A 1 9  ? 3.309   -7.942  2.161   1.00 43.81 ? 9   DT  A "O4'" 1 
ATOM   168 C  "C3'" . DT  A 1 9  ? 4.580   -9.940  2.462   1.00 32.72 ? 9   DT  A "C3'" 1 
ATOM   169 O  "O3'" . DT  A 1 9  ? 5.908   -9.911  3.006   1.00 39.02 ? 9   DT  A "O3'" 1 
ATOM   170 C  "C2'" . DT  A 1 9  ? 3.454   -9.856  3.514   1.00 32.69 ? 9   DT  A "C2'" 1 
ATOM   171 C  "C1'" . DT  A 1 9  ? 3.018   -8.392  3.471   1.00 33.98 ? 9   DT  A "C1'" 1 
ATOM   172 N  N1    . DT  A 1 9  ? 1.568   -8.028  3.682   1.00 30.59 ? 9   DT  A N1    1 
ATOM   173 C  C2    . DT  A 1 9  ? 1.269   -7.102  4.660   1.00 29.72 ? 9   DT  A C2    1 
ATOM   174 O  O2    . DT  A 1 9  ? 2.091   -6.584  5.389   1.00 32.08 ? 9   DT  A O2    1 
ATOM   175 N  N3    . DT  A 1 9  ? -0.057  -6.795  4.784   1.00 24.44 ? 9   DT  A N3    1 
ATOM   176 C  C4    . DT  A 1 9  ? -1.108  -7.274  4.056   1.00 32.23 ? 9   DT  A C4    1 
ATOM   177 O  O4    . DT  A 1 9  ? -2.254  -6.886  4.294   1.00 33.17 ? 9   DT  A O4    1 
ATOM   178 C  C5    . DT  A 1 9  ? -0.740  -8.235  3.037   1.00 37.01 ? 9   DT  A C5    1 
ATOM   179 C  C7    . DT  A 1 9  ? -1.802  -8.842  2.167   1.00 39.85 ? 9   DT  A C7    1 
ATOM   180 C  C6    . DT  A 1 9  ? 0.560   -8.556  2.896   1.00 28.35 ? 9   DT  A C6    1 
ATOM   181 P  P     . DG  A 1 10 ? 6.576   -11.229 3.644   1.00 41.01 ? 10  DG  A P     1 
ATOM   182 O  OP1   . DG  A 1 10 ? 8.043   -11.024 3.665   1.00 49.49 ? 10  DG  A OP1   1 
ATOM   183 O  OP2   . DG  A 1 10 ? 6.005   -12.425 2.985   1.00 40.50 ? 10  DG  A OP2   1 
ATOM   184 O  "O5'" . DG  A 1 10 ? 6.064   -11.225 5.153   1.00 31.36 ? 10  DG  A "O5'" 1 
ATOM   185 C  "C5'" . DG  A 1 10 ? 6.531   -10.260 6.068   1.00 28.74 ? 10  DG  A "C5'" 1 
ATOM   186 C  "C4'" . DG  A 1 10 ? 5.702   -10.344 7.332   1.00 25.58 ? 10  DG  A "C4'" 1 
ATOM   187 O  "O4'" . DG  A 1 10 ? 4.344   -9.914  7.032   1.00 26.98 ? 10  DG  A "O4'" 1 
ATOM   188 C  "C3'" . DG  A 1 10 ? 5.550   -11.737 7.922   1.00 23.44 ? 10  DG  A "C3'" 1 
ATOM   189 O  "O3'" . DG  A 1 10 ? 5.487   -11.567 9.290   1.00 27.86 ? 10  DG  A "O3'" 1 
ATOM   190 C  "C2'" . DG  A 1 10 ? 4.169   -12.170 7.452   1.00 27.26 ? 10  DG  A "C2'" 1 
ATOM   191 C  "C1'" . DG  A 1 10 ? 3.471   -10.836 7.654   1.00 23.90 ? 10  DG  A "C1'" 1 
ATOM   192 N  N9    . DG  A 1 10 ? 2.160   -10.726 7.030   1.00 23.42 ? 10  DG  A N9    1 
ATOM   193 C  C8    . DG  A 1 10 ? 1.645   -11.415 5.961   1.00 26.38 ? 10  DG  A C8    1 
ATOM   194 N  N7    . DG  A 1 10 ? 0.419   -11.058 5.662   1.00 23.54 ? 10  DG  A N7    1 
ATOM   195 C  C5    . DG  A 1 10 ? 0.117   -10.074 6.597   1.00 23.26 ? 10  DG  A C5    1 
ATOM   196 C  C6    . DG  A 1 10 ? -1.061  -9.322  6.781   1.00 23.02 ? 10  DG  A C6    1 
ATOM   197 O  O6    . DG  A 1 10 ? -2.108  -9.378  6.126   1.00 23.00 ? 10  DG  A O6    1 
ATOM   198 N  N1    . DG  A 1 10 ? -0.930  -8.438  7.845   1.00 22.78 ? 10  DG  A N1    1 
ATOM   199 C  C2    . DG  A 1 10 ? 0.185   -8.304  8.633   1.00 22.76 ? 10  DG  A C2    1 
ATOM   200 N  N2    . DG  A 1 10 ? 0.128   -7.408  9.626   1.00 22.49 ? 10  DG  A N2    1 
ATOM   201 N  N3    . DG  A 1 10 ? 1.297   -9.005  8.474   1.00 23.74 ? 10  DG  A N3    1 
ATOM   202 C  C4    . DG  A 1 10 ? 1.176   -9.861  7.439   1.00 23.20 ? 10  DG  A C4    1 
ATOM   203 P  P     . DC  A 1 11 ? 6.523   -12.307 10.260  1.00 38.15 ? 11  DC  A P     1 
ATOM   204 O  OP1   . DC  A 1 11 ? 7.882   -11.888 9.852   1.00 42.14 ? 11  DC  A OP1   1 
ATOM   205 O  OP2   . DC  A 1 11 ? 6.133   -13.735 10.309  1.00 42.16 ? 11  DC  A OP2   1 
ATOM   206 O  "O5'" . DC  A 1 11 ? 6.208   -11.671 11.691  1.00 29.54 ? 11  DC  A "O5'" 1 
ATOM   207 C  "C5'" . DC  A 1 11 ? 6.340   -10.268 11.908  1.00 26.96 ? 11  DC  A "C5'" 1 
ATOM   208 C  "C4'" . DC  A 1 11 ? 5.265   -9.852  12.886  1.00 26.94 ? 11  DC  A "C4'" 1 
ATOM   209 O  "O4'" . DC  A 1 11 ? 4.001   -9.809  12.173  1.00 29.37 ? 11  DC  A "O4'" 1 
ATOM   210 C  "C3'" . DC  A 1 11 ? 5.073   -10.836 14.026  1.00 31.55 ? 11  DC  A "C3'" 1 
ATOM   211 O  "O3'" . DC  A 1 11 ? 4.844   -10.140 15.249  1.00 45.59 ? 11  DC  A "O3'" 1 
ATOM   212 C  "C2'" . DC  A 1 11 ? 3.843   -11.637 13.602  1.00 33.89 ? 11  DC  A "C2'" 1 
ATOM   213 C  "C1'" . DC  A 1 11 ? 3.037   -10.580 12.862  1.00 28.33 ? 11  DC  A "C1'" 1 
ATOM   214 N  N1    . DC  A 1 11 ? 2.115   -11.127 11.834  1.00 24.06 ? 11  DC  A N1    1 
ATOM   215 C  C2    . DC  A 1 11 ? 0.845   -10.558 11.663  1.00 23.77 ? 11  DC  A C2    1 
ATOM   216 O  O2    . DC  A 1 11 ? 0.528   -9.607  12.379  1.00 25.91 ? 11  DC  A O2    1 
ATOM   217 N  N3    . DC  A 1 11 ? 0.014   -11.051 10.713  1.00 21.33 ? 11  DC  A N3    1 
ATOM   218 C  C4    . DC  A 1 11 ? 0.396   -12.076 9.955   1.00 22.36 ? 11  DC  A C4    1 
ATOM   219 N  N4    . DC  A 1 11 ? -0.446  -12.541 9.031   1.00 22.73 ? 11  DC  A N4    1 
ATOM   220 C  C5    . DC  A 1 11 ? 1.684   -12.670 10.111  1.00 22.51 ? 11  DC  A C5    1 
ATOM   221 C  C6    . DC  A 1 11 ? 2.493   -12.170 11.053  1.00 23.60 ? 11  DC  A C6    1 
ATOM   222 P  P     . DG  A 1 12 ? 5.074   -10.887 16.654  1.00 50.73 ? 12  DG  A P     1 
ATOM   223 O  OP1   . DG  A 1 12 ? 5.994   -10.025 17.428  1.00 42.99 ? 12  DG  A OP1   1 
ATOM   224 O  OP2   . DG  A 1 12 ? 5.366   -12.321 16.415  1.00 53.94 ? 12  DG  A OP2   1 
ATOM   225 O  "O5'" . DG  A 1 12 ? 3.640   -10.846 17.360  1.00 37.90 ? 12  DG  A "O5'" 1 
ATOM   226 C  "C5'" . DG  A 1 12 ? 3.156   -9.616  17.865  1.00 35.09 ? 12  DG  A "C5'" 1 
ATOM   227 C  "C4'" . DG  A 1 12 ? 1.643   -9.686  17.926  1.00 21.93 ? 12  DG  A "C4'" 1 
ATOM   228 O  "O4'" . DG  A 1 12 ? 1.144   -9.846  16.578  1.00 23.64 ? 12  DG  A "O4'" 1 
ATOM   229 C  "C3'" . DG  A 1 12 ? 1.081   -10.877 18.680  1.00 30.11 ? 12  DG  A "C3'" 1 
ATOM   230 O  "O3'" . DG  A 1 12 ? 0.928   -10.519 20.047  1.00 38.56 ? 12  DG  A "O3'" 1 
ATOM   231 C  "C2'" . DG  A 1 12 ? -0.286  -11.069 18.041  1.00 27.22 ? 12  DG  A "C2'" 1 
ATOM   232 C  "C1'" . DG  A 1 12 ? -0.103  -10.505 16.641  1.00 26.36 ? 12  DG  A "C1'" 1 
ATOM   233 N  N9    . DG  A 1 12 ? -0.062  -11.497 15.582  1.00 21.42 ? 12  DG  A N9    1 
ATOM   234 C  C8    . DG  A 1 12 ? 1.000   -12.289 15.227  1.00 26.29 ? 12  DG  A C8    1 
ATOM   235 N  N7    . DG  A 1 12 ? 0.745   -13.069 14.213  1.00 24.41 ? 12  DG  A N7    1 
ATOM   236 C  C5    . DG  A 1 12 ? -0.563  -12.757 13.882  1.00 19.88 ? 12  DG  A C5    1 
ATOM   237 C  C6    . DG  A 1 12 ? -1.389  -13.274 12.872  1.00 24.15 ? 12  DG  A C6    1 
ATOM   238 O  O6    . DG  A 1 12 ? -1.105  -14.145 12.040  1.00 29.19 ? 12  DG  A O6    1 
ATOM   239 N  N1    . DG  A 1 12 ? -2.641  -12.685 12.888  1.00 20.42 ? 12  DG  A N1    1 
ATOM   240 C  C2    . DG  A 1 12 ? -3.073  -11.731 13.775  1.00 24.84 ? 12  DG  A C2    1 
ATOM   241 N  N2    . DG  A 1 12 ? -4.325  -11.289 13.637  1.00 20.21 ? 12  DG  A N2    1 
ATOM   242 N  N3    . DG  A 1 12 ? -2.308  -11.229 14.724  1.00 19.43 ? 12  DG  A N3    1 
ATOM   243 C  C4    . DG  A 1 12 ? -1.081  -11.792 14.717  1.00 18.50 ? 12  DG  A C4    1 
ATOM   244 O  "O5'" . DC  B 2 1  ? -11.149 -15.469 10.158  1.00 38.59 ? 1   DC  B "O5'" 1 
ATOM   245 C  "C5'" . DC  B 2 1  ? -10.902 -14.568 9.103   1.00 32.04 ? 1   DC  B "C5'" 1 
ATOM   246 C  "C4'" . DC  B 2 1  ? -10.121 -13.373 9.616   1.00 35.77 ? 1   DC  B "C4'" 1 
ATOM   247 O  "O4'" . DC  B 2 1  ? -8.862  -13.809 10.211  1.00 33.80 ? 1   DC  B "O4'" 1 
ATOM   248 C  "C3'" . DC  B 2 1  ? -9.741  -12.378 8.529   1.00 38.77 ? 1   DC  B "C3'" 1 
ATOM   249 O  "O3'" . DC  B 2 1  ? -9.793  -11.099 9.071   1.00 39.22 ? 1   DC  B "O3'" 1 
ATOM   250 C  "C2'" . DC  B 2 1  ? -8.284  -12.723 8.263   1.00 40.31 ? 1   DC  B "C2'" 1 
ATOM   251 C  "C1'" . DC  B 2 1  ? -7.861  -12.948 9.707   1.00 31.31 ? 1   DC  B "C1'" 1 
ATOM   252 N  N1    . DC  B 2 1  ? -6.528  -13.548 9.782   1.00 31.12 ? 1   DC  B N1    1 
ATOM   253 C  C2    . DC  B 2 1  ? -5.658  -13.123 10.781  1.00 26.00 ? 1   DC  B C2    1 
ATOM   254 O  O2    . DC  B 2 1  ? -6.061  -12.277 11.586  1.00 30.63 ? 1   DC  B O2    1 
ATOM   255 N  N3    . DC  B 2 1  ? -4.422  -13.663 10.834  1.00 26.73 ? 1   DC  B N3    1 
ATOM   256 C  C4    . DC  B 2 1  ? -4.053  -14.574 9.923   1.00 28.83 ? 1   DC  B C4    1 
ATOM   257 N  N4    . DC  B 2 1  ? -2.829  -15.101 9.986   1.00 35.08 ? 1   DC  B N4    1 
ATOM   258 C  C5    . DC  B 2 1  ? -4.934  -15.007 8.891   1.00 32.26 ? 1   DC  B C5    1 
ATOM   259 C  C6    . DC  B 2 1  ? -6.150  -14.461 8.852   1.00 27.30 ? 1   DC  B C6    1 
ATOM   260 P  P     . DG  B 2 2  ? -10.753 -9.974  8.444   1.00 43.65 ? 2   DG  B P     1 
ATOM   261 O  OP1   . DG  B 2 2  ? -12.146 -10.472 8.552   1.00 46.34 ? 2   DG  B OP1   1 
ATOM   262 O  OP2   . DG  B 2 2  ? -10.191 -9.550  7.137   1.00 47.26 ? 2   DG  B OP2   1 
ATOM   263 O  "O5'" . DG  B 2 2  ? -10.575 -8.764  9.466   1.00 34.37 ? 2   DG  B "O5'" 1 
ATOM   264 C  "C5'" . DG  B 2 2  ? -10.798 -9.006  10.858  1.00 27.53 ? 2   DG  B "C5'" 1 
ATOM   265 C  "C4'" . DG  B 2 2  ? -9.715  -8.292  11.624  1.00 24.38 ? 2   DG  B "C4'" 1 
ATOM   266 O  "O4'" . DG  B 2 2  ? -8.484  -9.048  11.480  1.00 24.13 ? 2   DG  B "O4'" 1 
ATOM   267 C  "C3'" . DG  B 2 2  ? -9.475  -6.907  11.052  1.00 23.02 ? 2   DG  B "C3'" 1 
ATOM   268 O  "O3'" . DG  B 2 2  ? -9.590  -5.933  12.074  1.00 23.10 ? 2   DG  B "O3'" 1 
ATOM   269 C  "C2'" . DG  B 2 2  ? -8.069  -6.988  10.467  1.00 27.30 ? 2   DG  B "C2'" 1 
ATOM   270 C  "C1'" . DG  B 2 2  ? -7.421  -8.156  11.203  1.00 26.83 ? 2   DG  B "C1'" 1 
ATOM   271 N  N9    . DG  B 2 2  ? -6.467  -8.919  10.396  1.00 23.81 ? 2   DG  B N9    1 
ATOM   272 C  C8    . DG  B 2 2  ? -6.775  -9.579  9.232   1.00 26.54 ? 2   DG  B C8    1 
ATOM   273 N  N7    . DG  B 2 2  ? -5.757  -10.198 8.695   1.00 22.95 ? 2   DG  B N7    1 
ATOM   274 C  C5    . DG  B 2 2  ? -4.711  -9.938  9.571   1.00 23.30 ? 2   DG  B C5    1 
ATOM   275 C  C6    . DG  B 2 2  ? -3.374  -10.370 9.514   1.00 24.37 ? 2   DG  B C6    1 
ATOM   276 O  O6    . DG  B 2 2  ? -2.860  -11.073 8.636   1.00 24.23 ? 2   DG  B O6    1 
ATOM   277 N  N1    . DG  B 2 2  ? -2.620  -9.892  10.582  1.00 24.04 ? 2   DG  B N1    1 
ATOM   278 C  C2    . DG  B 2 2  ? -3.107  -9.106  11.606  1.00 23.72 ? 2   DG  B C2    1 
ATOM   279 N  N2    . DG  B 2 2  ? -2.206  -8.755  12.538  1.00 23.96 ? 2   DG  B N2    1 
ATOM   280 N  N3    . DG  B 2 2  ? -4.376  -8.705  11.679  1.00 23.20 ? 2   DG  B N3    1 
ATOM   281 C  C4    . DG  B 2 2  ? -5.121  -9.159  10.632  1.00 22.99 ? 2   DG  B C4    1 
ATOM   282 P  P     . DC  B 2 3  ? -9.546  -4.369  11.726  1.00 31.29 ? 3   DC  B P     1 
ATOM   283 O  OP1   . DC  B 2 3  ? -10.272 -3.702  12.830  1.00 39.43 ? 3   DC  B OP1   1 
ATOM   284 O  OP2   . DC  B 2 3  ? -9.985  -4.190  10.326  1.00 36.20 ? 3   DC  B OP2   1 
ATOM   285 O  "O5'" . DC  B 2 3  ? -7.993  -3.970  11.791  1.00 26.94 ? 3   DC  B "O5'" 1 
ATOM   286 C  "C5'" . DC  B 2 3  ? -7.344  -3.941  13.049  1.00 23.39 ? 3   DC  B "C5'" 1 
ATOM   287 C  "C4'" . DC  B 2 3  ? -5.850  -3.894  12.836  1.00 23.67 ? 3   DC  B "C4'" 1 
ATOM   288 O  "O4'" . DC  B 2 3  ? -5.458  -5.020  12.029  1.00 24.31 ? 3   DC  B "O4'" 1 
ATOM   289 C  "C3'" . DC  B 2 3  ? -5.406  -2.687  12.045  1.00 24.39 ? 3   DC  B "C3'" 1 
ATOM   290 O  "O3'" . DC  B 2 3  ? -5.130  -1.688  12.976  1.00 29.65 ? 3   DC  B "O3'" 1 
ATOM   291 C  "C2'" . DC  B 2 3  ? -4.127  -3.148  11.359  1.00 30.03 ? 3   DC  B "C2'" 1 
ATOM   292 C  "C1'" . DC  B 2 3  ? -4.235  -4.664  11.388  1.00 24.50 ? 3   DC  B "C1'" 1 
ATOM   293 N  N1    . DC  B 2 3  ? -4.278  -5.387  10.114  1.00 24.57 ? 3   DC  B N1    1 
ATOM   294 C  C2    . DC  B 2 3  ? -3.165  -6.121  9.722   1.00 25.34 ? 3   DC  B C2    1 
ATOM   295 O  O2    . DC  B 2 3  ? -2.175  -6.054  10.444  1.00 25.24 ? 3   DC  B O2    1 
ATOM   296 N  N3    . DC  B 2 3  ? -3.213  -6.833  8.578   1.00 25.06 ? 3   DC  B N3    1 
ATOM   297 C  C4    . DC  B 2 3  ? -4.322  -6.849  7.842   1.00 24.72 ? 3   DC  B C4    1 
ATOM   298 N  N4    . DC  B 2 3  ? -4.343  -7.559  6.715   1.00 24.83 ? 3   DC  B N4    1 
ATOM   299 C  C5    . DC  B 2 3  ? -5.475  -6.111  8.231   1.00 24.60 ? 3   DC  B C5    1 
ATOM   300 C  C6    . DC  B 2 3  ? -5.402  -5.407  9.363   1.00 24.21 ? 3   DC  B C6    1 
ATOM   301 P  P     . DA  B 2 4  ? -4.742  -0.198  12.487  1.00 38.22 ? 4   DA  B P     1 
ATOM   302 O  OP1   . DA  B 2 4  ? -4.975  0.690   13.647  1.00 49.38 ? 4   DA  B OP1   1 
ATOM   303 O  OP2   . DA  B 2 4  ? -5.421  0.051   11.195  1.00 41.36 ? 4   DA  B OP2   1 
ATOM   304 O  "O5'" . DA  B 2 4  ? -3.174  -0.280  12.200  1.00 34.33 ? 4   DA  B "O5'" 1 
ATOM   305 C  "C5'" . DA  B 2 4  ? -2.328  -0.740  13.238  1.00 36.34 ? 4   DA  B "C5'" 1 
ATOM   306 C  "C4'" . DA  B 2 4  ? -0.912  -0.925  12.737  1.00 31.11 ? 4   DA  B "C4'" 1 
ATOM   307 O  "O4'" . DA  B 2 4  ? -0.874  -1.955  11.715  1.00 35.04 ? 4   DA  B "O4'" 1 
ATOM   308 C  "C3'" . DA  B 2 4  ? -0.291  0.311   12.103  1.00 40.19 ? 4   DA  B "C3'" 1 
ATOM   309 O  "O3'" . DA  B 2 4  ? 1.076   0.341   12.452  1.00 46.56 ? 4   DA  B "O3'" 1 
ATOM   310 C  "C2'" . DA  B 2 4  ? -0.479  0.087   10.605  1.00 37.38 ? 4   DA  B "C2'" 1 
ATOM   311 C  "C1'" . DA  B 2 4  ? -0.365  -1.424  10.503  1.00 33.53 ? 4   DA  B "C1'" 1 
ATOM   312 N  N9    . DA  B 2 4  ? -1.191  -1.991  9.445   1.00 26.82 ? 4   DA  B N9    1 
ATOM   313 C  C8    . DA  B 2 4  ? -2.469  -1.634  9.104   1.00 30.40 ? 4   DA  B C8    1 
ATOM   314 N  N7    . DA  B 2 4  ? -2.981  -2.347  8.127   1.00 28.52 ? 4   DA  B N7    1 
ATOM   315 C  C5    . DA  B 2 4  ? -1.959  -3.223  7.810   1.00 27.64 ? 4   DA  B C5    1 
ATOM   316 C  C6    . DA  B 2 4  ? -1.865  -4.236  6.855   1.00 30.28 ? 4   DA  B C6    1 
ATOM   317 N  N6    . DA  B 2 4  ? -2.848  -4.545  6.004   1.00 26.09 ? 4   DA  B N6    1 
ATOM   318 N  N1    . DA  B 2 4  ? -0.705  -4.921  6.815   1.00 35.13 ? 4   DA  B N1    1 
ATOM   319 C  C2    . DA  B 2 4  ? 0.289   -4.619  7.661   1.00 36.74 ? 4   DA  B C2    1 
ATOM   320 N  N3    . DA  B 2 4  ? 0.317   -3.682  8.604   1.00 27.57 ? 4   DA  B N3    1 
ATOM   321 C  C4    . DA  B 2 4  ? -0.853  -3.024  8.620   1.00 26.62 ? 4   DA  B C4    1 
ATOM   322 P  P     . DT  B 2 5  ? 1.992   1.598   12.047  1.00 50.43 ? 5   DT  B P     1 
ATOM   323 O  OP1   . DT  B 2 5  ? 2.969   1.776   13.146  1.00 57.58 ? 5   DT  B OP1   1 
ATOM   324 O  OP2   . DT  B 2 5  ? 1.120   2.719   11.618  1.00 49.21 ? 5   DT  B OP2   1 
ATOM   325 O  "O5'" . DT  B 2 5  ? 2.762   1.097   10.744  1.00 39.93 ? 5   DT  B "O5'" 1 
ATOM   326 C  "C5'" . DT  B 2 5  ? 3.527   -0.094  10.843  1.00 38.51 ? 5   DT  B "C5'" 1 
ATOM   327 C  "C4'" . DT  B 2 5  ? 3.945   -0.548  9.461   1.00 44.15 ? 5   DT  B "C4'" 1 
ATOM   328 O  "O4'" . DT  B 2 5  ? 2.782   -0.983  8.716   1.00 41.87 ? 5   DT  B "O4'" 1 
ATOM   329 C  "C3'" . DT  B 2 5  ? 4.616   0.521   8.607   1.00 47.96 ? 5   DT  B "C3'" 1 
ATOM   330 O  "O3'" . DT  B 2 5  ? 5.925   0.039   8.321   1.00 56.63 ? 5   DT  B "O3'" 1 
ATOM   331 C  "C2'" . DT  B 2 5  ? 3.725   0.642   7.364   1.00 40.90 ? 5   DT  B "C2'" 1 
ATOM   332 C  "C1'" . DT  B 2 5  ? 3.010   -0.708  7.350   1.00 35.36 ? 5   DT  B "C1'" 1 
ATOM   333 N  N1    . DT  B 2 5  ? 1.675   -0.819  6.678   1.00 32.72 ? 5   DT  B N1    1 
ATOM   334 C  C2    . DT  B 2 5  ? 1.497   -1.813  5.737   1.00 29.58 ? 5   DT  B C2    1 
ATOM   335 O  O2    . DT  B 2 5  ? 2.364   -2.594  5.395   1.00 31.80 ? 5   DT  B O2    1 
ATOM   336 N  N3    . DT  B 2 5  ? 0.251   -1.865  5.185   1.00 29.02 ? 5   DT  B N3    1 
ATOM   337 C  C4    . DT  B 2 5  ? -0.839  -1.074  5.454   1.00 36.96 ? 5   DT  B C4    1 
ATOM   338 O  O4    . DT  B 2 5  ? -1.906  -1.256  4.867   1.00 32.87 ? 5   DT  B O4    1 
ATOM   339 C  C5    . DT  B 2 5  ? -0.601  -0.054  6.455   1.00 31.69 ? 5   DT  B C5    1 
ATOM   340 C  C7    . DT  B 2 5  ? -1.703  0.888   6.841   1.00 33.06 ? 5   DT  B C7    1 
ATOM   341 C  C6    . DT  B 2 5  ? 0.625   0.020   7.015   1.00 30.90 ? 5   DT  B C6    1 
ATOM   342 P  P     . DT  B 2 6  ? 7.051   1.011   7.706   1.00 66.37 ? 6   DT  B P     1 
ATOM   343 O  OP1   . DT  B 2 6  ? 8.333   0.685   8.376   1.00 62.14 ? 6   DT  B OP1   1 
ATOM   344 O  OP2   . DT  B 2 6  ? 6.533   2.399   7.693   1.00 62.75 ? 6   DT  B OP2   1 
ATOM   345 O  "O5'" . DT  B 2 6  ? 7.158   0.531   6.190   1.00 53.92 ? 6   DT  B "O5'" 1 
ATOM   346 C  "C5'" . DT  B 2 6  ? 7.233   -0.861  5.948   1.00 46.94 ? 6   DT  B "C5'" 1 
ATOM   347 C  "C4'" . DT  B 2 6  ? 6.952   -1.139  4.487   1.00 48.40 ? 6   DT  B "C4'" 1 
ATOM   348 O  "O4'" . DT  B 2 6  ? 5.525   -1.128  4.249   1.00 51.92 ? 6   DT  B "O4'" 1 
ATOM   349 C  "C3'" . DT  B 2 6  ? 7.566   -0.138  3.515   1.00 48.42 ? 6   DT  B "C3'" 1 
ATOM   350 O  "O3'" . DT  B 2 6  ? 8.325   -0.911  2.599   1.00 60.09 ? 6   DT  B "O3'" 1 
ATOM   351 C  "C2'" . DT  B 2 6  ? 6.355   0.556   2.882   1.00 42.92 ? 6   DT  B "C2'" 1 
ATOM   352 C  "C1'" . DT  B 2 6  ? 5.274   -0.508  3.012   1.00 42.39 ? 6   DT  B "C1'" 1 
ATOM   353 N  N1    . DT  B 2 6  ? 3.864   -0.037  3.063   1.00 37.31 ? 6   DT  B N1    1 
ATOM   354 C  C2    . DT  B 2 6  ? 2.943   -0.729  2.317   1.00 30.33 ? 6   DT  B C2    1 
ATOM   355 O  O2    . DT  B 2 6  ? 3.234   -1.679  1.612   1.00 33.52 ? 6   DT  B O2    1 
ATOM   356 N  N3    . DT  B 2 6  ? 1.671   -0.251  2.421   1.00 27.90 ? 6   DT  B N3    1 
ATOM   357 C  C4    . DT  B 2 6  ? 1.204   0.809   3.166   1.00 27.75 ? 6   DT  B C4    1 
ATOM   358 O  O4    . DT  B 2 6  ? 0.012   1.124   3.165   1.00 33.00 ? 6   DT  B O4    1 
ATOM   359 C  C5    . DT  B 2 6  ? 2.222   1.489   3.934   1.00 31.89 ? 6   DT  B C5    1 
ATOM   360 C  C7    . DT  B 2 6  ? 1.855   2.660   4.797   1.00 38.29 ? 6   DT  B C7    1 
ATOM   361 C  C6    . DT  B 2 6  ? 3.485   1.036   3.850   1.00 28.85 ? 6   DT  B C6    1 
ATOM   362 P  P     . DA  B 2 7  ? 9.340   -0.223  1.558   1.00 67.42 ? 7   DA  B P     1 
ATOM   363 O  OP1   . DA  B 2 7  ? 10.657  -0.877  1.744   1.00 76.59 ? 7   DA  B OP1   1 
ATOM   364 O  OP2   . DA  B 2 7  ? 9.220   1.253   1.617   1.00 62.30 ? 7   DA  B OP2   1 
ATOM   365 O  "O5'" . DA  B 2 7  ? 8.764   -0.685  0.152   1.00 71.18 ? 7   DA  B "O5'" 1 
ATOM   366 C  "C5'" . DA  B 2 7  ? 8.241   -2.000  0.068   1.00 68.09 ? 7   DA  B "C5'" 1 
ATOM   367 C  "C4'" . DA  B 2 7  ? 7.493   -2.171  -1.237  1.00 67.44 ? 7   DA  B "C4'" 1 
ATOM   368 O  "O4'" . DA  B 2 7  ? 6.124   -1.726  -1.082  1.00 66.40 ? 7   DA  B "O4'" 1 
ATOM   369 C  "C3'" . DA  B 2 7  ? 8.070   -1.384  -2.405  1.00 69.40 ? 7   DA  B "C3'" 1 
ATOM   370 O  "O3'" . DA  B 2 7  ? 7.925   -2.188  -3.562  1.00 75.64 ? 7   DA  B "O3'" 1 
ATOM   371 C  "C2'" . DA  B 2 7  ? 7.199   -0.130  -2.450  1.00 62.74 ? 7   DA  B "C2'" 1 
ATOM   372 C  "C1'" . DA  B 2 7  ? 5.854   -0.676  -1.989  1.00 58.20 ? 7   DA  B "C1'" 1 
ATOM   373 N  N9    . DA  B 2 7  ? 5.023   0.279   -1.268  1.00 42.58 ? 7   DA  B N9    1 
ATOM   374 C  C8    . DA  B 2 7  ? 5.407   1.214   -0.348  1.00 46.96 ? 7   DA  B C8    1 
ATOM   375 N  N7    . DA  B 2 7  ? 4.408   1.913   0.139   1.00 36.67 ? 7   DA  B N7    1 
ATOM   376 C  C5    . DA  B 2 7  ? 3.296   1.399   -0.504  1.00 27.95 ? 7   DA  B C5    1 
ATOM   377 C  C6    . DA  B 2 7  ? 1.928   1.713   -0.440  1.00 27.70 ? 7   DA  B C6    1 
ATOM   378 N  N6    . DA  B 2 7  ? 1.384   2.654   0.340   1.00 28.98 ? 7   DA  B N6    1 
ATOM   379 N  N1    . DA  B 2 7  ? 1.112   0.993   -1.227  1.00 33.30 ? 7   DA  B N1    1 
ATOM   380 C  C2    . DA  B 2 7  ? 1.609   0.044   -2.023  1.00 30.42 ? 7   DA  B C2    1 
ATOM   381 N  N3    . DA  B 2 7  ? 2.869   -0.341  -2.160  1.00 35.15 ? 7   DA  B N3    1 
ATOM   382 C  C4    . DA  B 2 7  ? 3.665   0.389   -1.370  1.00 31.73 ? 7   DA  B C4    1 
ATOM   383 P  P     . DT  B 2 8  ? 8.619   -1.774  -4.950  1.00 81.79 ? 8   DT  B P     1 
ATOM   384 O  OP1   . DT  B 2 8  ? 9.378   -2.960  -5.414  1.00 89.25 ? 8   DT  B OP1   1 
ATOM   385 O  OP2   . DT  B 2 8  ? 9.299   -0.466  -4.799  1.00 70.64 ? 8   DT  B OP2   1 
ATOM   386 O  "O5'" . DT  B 2 8  ? 7.370   -1.563  -5.915  1.00 70.53 ? 8   DT  B "O5'" 1 
ATOM   387 C  "C5'" . DT  B 2 8  ? 6.281   -2.453  -5.732  1.00 69.13 ? 8   DT  B "C5'" 1 
ATOM   388 C  "C4'" . DT  B 2 8  ? 5.018   -1.875  -6.336  1.00 71.27 ? 8   DT  B "C4'" 1 
ATOM   389 O  "O4'" . DT  B 2 8  ? 4.393   -0.922  -5.443  1.00 70.11 ? 8   DT  B "O4'" 1 
ATOM   390 C  "C3'" . DT  B 2 8  ? 5.197   -1.157  -7.667  1.00 68.54 ? 8   DT  B "C3'" 1 
ATOM   391 O  "O3'" . DT  B 2 8  ? 4.265   -1.790  -8.517  1.00 78.13 ? 8   DT  B "O3'" 1 
ATOM   392 C  "C2'" . DT  B 2 8  ? 4.848   0.301   -7.348  1.00 57.74 ? 8   DT  B "C2'" 1 
ATOM   393 C  "C1'" . DT  B 2 8  ? 3.838   0.117   -6.222  1.00 52.74 ? 8   DT  B "C1'" 1 
ATOM   394 N  N1    . DT  B 2 8  ? 3.586   1.257   -5.281  1.00 38.84 ? 8   DT  B N1    1 
ATOM   395 C  C2    . DT  B 2 8  ? 2.279   1.649   -5.062  1.00 36.88 ? 8   DT  B C2    1 
ATOM   396 O  O2    . DT  B 2 8  ? 1.313   1.144   -5.604  1.00 43.12 ? 8   DT  B O2    1 
ATOM   397 N  N3    . DT  B 2 8  ? 2.132   2.679   -4.175  1.00 35.58 ? 8   DT  B N3    1 
ATOM   398 C  C4    . DT  B 2 8  ? 3.123   3.346   -3.483  1.00 30.05 ? 8   DT  B C4    1 
ATOM   399 O  O4    . DT  B 2 8  ? 2.860   4.257   -2.695  1.00 33.87 ? 8   DT  B O4    1 
ATOM   400 C  C5    . DT  B 2 8  ? 4.468   2.880   -3.749  1.00 42.81 ? 8   DT  B C5    1 
ATOM   401 C  C7    . DT  B 2 8  ? 5.635   3.526   -3.056  1.00 46.52 ? 8   DT  B C7    1 
ATOM   402 C  C6    . DT  B 2 8  ? 4.636   1.871   -4.622  1.00 37.13 ? 8   DT  B C6    1 
ATOM   403 P  P     . DA  B 2 9  ? 4.320   -1.600  -10.110 1.00 63.82 ? 9   DA  B P     1 
ATOM   404 O  OP1   . DA  B 2 9  ? 4.493   -2.954  -10.687 1.00 64.56 ? 9   DA  B OP1   1 
ATOM   405 O  OP2   . DA  B 2 9  ? 5.267   -0.509  -10.450 1.00 53.49 ? 9   DA  B OP2   1 
ATOM   406 O  "O5'" . DA  B 2 9  ? 2.843   -1.095  -10.443 1.00 48.89 ? 9   DA  B "O5'" 1 
ATOM   407 C  "C5'" . DA  B 2 9  ? 1.799   -1.633  -9.637  1.00 44.19 ? 9   DA  B "C5'" 1 
ATOM   408 C  "C4'" . DA  B 2 9  ? 0.497   -0.881  -9.825  1.00 45.11 ? 9   DA  B "C4'" 1 
ATOM   409 O  "O4'" . DA  B 2 9  ? 0.433   0.273   -8.955  1.00 48.08 ? 9   DA  B "O4'" 1 
ATOM   410 C  "C3'" . DA  B 2 9  ? 0.273   -0.349  -11.227 1.00 39.05 ? 9   DA  B "C3'" 1 
ATOM   411 O  "O3'" . DA  B 2 9  ? -1.109  -0.447  -11.523 1.00 44.55 ? 9   DA  B "O3'" 1 
ATOM   412 C  "C2'" . DA  B 2 9  ? 0.741   1.103   -11.136 1.00 44.30 ? 9   DA  B "C2'" 1 
ATOM   413 C  "C1'" . DA  B 2 9  ? 0.354   1.471   -9.711  1.00 43.51 ? 9   DA  B "C1'" 1 
ATOM   414 N  N9    . DA  B 2 9  ? 1.294   2.338   -9.031  1.00 39.95 ? 9   DA  B N9    1 
ATOM   415 C  C8    . DA  B 2 9  ? 2.657   2.277   -9.101  1.00 42.74 ? 9   DA  B C8    1 
ATOM   416 N  N7    . DA  B 2 9  ? 3.266   3.160   -8.351  1.00 33.00 ? 9   DA  B N7    1 
ATOM   417 C  C5    . DA  B 2 9  ? 2.227   3.830   -7.742  1.00 38.50 ? 9   DA  B C5    1 
ATOM   418 C  C6    . DA  B 2 9  ? 2.226   4.878   -6.827  1.00 32.17 ? 9   DA  B C6    1 
ATOM   419 N  N6    . DA  B 2 9  ? 3.351   5.434   -6.364  1.00 26.28 ? 9   DA  B N6    1 
ATOM   420 N  N1    . DA  B 2 9  ? 1.024   5.324   -6.413  1.00 47.44 ? 9   DA  B N1    1 
ATOM   421 C  C2    . DA  B 2 9  ? -0.094  4.754   -6.887  1.00 39.92 ? 9   DA  B C2    1 
ATOM   422 N  N3    . DA  B 2 9  ? -0.214  3.745   -7.749  1.00 28.60 ? 9   DA  B N3    1 
ATOM   423 C  C4    . DA  B 2 9  ? 1.001   3.337   -8.141  1.00 35.93 ? 9   DA  B C4    1 
ATOM   424 P  P     . DG  B 2 10 ? -1.610  -0.276  -13.033 1.00 52.81 ? 10  DG  B P     1 
ATOM   425 O  OP1   . DG  B 2 10 ? -2.845  -1.082  -13.185 1.00 64.95 ? 10  DG  B OP1   1 
ATOM   426 O  OP2   . DG  B 2 10 ? -0.445  -0.482  -13.921 1.00 47.82 ? 10  DG  B OP2   1 
ATOM   427 O  "O5'" . DG  B 2 10 ? -1.996  1.270   -13.143 1.00 45.17 ? 10  DG  B "O5'" 1 
ATOM   428 C  "C5'" . DG  B 2 10 ? -3.026  1.787   -12.330 1.00 42.77 ? 10  DG  B "C5'" 1 
ATOM   429 C  "C4'" . DG  B 2 10 ? -2.898  3.293   -12.300 1.00 33.20 ? 10  DG  B "C4'" 1 
ATOM   430 O  "O4'" . DG  B 2 10 ? -1.706  3.664   -11.556 1.00 29.45 ? 10  DG  B "O4'" 1 
ATOM   431 C  "C3'" . DG  B 2 10 ? -2.752  3.949   -13.670 1.00 26.20 ? 10  DG  B "C3'" 1 
ATOM   432 O  "O3'" . DG  B 2 10 ? -3.490  5.129   -13.679 1.00 28.10 ? 10  DG  B "O3'" 1 
ATOM   433 C  "C2'" . DG  B 2 10 ? -1.283  4.354   -13.710 1.00 25.15 ? 10  DG  B "C2'" 1 
ATOM   434 C  "C1'" . DG  B 2 10 ? -1.137  4.752   -12.255 1.00 24.83 ? 10  DG  B "C1'" 1 
ATOM   435 N  N9    . DG  B 2 10 ? 0.219   5.010   -11.784 1.00 25.02 ? 10  DG  B N9    1 
ATOM   436 C  C8    . DG  B 2 10 ? 1.421   4.499   -12.217 1.00 28.96 ? 10  DG  B C8    1 
ATOM   437 N  N7    . DG  B 2 10 ? 2.442   4.971   -11.547 1.00 25.85 ? 10  DG  B N7    1 
ATOM   438 C  C5    . DG  B 2 10 ? 1.883   5.851   -10.619 1.00 25.12 ? 10  DG  B C5    1 
ATOM   439 C  C6    . DG  B 2 10 ? 2.468   6.667   -9.629  1.00 25.08 ? 10  DG  B C6    1 
ATOM   440 O  O6    . DG  B 2 10 ? 3.661   6.798   -9.327  1.00 25.14 ? 10  DG  B O6    1 
ATOM   441 N  N1    . DG  B 2 10 ? 1.508   7.388   -8.924  1.00 24.93 ? 10  DG  B N1    1 
ATOM   442 C  C2    . DG  B 2 10 ? 0.155   7.326   -9.169  1.00 24.78 ? 10  DG  B C2    1 
ATOM   443 N  N2    . DG  B 2 10 ? -0.661  8.077   -8.416  1.00 24.63 ? 10  DG  B N2    1 
ATOM   444 N  N3    . DG  B 2 10 ? -0.402  6.574   -10.088 1.00 24.76 ? 10  DG  B N3    1 
ATOM   445 C  C4    . DG  B 2 10 ? 0.522   5.871   -10.770 1.00 24.96 ? 10  DG  B C4    1 
ATOM   446 P  P     . DC  B 2 11 ? -4.897  5.221   -14.459 1.00 34.01 ? 11  DC  B P     1 
ATOM   447 O  OP1   . DC  B 2 11 ? -5.597  3.943   -14.216 1.00 36.51 ? 11  DC  B OP1   1 
ATOM   448 O  OP2   . DC  B 2 11 ? -4.647  5.732   -15.823 1.00 35.18 ? 11  DC  B OP2   1 
ATOM   449 O  "O5'" . DC  B 2 11 ? -5.653  6.390   -13.682 1.00 33.80 ? 11  DC  B "O5'" 1 
ATOM   450 C  "C5'" . DC  B 2 11 ? -5.913  6.194   -12.306 1.00 30.42 ? 11  DC  B "C5'" 1 
ATOM   451 C  "C4'" . DC  B 2 11 ? -5.972  7.538   -11.611 1.00 28.27 ? 11  DC  B "C4'" 1 
ATOM   452 O  "O4'" . DC  B 2 11 ? -4.638  7.995   -11.270 1.00 29.30 ? 11  DC  B "O4'" 1 
ATOM   453 C  "C3'" . DC  B 2 11 ? -6.581  8.670   -12.413 1.00 27.34 ? 11  DC  B "C3'" 1 
ATOM   454 O  "O3'" . DC  B 2 11 ? -7.268  9.455   -11.448 1.00 32.88 ? 11  DC  B "O3'" 1 
ATOM   455 C  "C2'" . DC  B 2 11 ? -5.363  9.378   -13.024 1.00 35.06 ? 11  DC  B "C2'" 1 
ATOM   456 C  "C1'" . DC  B 2 11 ? -4.343  9.232   -11.902 1.00 26.86 ? 11  DC  B "C1'" 1 
ATOM   457 N  N1    . DC  B 2 11 ? -2.912  9.041   -12.267 1.00 26.26 ? 11  DC  B N1    1 
ATOM   458 C  C2    . DC  B 2 11 ? -1.940  9.639   -11.468 1.00 24.82 ? 11  DC  B C2    1 
ATOM   459 O  O2    . DC  B 2 11 ? -2.290  10.338  -10.513 1.00 24.80 ? 11  DC  B O2    1 
ATOM   460 N  N3    . DC  B 2 11 ? -0.639  9.432   -11.763 1.00 23.17 ? 11  DC  B N3    1 
ATOM   461 C  C4    . DC  B 2 11 ? -0.290  8.666   -12.793 1.00 23.20 ? 11  DC  B C4    1 
ATOM   462 N  N4    . DC  B 2 11 ? 1.017   8.488   -13.025 1.00 23.29 ? 11  DC  B N4    1 
ATOM   463 C  C5    . DC  B 2 11 ? -1.268  8.031   -13.613 1.00 28.69 ? 11  DC  B C5    1 
ATOM   464 C  C6    . DC  B 2 11 ? -2.553  8.243   -13.310 1.00 32.35 ? 11  DC  B C6    1 
ATOM   465 P  P     . DG  B 2 12 ? -8.215  10.674  -11.895 1.00 33.75 ? 12  DG  B P     1 
ATOM   466 O  OP1   . DG  B 2 12 ? -9.270  10.821  -10.865 1.00 37.82 ? 12  DG  B OP1   1 
ATOM   467 O  OP2   . DG  B 2 12 ? -8.564  10.549  -13.326 1.00 29.67 ? 12  DG  B OP2   1 
ATOM   468 O  "O5'" . DG  B 2 12 ? -7.262  11.946  -11.819 1.00 28.75 ? 12  DG  B "O5'" 1 
ATOM   469 C  "C5'" . DG  B 2 12 ? -6.903  12.535  -10.574 1.00 31.24 ? 12  DG  B "C5'" 1 
ATOM   470 C  "C4'" . DG  B 2 12 ? -6.099  13.775  -10.904 1.00 27.00 ? 12  DG  B "C4'" 1 
ATOM   471 O  "O4'" . DG  B 2 12 ? -4.778  13.371  -11.339 1.00 31.23 ? 12  DG  B "O4'" 1 
ATOM   472 C  "C3'" . DG  B 2 12 ? -6.668  14.606  -12.044 1.00 28.73 ? 12  DG  B "C3'" 1 
ATOM   473 O  "O3'" . DG  B 2 12 ? -6.937  15.922  -11.565 1.00 36.63 ? 12  DG  B "O3'" 1 
ATOM   474 C  "C2'" . DG  B 2 12 ? -5.599  14.633  -13.135 1.00 31.14 ? 12  DG  B "C2'" 1 
ATOM   475 C  "C1'" . DG  B 2 12 ? -4.343  14.196  -12.398 1.00 26.51 ? 12  DG  B "C1'" 1 
ATOM   476 N  N9    . DG  B 2 12 ? -3.471  13.334  -13.185 1.00 20.74 ? 12  DG  B N9    1 
ATOM   477 C  C8    . DG  B 2 12 ? -3.817  12.429  -14.156 1.00 27.31 ? 12  DG  B C8    1 
ATOM   478 N  N7    . DG  B 2 12 ? -2.781  11.788  -14.649 1.00 29.72 ? 12  DG  B N7    1 
ATOM   479 C  C5    . DG  B 2 12 ? -1.701  12.300  -13.946 1.00 21.24 ? 12  DG  B C5    1 
ATOM   480 C  C6    . DG  B 2 12 ? -0.315  12.007  -14.020 1.00 21.98 ? 12  DG  B C6    1 
ATOM   481 O  O6    . DG  B 2 12 ? 0.269   11.202  -14.761 1.00 26.36 ? 12  DG  B O6    1 
ATOM   482 N  N1    . DG  B 2 12 ? 0.416   12.758  -13.117 1.00 21.21 ? 12  DG  B N1    1 
ATOM   483 C  C2    . DG  B 2 12 ? -0.088  13.693  -12.242 1.00 21.12 ? 12  DG  B C2    1 
ATOM   484 N  N2    . DG  B 2 12 ? 0.783   14.321  -11.449 1.00 21.67 ? 12  DG  B N2    1 
ATOM   485 N  N3    . DG  B 2 12 ? -1.381  13.967  -12.160 1.00 21.00 ? 12  DG  B N3    1 
ATOM   486 C  C4    . DG  B 2 12 ? -2.107  13.247  -13.033 1.00 20.94 ? 12  DG  B C4    1 
HETATM 487 CA CA    . CA  C 3 .  ? -10.375 -17.649 10.390  0.73 27.05 ? 101 CA  B CA    1 
HETATM 488 CA CA    . CA  D 3 .  ? 5.873   6.498   -10.350 0.66 22.52 ? 102 CA  B CA    1 
HETATM 489 O  O     . HOH E 4 .  ? -8.573  11.543  -2.127  1.00 34.01 ? 101 HOH A O     1 
HETATM 490 O  O     . HOH E 4 .  ? 10.503  18.758  -9.273  0.84 44.77 ? 102 HOH A O     1 
HETATM 491 O  O     . HOH E 4 .  ? 7.183   -8.629  15.974  1.00 62.02 ? 103 HOH A O     1 
HETATM 492 O  O     . HOH E 4 .  ? 1.174   -11.616 0.716   1.00 59.70 ? 104 HOH A O     1 
HETATM 493 O  O     . HOH E 4 .  ? 2.695   12.058  0.484   1.00 52.16 ? 105 HOH A O     1 
HETATM 494 O  O     . HOH E 4 .  ? 9.581   -11.811 8.093   0.70 28.77 ? 106 HOH A O     1 
HETATM 495 O  O     . HOH E 4 .  ? 2.431   -9.610  21.804  0.76 35.90 ? 107 HOH A O     1 
HETATM 496 O  O     . HOH E 4 .  ? -3.554  -10.922 4.638   0.98 29.99 ? 108 HOH A O     1 
HETATM 497 O  O     . HOH E 4 .  ? 3.611   -13.235 3.586   0.76 37.50 ? 109 HOH A O     1 
HETATM 498 O  O     . HOH E 4 .  ? -1.184  -12.110 3.878   0.78 32.61 ? 110 HOH A O     1 
HETATM 499 O  O     . HOH E 4 .  ? 4.974   7.915   -11.912 1.00 24.91 ? 111 HOH A O     1 
HETATM 500 O  O     . HOH E 4 .  ? 0.291   -16.321 11.498  0.87 40.91 ? 112 HOH A O     1 
HETATM 501 O  O     . HOH E 4 .  ? 4.357   -7.085  6.742   0.61 31.26 ? 113 HOH A O     1 
HETATM 502 O  O     . HOH E 4 .  ? 8.878   19.501  -10.682 1.00 49.30 ? 114 HOH A O     1 
HETATM 503 O  O     . HOH E 4 .  ? 6.542   8.892   -9.832  1.00 49.73 ? 115 HOH A O     1 
HETATM 504 O  O     . HOH E 4 .  ? 2.514   17.158  -0.513  0.91 39.76 ? 116 HOH A O     1 
HETATM 505 O  O     . HOH E 4 .  ? 2.549   -15.023 13.458  0.80 32.87 ? 117 HOH A O     1 
HETATM 506 O  O     . HOH E 4 .  ? 9.276   -12.924 5.334   0.92 34.46 ? 118 HOH A O     1 
HETATM 507 O  O     . HOH E 4 .  ? 3.787   -15.351 10.214  0.72 40.59 ? 119 HOH A O     1 
HETATM 508 O  O     . HOH E 4 .  ? 4.861   7.555   -2.993  0.97 48.67 ? 120 HOH A O     1 
HETATM 509 O  O     . HOH E 4 .  ? 12.391  13.649  -11.702 0.72 29.89 ? 121 HOH A O     1 
HETATM 510 O  O     . HOH E 4 .  ? 3.745   -4.664  0.710   1.00 60.10 ? 122 HOH A O     1 
HETATM 511 O  O     . HOH E 4 .  ? 0.385   -14.704 7.275   0.77 32.47 ? 123 HOH A O     1 
HETATM 512 O  O     . HOH E 4 .  ? 9.651   -13.171 11.835  1.00 63.05 ? 124 HOH A O     1 
HETATM 513 O  O     . HOH E 4 .  ? 7.476   9.094   -6.330  0.65 32.24 ? 125 HOH A O     1 
HETATM 514 O  O     . HOH E 4 .  ? 5.528   19.342  -0.944  1.00 57.83 ? 126 HOH A O     1 
HETATM 515 O  O     . HOH E 4 .  ? 1.014   -3.031  -5.700  1.00 60.24 ? 127 HOH A O     1 
HETATM 516 O  O     . HOH E 4 .  ? 7.510   6.535   -8.666  0.92 42.80 ? 128 HOH A O     1 
HETATM 517 O  O     . HOH E 4 .  ? 5.549   -6.592  8.834   0.97 22.13 ? 129 HOH A O     1 
HETATM 518 O  O     . HOH E 4 .  ? -4.902  2.458   -8.561  1.00 56.02 ? 130 HOH A O     1 
HETATM 519 O  O     . HOH E 4 .  ? 6.016   -5.444  7.132   1.00 32.19 ? 131 HOH A O     1 
HETATM 520 O  O     . HOH F 4 .  ? 2.927   1.089   15.557  1.00 57.86 ? 201 HOH B O     1 
HETATM 521 O  O     . HOH F 4 .  ? 4.269   -4.210  5.647   0.84 63.68 ? 202 HOH B O     1 
HETATM 522 O  O     . HOH F 4 .  ? 5.457   4.177   -9.052  0.89 56.53 ? 203 HOH B O     1 
HETATM 523 O  O     . HOH F 4 .  ? -8.370  -16.276 10.777  1.00 37.05 ? 204 HOH B O     1 
HETATM 524 O  O     . HOH F 4 .  ? 4.989   4.654   -11.990 0.91 25.21 ? 205 HOH B O     1 
HETATM 525 O  O     . HOH F 4 .  ? -11.476 -16.801 12.442  1.00 60.79 ? 206 HOH B O     1 
HETATM 526 O  O     . HOH F 4 .  ? -8.393  17.247  -9.766  0.96 28.49 ? 207 HOH B O     1 
HETATM 527 O  O     . HOH F 4 .  ? -3.561  -12.480 6.450   0.95 34.36 ? 208 HOH B O     1 
HETATM 528 O  O     . HOH F 4 .  ? -3.179  10.216  -16.900 0.74 37.02 ? 209 HOH B O     1 
HETATM 529 O  O     . HOH F 4 .  ? -6.755  2.590   -12.064 1.00 46.80 ? 210 HOH B O     1 
HETATM 530 O  O     . HOH F 4 .  ? -2.295  6.751   -16.974 0.97 54.62 ? 211 HOH B O     1 
HETATM 531 O  O     . HOH F 4 .  ? -8.130  -0.586  10.724  0.75 31.79 ? 212 HOH B O     1 
HETATM 532 O  O     . HOH F 4 .  ? -5.820  -10.690 5.897   0.95 45.37 ? 213 HOH B O     1 
HETATM 533 O  O     . HOH F 4 .  ? 2.880   -3.804  9.847   0.67 33.85 ? 214 HOH B O     1 
HETATM 534 O  O     . HOH F 4 .  ? 1.851   6.695   -15.140 0.89 31.55 ? 215 HOH B O     1 
HETATM 535 O  O     . HOH F 4 .  ? -5.531  -3.730  5.244   0.80 39.15 ? 216 HOH B O     1 
HETATM 536 O  O     . HOH F 4 .  ? -3.219  6.012   -9.629  0.91 34.38 ? 217 HOH B O     1 
HETATM 537 O  O     . HOH F 4 .  ? -10.362 13.582  -10.883 0.66 27.07 ? 218 HOH B O     1 
HETATM 538 O  O     . HOH F 4 .  ? -5.052  -0.317  -16.215 1.00 43.45 ? 219 HOH B O     1 
HETATM 539 O  O     . HOH F 4 .  ? -1.873  2.344   -16.916 1.00 54.28 ? 220 HOH B O     1 
HETATM 540 O  O     . HOH F 4 .  ? 6.447   -5.012  5.071   1.00 62.62 ? 221 HOH B O     1 
# 
loop_
_atom_site_anisotrop.id 
_atom_site_anisotrop.type_symbol 
_atom_site_anisotrop.pdbx_label_atom_id 
_atom_site_anisotrop.pdbx_label_alt_id 
_atom_site_anisotrop.pdbx_label_comp_id 
_atom_site_anisotrop.pdbx_label_asym_id 
_atom_site_anisotrop.pdbx_label_seq_id 
_atom_site_anisotrop.pdbx_PDB_ins_code 
_atom_site_anisotrop.U[1][1] 
_atom_site_anisotrop.U[2][2] 
_atom_site_anisotrop.U[3][3] 
_atom_site_anisotrop.U[1][2] 
_atom_site_anisotrop.U[1][3] 
_atom_site_anisotrop.U[2][3] 
_atom_site_anisotrop.pdbx_auth_seq_id 
_atom_site_anisotrop.pdbx_auth_comp_id 
_atom_site_anisotrop.pdbx_auth_asym_id 
_atom_site_anisotrop.pdbx_auth_atom_id 
1   O "O5'" . DC A 1  ? 0.8661 1.0019 0.7747 0.0044  -0.0707 0.0030  1  DC A "O5'" 
2   C "C5'" . DC A 1  ? 0.7097 0.8585 0.6393 -0.0001 -0.0657 -0.0063 1  DC A "C5'" 
3   C "C4'" . DC A 1  ? 0.5287 0.6627 0.4596 -0.0187 -0.0464 -0.0114 1  DC A "C4'" 
4   O "O4'" . DC A 1  ? 0.4685 0.5853 0.4241 -0.0190 -0.0388 -0.0164 1  DC A "O4'" 
5   C "C3'" . DC A 1  ? 0.5080 0.6260 0.4123 -0.0310 -0.0380 -0.0057 1  DC A "C3'" 
6   O "O3'" . DC A 1  ? 0.4603 0.5745 0.3616 -0.0476 -0.0227 -0.0098 1  DC A "O3'" 
7   C "C2'" . DC A 1  ? 0.3088 0.4026 0.2229 -0.0282 -0.0357 -0.0050 1  DC A "C2'" 
8   C "C1'" . DC A 1  ? 0.3749 0.4666 0.3197 -0.0277 -0.0299 -0.0131 1  DC A "C1'" 
9   N N1    . DC A 1  ? 0.2815 0.3584 0.2442 -0.0189 -0.0332 -0.0133 1  DC A N1    
10  C C2    . DC A 1  ? 0.2695 0.3301 0.2498 -0.0260 -0.0209 -0.0165 1  DC A C2    
11  O O2    . DC A 1  ? 0.2640 0.3222 0.2434 -0.0394 -0.0070 -0.0191 1  DC A O2    
12  N N3    . DC A 1  ? 0.2418 0.2892 0.2365 -0.0186 -0.0243 -0.0157 1  DC A N3    
13  C C4    . DC A 1  ? 0.2456 0.2942 0.2384 -0.0044 -0.0390 -0.0124 1  DC A C4    
14  N N4    . DC A 1  ? 0.2729 0.3070 0.2786 0.0019  -0.0417 -0.0113 1  DC A N4    
15  C C5    . DC A 1  ? 0.2223 0.2871 0.1971 0.0038  -0.0512 -0.0089 1  DC A C5    
16  C C6    . DC A 1  ? 0.2513 0.3302 0.2122 -0.0038 -0.0480 -0.0091 1  DC A C6    
17  P P     . DG A 2  ? 0.5070 0.6173 0.3771 -0.0626 -0.0148 -0.0042 2  DG A P     
18  O OP1   . DG A 2  ? 0.5731 0.6955 0.4387 -0.0731 -0.0074 -0.0082 2  DG A OP1   
19  O OP2   . DG A 2  ? 0.4865 0.6039 0.3358 -0.0554 -0.0262 0.0049  2  DG A OP2   
20  O "O5'" . DG A 2  ? 0.4989 0.5808 0.3718 -0.0730 -0.0009 -0.0046 2  DG A "O5'" 
21  C "C5'" . DG A 2  ? 0.3552 0.4268 0.2417 -0.0825 0.0131  -0.0104 2  DG A "C5'" 
22  C "C4'" . DG A 2  ? 0.3835 0.4278 0.2736 -0.0879 0.0222  -0.0085 2  DG A "C4'" 
23  O "O4'" . DG A 2  ? 0.4123 0.4500 0.3214 -0.0749 0.0142  -0.0089 2  DG A "O4'" 
24  C "C3'" . DG A 2  ? 0.4408 0.4752 0.3092 -0.0941 0.0235  -0.0020 2  DG A "C3'" 
25  O "O3'" . DG A 2  ? 0.5441 0.5607 0.4080 -0.1088 0.0390  -0.0017 2  DG A "O3'" 
26  C "C2'" . DG A 2  ? 0.4332 0.4576 0.3093 -0.0822 0.0144  0.0008  2  DG A "C2'" 
27  C "C1'" . DG A 2  ? 0.3406 0.3598 0.2426 -0.0745 0.0135  -0.0039 2  DG A "C1'" 
28  N N9    . DG A 2  ? 0.3608 0.3813 0.2729 -0.0588 0.0001  -0.0030 2  DG A N9    
29  C C8    . DG A 2  ? 0.3817 0.4166 0.2854 -0.0470 -0.0139 0.0001  2  DG A C8    
30  N N7    . DG A 2  ? 0.3128 0.3427 0.2280 -0.0342 -0.0229 0.0005  2  DG A N7    
31  C C5    . DG A 2  ? 0.2820 0.2943 0.2153 -0.0383 -0.0146 -0.0024 2  DG A C5    
32  C C6    . DG A 2  ? 0.2960 0.2957 0.2463 -0.0303 -0.0182 -0.0026 2  DG A C6    
33  O O6    . DG A 2  ? 0.2764 0.2765 0.2295 -0.0173 -0.0299 -0.0009 2  DG A O6    
34  N N1    . DG A 2  ? 0.2760 0.2600 0.2388 -0.0393 -0.0060 -0.0039 2  DG A N1    
35  C C2    . DG A 2  ? 0.2782 0.2587 0.2373 -0.0535 0.0081  -0.0048 2  DG A C2    
36  N N2    . DG A 2  ? 0.3052 0.2696 0.2757 -0.0602 0.0192  -0.0039 2  DG A N2    
37  N N3    . DG A 2  ? 0.2830 0.2738 0.2262 -0.0609 0.0116  -0.0053 2  DG A N3    
38  C C4    . DG A 2  ? 0.2935 0.3004 0.2248 -0.0530 -0.0004 -0.0041 2  DG A C4    
39  P P     . DC A 3  ? 0.5743 0.5769 0.4207 -0.1180 0.0445  0.0041  3  DC A P     
40  O OP1   . DC A 3  ? 0.6743 0.6707 0.5081 -0.1344 0.0589  0.0041  3  DC A OP1   
41  O OP2   . DC A 3  ? 0.5683 0.5843 0.4017 -0.1118 0.0334  0.0085  3  DC A OP2   
42  O "O5'" . DC A 3  ? 0.4876 0.4664 0.3497 -0.1142 0.0463  0.0054  3  DC A "O5'" 
43  C "C5'" . DC A 3  ? 0.4680 0.4340 0.3461 -0.1160 0.0546  0.0030  3  DC A "C5'" 
44  C "C4'" . DC A 3  ? 0.4279 0.3786 0.3209 -0.1065 0.0492  0.0050  3  DC A "C4'" 
45  O "O4'" . DC A 3  ? 0.3803 0.3444 0.2808 -0.0922 0.0347  0.0032  3  DC A "O4'" 
46  C "C3'" . DC A 3  ? 0.4129 0.3496 0.2978 -0.1079 0.0481  0.0101  3  DC A "C3'" 
47  O "O3'" . DC A 3  ? 0.5179 0.4340 0.4025 -0.1179 0.0603  0.0133  3  DC A "O3'" 
48  C "C2'" . DC A 3  ? 0.4331 0.3648 0.3304 -0.0939 0.0367  0.0107  3  DC A "C2'" 
49  C "C1'" . DC A 3  ? 0.3768 0.3255 0.2836 -0.0848 0.0292  0.0062  3  DC A "C1'" 
50  N N1    . DC A 3  ? 0.3310 0.2931 0.2342 -0.0721 0.0148  0.0066  3  DC A N1    
51  C C2    . DC A 3  ? 0.3250 0.2814 0.2409 -0.0601 0.0061  0.0066  3  DC A C2    
52  O O2    . DC A 3  ? 0.3474 0.2883 0.2771 -0.0611 0.0107  0.0066  3  DC A O2    
53  N N3    . DC A 3  ? 0.3252 0.2921 0.2361 -0.0480 -0.0063 0.0077  3  DC A N3    
54  C C4    . DC A 3  ? 0.3375 0.3216 0.2317 -0.0476 -0.0102 0.0096  3  DC A C4    
55  N N4    . DC A 3  ? 0.3859 0.3790 0.2741 -0.0347 -0.0221 0.0124  3  DC A N4    
56  C C5    . DC A 3  ? 0.4028 0.3944 0.2839 -0.0605 -0.0015 0.0098  3  DC A C5    
57  C C6    . DC A 3  ? 0.3730 0.3527 0.2594 -0.0725 0.0108  0.0079  3  DC A C6    
58  P P     . DT A 4  ? 0.5778 0.4775 0.4567 -0.1210 0.0614  0.0188  4  DT A P     
59  O OP1   . DT A 4  ? 0.6773 0.5624 0.5487 -0.1344 0.0758  0.0221  4  DT A OP1   
60  O OP2   . DT A 4  ? 0.5469 0.4608 0.4165 -0.1172 0.0529  0.0189  4  DT A OP2   
61  O "O5'" . DT A 4  ? 0.4796 0.3630 0.3743 -0.1110 0.0556  0.0214  4  DT A "O5'" 
62  C "C5'" . DT A 4  ? 0.5291 0.4015 0.4352 -0.1114 0.0614  0.0224  4  DT A "C5'" 
63  C "C4'" . DT A 4  ? 0.5421 0.4040 0.4605 -0.1004 0.0524  0.0249  4  DT A "C4'" 
64  O "O4'" . DT A 4  ? 0.5337 0.4118 0.4551 -0.0892 0.0396  0.0204  4  DT A "O4'" 
65  C "C3'" . DT A 4  ? 0.5846 0.4297 0.5011 -0.0989 0.0490  0.0306  4  DT A "C3'" 
66  O "O3'" . DT A 4  ? 0.6070 0.4345 0.5337 -0.0958 0.0495  0.0358  4  DT A "O3'" 
67  C "C2'" . DT A 4  ? 0.4990 0.3571 0.4132 -0.0891 0.0361  0.0276  4  DT A "C2'" 
68  C "C1'" . DT A 4  ? 0.4642 0.3362 0.3845 -0.0812 0.0298  0.0228  4  DT A "C1'" 
69  N N1    . DT A 4  ? 0.4357 0.3281 0.3489 -0.0736 0.0201  0.0193  4  DT A N1    
70  C C2    . DT A 4  ? 0.4282 0.3242 0.3477 -0.0610 0.0092  0.0181  4  DT A C2    
71  O O2    . DT A 4  ? 0.4927 0.3766 0.4233 -0.0564 0.0069  0.0193  4  DT A O2    
72  N N3    . DT A 4  ? 0.5313 0.4453 0.4422 -0.0539 0.0010  0.0167  4  DT A N3    
73  C C4    . DT A 4  ? 0.4671 0.3972 0.3637 -0.0582 0.0024  0.0167  4  DT A C4    
74  O O4    . DT A 4  ? 0.4581 0.4037 0.3461 -0.0504 -0.0055 0.0172  4  DT A O4    
75  C C5    . DT A 4  ? 0.4742 0.4007 0.3654 -0.0725 0.0141  0.0174  4  DT A C5    
76  C C7    . DT A 4  ? 0.6414 0.5843 0.5158 -0.0797 0.0173  0.0183  4  DT A C7    
77  C C6    . DT A 4  ? 0.4429 0.3504 0.3426 -0.0789 0.0221  0.0184  4  DT A C6    
78  P P     . DA A 5  ? 0.6819 0.4885 0.6105 -0.0920 0.0448  0.0433  5  DA A P     
79  O OP1   . DA A 5  ? 0.5925 0.3906 0.5296 -0.0928 0.0510  0.0499  5  DA A OP1   
80  O OP2   . DA A 5  ? 0.6772 0.4853 0.5983 -0.0938 0.0429  0.0434  5  DA A OP2   
81  O "O5'" . DA A 5  ? 0.5777 0.3866 0.5135 -0.0789 0.0310  0.0416  5  DA A "O5'" 
82  C "C5'" . DA A 5  ? 0.5982 0.4088 0.5430 -0.0756 0.0306  0.0407  5  DA A "C5'" 
83  C "C4'" . DA A 5  ? 0.6632 0.4733 0.6120 -0.0634 0.0170  0.0400  5  DA A "C4'" 
84  O "O4'" . DA A 5  ? 0.6872 0.5162 0.6306 -0.0573 0.0094  0.0333  5  DA A "O4'" 
85  C "C3'" . DA A 5  ? 0.6573 0.4498 0.6043 -0.0586 0.0101  0.0461  5  DA A "C3'" 
86  O "O3'" . DA A 5  ? 0.7404 0.5245 0.6927 -0.0510 0.0025  0.0487  5  DA A "O3'" 
87  C "C2'" . DA A 5  ? 0.6270 0.4310 0.5667 -0.0540 0.0033  0.0417  5  DA A "C2'" 
88  C "C1'" . DA A 5  ? 0.6470 0.4721 0.5849 -0.0508 0.0009  0.0346  5  DA A "C1'" 
89  N N9    . DA A 5  ? 0.5699 0.4121 0.4984 -0.0536 0.0024  0.0308  5  DA A N9    
90  C C8    . DA A 5  ? 0.6238 0.4676 0.5472 -0.0638 0.0112  0.0313  5  DA A C8    
91  N N7    . DA A 5  ? 0.5846 0.4465 0.4988 -0.0650 0.0110  0.0282  5  DA A N7    
92  C C5    . DA A 5  ? 0.5817 0.4542 0.4944 -0.0541 0.0012  0.0260  5  DA A C5    
93  C C6    . DA A 5  ? 0.4230 0.3155 0.3256 -0.0494 -0.0034 0.0244  5  DA A C6    
94  N N6    . DA A 5  ? 0.4427 0.3502 0.3346 -0.0561 0.0012  0.0242  5  DA A N6    
95  N N1    . DA A 5  ? 0.5889 0.4851 0.4911 -0.0374 -0.0131 0.0239  5  DA A N1    
96  C C2    . DA A 5  ? 0.6168 0.4985 0.5287 -0.0312 -0.0178 0.0244  5  DA A C2    
97  N N3    . DA A 5  ? 0.4480 0.3115 0.3703 -0.0355 -0.0139 0.0261  5  DA A N3    
98  C C4    . DA A 5  ? 0.4202 0.2802 0.3419 -0.0468 -0.0043 0.0272  5  DA A C4    
99  P P     . DT A 6  ? 0.9863 0.7509 0.9371 -0.0450 -0.0060 0.0559  6  DT A P     
100 O OP1   . DT A 6  ? 1.0278 0.7800 0.9841 -0.0439 -0.0066 0.0619  6  DT A OP1   
101 O OP2   . DT A 6  ? 1.0192 0.7751 0.9668 -0.0499 -0.0023 0.0604  6  DT A OP2   
102 O "O5'" . DT A 6  ? 1.0512 0.8251 0.9973 -0.0339 -0.0181 0.0503  6  DT A "O5'" 
103 C "C5'" . DT A 6  ? 1.0205 0.8058 0.9673 -0.0279 -0.0225 0.0453  6  DT A "C5'" 
104 C "C4'" . DT A 6  ? 1.0089 0.8032 0.9474 -0.0180 -0.0321 0.0415  6  DT A "C4'" 
105 O "O4'" . DT A 6  ? 0.9295 0.7426 0.8626 -0.0210 -0.0283 0.0367  6  DT A "O4'" 
106 C "C3'" . DT A 6  ? 1.0351 0.8164 0.9694 -0.0122 -0.0390 0.0452  6  DT A "C3'" 
107 O "O3'" . DT A 6  ? 1.1366 0.9136 1.0668 -0.0019 -0.0485 0.0455  6  DT A "O3'" 
108 C "C2'" . DT A 6  ? 0.9415 0.7374 0.8708 -0.0127 -0.0374 0.0418  6  DT A "C2'" 
109 C "C1'" . DT A 6  ? 0.8134 0.6299 0.7392 -0.0148 -0.0337 0.0365  6  DT A "C1'" 
110 N N1    . DT A 6  ? 0.6586 0.4903 0.5805 -0.0218 -0.0268 0.0341  6  DT A N1    
111 C C2    . DT A 6  ? 0.5039 0.3559 0.4167 -0.0184 -0.0283 0.0311  6  DT A C2    
112 O O2    . DT A 6  ? 0.5995 0.4571 0.5067 -0.0090 -0.0352 0.0305  6  DT A O2    
113 N N3    . DT A 6  ? 0.5120 0.3771 0.4205 -0.0267 -0.0210 0.0300  6  DT A N3    
114 C C4    . DT A 6  ? 0.4546 0.3142 0.3675 -0.0375 -0.0128 0.0311  6  DT A C4    
115 O O4    . DT A 6  ? 0.4907 0.3630 0.3983 -0.0448 -0.0065 0.0303  6  DT A O4    
116 C C5    . DT A 6  ? 0.4963 0.3338 0.4185 -0.0395 -0.0120 0.0346  6  DT A C5    
117 C C7    . DT A 6  ? 0.6258 0.4535 0.5514 -0.0500 -0.0034 0.0376  6  DT A C7    
118 C C6    . DT A 6  ? 0.6240 0.4492 0.5500 -0.0319 -0.0188 0.0362  6  DT A C6    
119 P P     . DA A 7  ? 1.0625 0.8267 0.9866 0.0068  -0.0578 0.0487  7  DA A P     
120 O OP1   . DA A 7  ? 1.0635 0.8115 0.9868 0.0111  -0.0637 0.0529  7  DA A OP1   
121 O OP2   . DA A 7  ? 0.9599 0.7186 0.8872 0.0028  -0.0555 0.0515  7  DA A OP2   
122 O "O5'" . DA A 7  ? 0.9044 0.6855 0.8184 0.0155  -0.0616 0.0437  7  DA A "O5'" 
123 C "C5'" . DA A 7  ? 0.7049 0.5010 0.6157 0.0174  -0.0610 0.0402  7  DA A "C5'" 
124 C "C4'" . DA A 7  ? 0.6761 0.4878 0.5745 0.0252  -0.0637 0.0382  7  DA A "C4'" 
125 O "O4'" . DA A 7  ? 0.6819 0.5119 0.5801 0.0184  -0.0563 0.0357  7  DA A "O4'" 
126 C "C3'" . DA A 7  ? 0.6488 0.4524 0.5402 0.0333  -0.0690 0.0402  7  DA A "C3'" 
127 O "O3'" . DA A 7  ? 0.7921 0.6036 0.6696 0.0439  -0.0735 0.0404  7  DA A "O3'" 
128 C "C2'" . DA A 7  ? 0.6325 0.4460 0.5279 0.0277  -0.0631 0.0390  7  DA A "C2'" 
129 C "C1'" . DA A 7  ? 0.6481 0.4815 0.5431 0.0205  -0.0559 0.0362  7  DA A "C1'" 
130 N N9    . DA A 7  ? 0.5530 0.3911 0.4562 0.0094  -0.0478 0.0353  7  DA A N9    
131 C C8    . DA A 7  ? 0.5379 0.3608 0.4517 0.0025  -0.0454 0.0372  7  DA A C8    
132 N N7    . DA A 7  ? 0.5007 0.3310 0.4186 -0.0068 -0.0376 0.0365  7  DA A N7    
133 C C5    . DA A 7  ? 0.4561 0.3088 0.3656 -0.0068 -0.0346 0.0338  7  DA A C5    
134 C C6    . DA A 7  ? 0.4124 0.2822 0.3199 -0.0152 -0.0264 0.0325  7  DA A C6    
135 N N6    . DA A 7  ? 0.4338 0.3002 0.3481 -0.0256 -0.0194 0.0331  7  DA A N6    
136 N N1    . DA A 7  ? 0.4483 0.3390 0.3446 -0.0126 -0.0255 0.0319  7  DA A N1    
137 C C2    . DA A 7  ? 0.4452 0.3387 0.3327 -0.0018 -0.0322 0.0325  7  DA A C2    
138 N N3    . DA A 7  ? 0.4890 0.3665 0.3775 0.0071  -0.0403 0.0332  7  DA A N3    
139 C C4    . DA A 7  ? 0.4795 0.3374 0.3796 0.0035  -0.0409 0.0336  7  DA A C4    
140 P P     . DA A 8  ? 0.8736 0.6806 0.7397 0.0543  -0.0782 0.0423  8  DA A P     
141 O OP1   . DA A 8  ? 0.9635 0.7665 0.8156 0.0649  -0.0844 0.0445  8  DA A OP1   
142 O OP2   . DA A 8  ? 0.8284 0.6183 0.7025 0.0524  -0.0803 0.0436  8  DA A OP2   
143 O "O5'" . DA A 8  ? 0.7298 0.5610 0.5915 0.0533  -0.0714 0.0408  8  DA A "O5'" 
144 C "C5'" . DA A 8  ? 0.7531 0.6036 0.6081 0.0521  -0.0681 0.0405  8  DA A "C5'" 
145 C "C4'" . DA A 8  ? 0.8007 0.6738 0.6506 0.0502  -0.0608 0.0407  8  DA A "C4'" 
146 O "O4'" . DA A 8  ? 0.7807 0.6591 0.6445 0.0378  -0.0539 0.0380  8  DA A "O4'" 
147 C "C3'" . DA A 8  ? 0.7723 0.6462 0.6167 0.0581  -0.0610 0.0420  8  DA A "C3'" 
148 O "O3'" . DA A 8  ? 0.8870 0.7832 0.7166 0.0619  -0.0562 0.0452  8  DA A "O3'" 
149 C "C2'" . DA A 8  ? 0.7174 0.5914 0.5790 0.0501  -0.0567 0.0392  8  DA A "C2'" 
150 C "C1'" . DA A 8  ? 0.6786 0.5635 0.5465 0.0377  -0.0502 0.0376  8  DA A "C1'" 
151 N N9    . DA A 8  ? 0.5553 0.4312 0.4401 0.0280  -0.0477 0.0356  8  DA A N9    
152 C C8    . DA A 8  ? 0.5768 0.4297 0.4715 0.0274  -0.0525 0.0360  8  DA A C8    
153 N N7    . DA A 8  ? 0.4907 0.3401 0.3977 0.0180  -0.0483 0.0357  8  DA A N7    
154 C C5    . DA A 8  ? 0.5038 0.3753 0.4094 0.0115  -0.0399 0.0341  8  DA A C5    
155 C C6    . DA A 8  ? 0.4931 0.3717 0.4069 0.0003  -0.0320 0.0334  8  DA A C6    
156 N N6    . DA A 8  ? 0.4762 0.3393 0.4016 -0.0057 -0.0313 0.0345  8  DA A N6    
157 N N1    . DA A 8  ? 0.5432 0.4452 0.4508 -0.0046 -0.0246 0.0327  8  DA A N1    
158 C C2    . DA A 8  ? 0.6070 0.5245 0.5009 0.0015  -0.0249 0.0335  8  DA A C2    
159 N N3    . DA A 8  ? 0.4851 0.3972 0.3697 0.0131  -0.0322 0.0346  8  DA A N3    
160 C C4    . DA A 8  ? 0.5294 0.4179 0.4211 0.0172  -0.0394 0.0343  8  DA A C4    
161 P P     . DT A 9  ? 0.9014 0.8050 0.7194 0.0721  -0.0542 0.0481  9  DT A P     
162 O OP1   . DT A 9  ? 1.0444 0.9560 0.8399 0.0811  -0.0552 0.0543  9  DT A OP1   
163 O OP2   . DT A 9  ? 0.8067 0.6896 0.6320 0.0769  -0.0598 0.0460  9  DT A OP2   
164 O "O5'" . DT A 9  ? 0.8096 0.7384 0.6355 0.0638  -0.0432 0.0470  9  DT A "O5'" 
165 C "C5'" . DT A 9  ? 0.5848 0.5307 0.4105 0.0537  -0.0373 0.0477  9  DT A "C5'" 
166 C "C4'" . DT A 9  ? 0.5739 0.5392 0.4108 0.0445  -0.0271 0.0462  9  DT A "C4'" 
167 O "O4'" . DT A 9  ? 0.6183 0.5708 0.4756 0.0353  -0.0279 0.0409  9  DT A "O4'" 
168 C "C3'" . DT A 9  ? 0.4763 0.4524 0.3146 0.0511  -0.0226 0.0468  9  DT A "C3'" 
169 O "O3'" . DT A 9  ? 0.5500 0.5556 0.3769 0.0484  -0.0121 0.0519  9  DT A "O3'" 
170 C "C2'" . DT A 9  ? 0.4697 0.4394 0.3330 0.0453  -0.0222 0.0409  9  DT A "C2'" 
171 C "C1'" . DT A 9  ? 0.4859 0.4475 0.3577 0.0330  -0.0226 0.0388  9  DT A "C1'" 
172 N N1    . DT A 9  ? 0.4443 0.3834 0.3346 0.0292  -0.0280 0.0351  9  DT A N1    
173 C C2    . DT A 9  ? 0.4273 0.3707 0.3314 0.0176  -0.0222 0.0333  9  DT A C2    
174 O O2    . DT A 9  ? 0.4503 0.4149 0.3537 0.0094  -0.0131 0.0339  9  DT A O2    
175 N N3    . DT A 9  ? 0.3630 0.2846 0.2810 0.0152  -0.0273 0.0320  9  DT A N3    
176 C C4    . DT A 9  ? 0.4692 0.3663 0.3889 0.0222  -0.0371 0.0325  9  DT A C4    
177 O O4    . DT A 9  ? 0.4830 0.3628 0.4144 0.0187  -0.0403 0.0331  9  DT A O4    
178 C C5    . DT A 9  ? 0.5358 0.4295 0.4409 0.0335  -0.0427 0.0336  9  DT A C5    
179 C C7    . DT A 9  ? 0.5809 0.4483 0.4848 0.0409  -0.0532 0.0349  9  DT A C7    
180 C C6    . DT A 9  ? 0.4240 0.3380 0.3152 0.0368  -0.0380 0.0347  9  DT A C6    
181 P P     . DG A 10 ? 0.5708 0.5962 0.3910 0.0564  -0.0041 0.0556  10 DG A P     
182 O OP1   . DG A 10 ? 0.6763 0.7277 0.4764 0.0544  0.0048  0.0643  10 DG A OP1   
183 O OP2   . DG A 10 ? 0.5725 0.5785 0.3876 0.0701  -0.0118 0.0549  10 DG A OP2   
184 O "O5'" . DG A 10 ? 0.4358 0.4736 0.2821 0.0486  0.0032  0.0500  10 DG A "O5'" 
185 C "C5'" . DG A 10 ? 0.3934 0.4510 0.2473 0.0348  0.0124  0.0503  10 DG A "C5'" 
186 C "C4'" . DG A 10 ? 0.3430 0.4038 0.2252 0.0299  0.0154  0.0440  10 DG A "C4'" 
187 O "O4'" . DG A 10 ? 0.3661 0.3971 0.2618 0.0292  0.0042  0.0386  10 DG A "O4'" 
188 C "C3'" . DG A 10 ? 0.3092 0.3802 0.2012 0.0400  0.0180  0.0423  10 DG A "C3'" 
189 O "O3'" . DG A 10 ? 0.3512 0.4418 0.2657 0.0320  0.0266  0.0394  10 DG A "O3'" 
190 C "C2'" . DG A 10 ? 0.3647 0.4044 0.2665 0.0480  0.0044  0.0372  10 DG A "C2'" 
191 C "C1'" . DG A 10 ? 0.3223 0.3488 0.2369 0.0360  0.0011  0.0344  10 DG A "C1'" 
192 N N9    . DG A 10 ? 0.3251 0.3191 0.2456 0.0393  -0.0118 0.0318  10 DG A N9    
193 C C8    . DG A 10 ? 0.3736 0.3452 0.2835 0.0498  -0.0219 0.0323  10 DG A C8    
194 N N7    . DG A 10 ? 0.3433 0.2889 0.2620 0.0487  -0.0312 0.0308  10 DG A N7    
195 C C5    . DG A 10 ? 0.3326 0.2832 0.2680 0.0374  -0.0268 0.0292  10 DG A C5    
196 C C6    . DG A 10 ? 0.3319 0.2623 0.2806 0.0316  -0.0319 0.0288  10 DG A C6    
197 O O6    . DG A 10 ? 0.3402 0.2449 0.2888 0.0350  -0.0413 0.0300  10 DG A O6    
198 N N1    . DG A 10 ? 0.3206 0.2633 0.2817 0.0206  -0.0240 0.0280  10 DG A N1    
199 C C2    . DG A 10 ? 0.3104 0.2820 0.2721 0.0150  -0.0127 0.0276  10 DG A C2    
200 N N2    . DG A 10 ? 0.3007 0.2794 0.2746 0.0036  -0.0061 0.0272  10 DG A N2    
201 N N3    . DG A 10 ? 0.3200 0.3124 0.2696 0.0198  -0.0073 0.0286  10 DG A N3    
202 C C4    . DG A 10 ? 0.3218 0.3012 0.2584 0.0314  -0.0151 0.0294  10 DG A C4    
203 P P     . DC A 11 ? 0.4676 0.5969 0.3849 0.0321  0.0422  0.0426  11 DC A P     
204 O OP1   . DC A 11 ? 0.5215 0.6678 0.4120 0.0272  0.0506  0.0517  11 DC A OP1   
205 O OP2   . DC A 11 ? 0.5163 0.6455 0.4400 0.0462  0.0400  0.0399  11 DC A OP2   
206 O "O5'" . DC A 11 ? 0.3439 0.4882 0.2904 0.0198  0.0490  0.0384  11 DC A "O5'" 
207 C "C5'" . DC A 11 ? 0.3121 0.4545 0.2577 0.0048  0.0513  0.0395  11 DC A "C5'" 
208 C "C4'" . DC A 11 ? 0.3044 0.4389 0.2802 -0.0005 0.0484  0.0331  11 DC A "C4'" 
209 O "O4'" . DC A 11 ? 0.3460 0.4447 0.3250 0.0062  0.0330  0.0294  11 DC A "O4'" 
210 C "C3'" . DC A 11 ? 0.3466 0.5028 0.3494 0.0046  0.0539  0.0294  11 DC A "C3'" 
211 O "O3'" . DC A 11 ? 0.5129 0.6799 0.5394 -0.0068 0.0595  0.0273  11 DC A "O3'" 
212 C "C2'" . DC A 11 ? 0.3814 0.5121 0.3943 0.0186  0.0390  0.0244  11 DC A "C2'" 
213 C "C1'" . DC A 11 ? 0.3253 0.4211 0.3301 0.0139  0.0278  0.0245  11 DC A "C1'" 
214 N N1    . DC A 11 ? 0.2838 0.3489 0.2817 0.0257  0.0132  0.0232  11 DC A N1    
215 C C2    . DC A 11 ? 0.2870 0.3225 0.2937 0.0245  0.0020  0.0218  11 DC A C2    
216 O O2    . DC A 11 ? 0.3103 0.3445 0.3297 0.0143  0.0045  0.0217  11 DC A O2    
217 N N3    . DC A 11 ? 0.2676 0.2760 0.2668 0.0341  -0.0106 0.0219  11 DC A N3    
218 C C4    . DC A 11 ? 0.2856 0.2945 0.2695 0.0449  -0.0127 0.0225  11 DC A C4    
219 N N4    . DC A 11 ? 0.3020 0.2834 0.2781 0.0533  -0.0249 0.0230  11 DC A N4    
220 C C5    . DC A 11 ? 0.2812 0.3189 0.2553 0.0470  -0.0014 0.0239  11 DC A C5    
221 C C6    . DC A 11 ? 0.2832 0.3488 0.2648 0.0372  0.0113  0.0245  11 DC A C6    
222 P P     . DG A 12 ? 0.5563 0.7587 0.6124 -0.0063 0.0707  0.0247  12 DG A P     
223 O OP1   . DG A 12 ? 0.4580 0.6658 0.5095 -0.0212 0.0800  0.0264  12 DG A OP1   
224 O OP2   . DG A 12 ? 0.5927 0.8096 0.6473 0.0079  0.0725  0.0241  12 DG A OP2   
225 O "O5'" . DG A 12 ? 0.3886 0.5741 0.4774 -0.0029 0.0597  0.0182  12 DG A "O5'" 
226 C "C5'" . DG A 12 ? 0.3547 0.5269 0.4517 -0.0149 0.0584  0.0185  12 DG A "C5'" 
227 C "C4'" . DG A 12 ? 0.1916 0.3347 0.3069 -0.0069 0.0426  0.0150  12 DG A "C4'" 
228 O "O4'" . DG A 12 ? 0.2308 0.3431 0.3241 0.0014  0.0304  0.0158  12 DG A "O4'" 
229 C "C3'" . DG A 12 ? 0.2805 0.4372 0.4265 0.0060  0.0386  0.0101  12 DG A "C3'" 
230 O "O3'" . DG A 12 ? 0.3716 0.5455 0.5480 -0.0007 0.0442  0.0086  12 DG A "O3'" 
231 C "C2'" . DG A 12 ? 0.2561 0.3758 0.4022 0.0166  0.0199  0.0094  12 DG A "C2'" 
232 C "C1'" . DG A 12 ? 0.2655 0.3599 0.3762 0.0135  0.0166  0.0131  12 DG A "C1'" 
233 N N9    . DG A 12 ? 0.2113 0.2977 0.3048 0.0258  0.0103  0.0127  12 DG A N9    
234 C C8    . DG A 12 ? 0.2705 0.3783 0.3501 0.0302  0.0186  0.0131  12 DG A C8    
235 N N7    . DG A 12 ? 0.2577 0.3487 0.3212 0.0415  0.0099  0.0134  12 DG A N7    
236 C C5    . DG A 12 ? 0.2099 0.2676 0.2778 0.0440  -0.0047 0.0131  12 DG A C5    
237 C C6    . DG A 12 ? 0.2777 0.3064 0.3337 0.0538  -0.0183 0.0140  12 DG A C6    
238 O O6    . DG A 12 ? 0.3485 0.3736 0.3869 0.0628  -0.0205 0.0145  12 DG A O6    
239 N N1    . DG A 12 ? 0.2366 0.2380 0.3013 0.0522  -0.0295 0.0155  12 DG A N1    
240 C C2    . DG A 12 ? 0.2867 0.2876 0.3693 0.0432  -0.0281 0.0162  12 DG A C2    
241 N N2    . DG A 12 ? 0.2366 0.2085 0.3229 0.0436  -0.0393 0.0195  12 DG A N2    
242 N N3    . DG A 12 ? 0.2060 0.2326 0.2996 0.0341  -0.0156 0.0149  12 DG A N3    
243 C C4    . DG A 12 ? 0.1875 0.2420 0.2735 0.0347  -0.0045 0.0133  12 DG A C4    
244 O "O5'" . DC B 1  ? 0.4465 0.4142 0.6055 0.0606  -0.0167 -0.0575 1  DC B "O5'" 
245 C "C5'" . DC B 1  ? 0.3792 0.3196 0.5187 0.0670  -0.0097 -0.0584 1  DC B "C5'" 
246 C "C4'" . DC B 1  ? 0.4183 0.3563 0.5844 0.0559  -0.0029 -0.0658 1  DC B "C4'" 
247 O "O4'" . DC B 1  ? 0.3692 0.3504 0.5648 0.0467  0.0055  -0.0562 1  DC B "O4'" 
248 C "C3'" . DC B 1  ? 0.4732 0.3826 0.6171 0.0590  0.0050  -0.0667 1  DC B "C3'" 
249 O "O3'" . DC B 1  ? 0.4851 0.3851 0.6198 0.0377  0.0084  -0.0681 1  DC B "O3'" 
250 C "C2'" . DC B 1  ? 0.4804 0.4228 0.6283 0.0565  0.0157  -0.0518 1  DC B "C2'" 
251 C "C1'" . DC B 1  ? 0.3444 0.3255 0.5200 0.0363  0.0172  -0.0462 1  DC B "C1'" 
252 N N1    . DC B 1  ? 0.3241 0.3449 0.5132 0.0319  0.0268  -0.0297 1  DC B N1    
253 C C2    . DC B 1  ? 0.2451 0.2974 0.4451 0.0057  0.0346  -0.0179 1  DC B C2    
254 O O2    . DC B 1  ? 0.3065 0.3524 0.5047 -0.0128 0.0327  -0.0234 1  DC B O2    
255 N N3    . DC B 1  ? 0.2385 0.3265 0.4505 0.0007  0.0444  0.0000  1  DC B N3    
256 C C4    . DC B 1  ? 0.2635 0.3550 0.4769 0.0215  0.0470  0.0050  1  DC B C4    
257 N N4    . DC B 1  ? 0.3268 0.4529 0.5530 0.0162  0.0577  0.0243  1  DC B N4    
258 C C5    . DC B 1  ? 0.3217 0.3807 0.5234 0.0484  0.0393  -0.0084 1  DC B C5    
259 C C6    . DC B 1  ? 0.2744 0.2990 0.4637 0.0523  0.0293  -0.0250 1  DC B C6    
260 P P     . DG B 2  ? 0.5654 0.4248 0.6682 0.0371  0.0061  -0.0735 2  DG B P     
261 O OP1   . DG B 2  ? 0.6075 0.4661 0.6873 0.0419  -0.0024 -0.0678 2  DG B OP1   
262 O OP2   . DG B 2  ? 0.6215 0.4640 0.7102 0.0463  0.0125  -0.0725 2  DG B OP2   
263 O "O5'" . DG B 2  ? 0.4462 0.3038 0.5559 0.0104  0.0118  -0.0773 2  DG B "O5'" 
264 C "C5'" . DG B 2  ? 0.3461 0.2230 0.4770 -0.0038 0.0084  -0.0794 2  DG B "C5'" 
265 C "C4'" . DG B 2  ? 0.2964 0.2005 0.4295 -0.0308 0.0189  -0.0701 2  DG B "C4'" 
266 O "O4'" . DG B 2  ? 0.2779 0.2188 0.4201 -0.0287 0.0244  -0.0564 2  DG B "O4'" 
267 C "C3'" . DG B 2  ? 0.2951 0.1775 0.4022 -0.0402 0.0268  -0.0689 2  DG B "C3'" 
268 O "O3'" . DG B 2  ? 0.2964 0.1777 0.4036 -0.0658 0.0311  -0.0712 2  DG B "O3'" 
269 C "C2'" . DG B 2  ? 0.3434 0.2506 0.4433 -0.0398 0.0348  -0.0542 2  DG B "C2'" 
270 C "C1'" . DG B 2  ? 0.3155 0.2634 0.4404 -0.0420 0.0350  -0.0454 2  DG B "C1'" 
271 N N9    . DG B 2  ? 0.2711 0.2377 0.3957 -0.0278 0.0387  -0.0335 2  DG B N9    
272 C C8    . DG B 2  ? 0.3132 0.2634 0.4316 -0.0014 0.0345  -0.0374 2  DG B C8    
273 N N7    . DG B 2  ? 0.2603 0.2317 0.3799 0.0066  0.0400  -0.0248 2  DG B N7    
274 C C5    . DG B 2  ? 0.2514 0.2556 0.3785 -0.0161 0.0482  -0.0103 2  DG B C5    
275 C C6    . DG B 2  ? 0.2526 0.2890 0.3842 -0.0197 0.0570  0.0090  2  DG B C6    
276 O O6    . DG B 2  ? 0.2499 0.2908 0.3798 -0.0023 0.0596  0.0160  2  DG B O6    
277 N N1    . DG B 2  ? 0.2375 0.3007 0.3752 -0.0471 0.0640  0.0217  2  DG B N1    
278 C C2    . DG B 2  ? 0.2339 0.2938 0.3735 -0.0690 0.0627  0.0147  2  DG B C2    
279 N N2    . DG B 2  ? 0.2257 0.3147 0.3700 -0.0955 0.0710  0.0302  2  DG B N2    
280 N N3    . DG B 2  ? 0.2387 0.2678 0.3750 -0.0651 0.0546  -0.0045 2  DG B N3    
281 C C4    . DG B 2  ? 0.2470 0.2496 0.3771 -0.0381 0.0475  -0.0156 2  DG B C4    
282 P P     . DC B 3  ? 0.4160 0.2733 0.4996 -0.0792 0.0390  -0.0722 3  DC B P     
283 O OP1   . DC B 3  ? 0.5196 0.3836 0.5949 -0.0865 0.0323  -0.0689 3  DC B OP1   
284 O OP2   . DC B 3  ? 0.4930 0.3212 0.5612 -0.0584 0.0364  -0.0761 3  DC B OP2   
285 O "O5'" . DC B 3  ? 0.3529 0.2419 0.4289 -0.0944 0.0491  -0.0563 3  DC B "O5'" 
286 C "C5'" . DC B 3  ? 0.2941 0.2135 0.3812 -0.1191 0.0543  -0.0485 3  DC B "C5'" 
287 C "C4'" . DC B 3  ? 0.2904 0.2393 0.3697 -0.1259 0.0623  -0.0299 3  DC B "C4'" 
288 O "O4'" . DC B 3  ? 0.2924 0.2536 0.3776 -0.1026 0.0589  -0.0239 3  DC B "O4'" 
289 C "C3'" . DC B 3  ? 0.3134 0.2470 0.3662 -0.1282 0.0675  -0.0261 3  DC B "C3'" 
290 O "O3'" . DC B 3  ? 0.3805 0.3189 0.4269 -0.1567 0.0749  -0.0230 3  DC B "O3'" 
291 C "C2'" . DC B 3  ? 0.3789 0.3367 0.4254 -0.1192 0.0704  -0.0087 3  DC B "C2'" 
292 C "C1'" . DC B 3  ? 0.2961 0.2701 0.3648 -0.1033 0.0655  -0.0082 3  DC B "C1'" 
293 N N1    . DC B 3  ? 0.3012 0.2659 0.3666 -0.0745 0.0610  -0.0092 3  DC B N1    
294 C C2    . DC B 3  ? 0.3015 0.2921 0.3690 -0.0671 0.0648  0.0069  3  DC B C2    
295 O O2    . DC B 3  ? 0.2897 0.3092 0.3603 -0.0857 0.0720  0.0230  3  DC B O2    
296 N N3    . DC B 3  ? 0.3016 0.2836 0.3667 -0.0413 0.0614  0.0054  3  DC B N3    
297 C C4    . DC B 3  ? 0.3095 0.2595 0.3701 -0.0239 0.0542  -0.0109 3  DC B C4    
298 N N4    . DC B 3  ? 0.3146 0.2567 0.3719 -0.0002 0.0516  -0.0117 3  DC B N4    
299 C C5    . DC B 3  ? 0.3174 0.2410 0.3762 -0.0313 0.0500  -0.0260 3  DC B C5    
300 C C6    . DC B 3  ? 0.3089 0.2406 0.3704 -0.0561 0.0538  -0.0250 3  DC B C6    
301 P P     . DA B 4  ? 0.5021 0.4273 0.5226 -0.1640 0.0798  -0.0197 4  DA B P     
302 O OP1   . DA B 4  ? 0.6422 0.5743 0.6598 -0.1676 0.0748  -0.0198 4  DA B OP1   
303 O OP2   . DA B 4  ? 0.5548 0.4492 0.5673 -0.1431 0.0755  -0.0303 4  DA B OP2   
304 O "O5'" . DA B 4  ? 0.4467 0.4013 0.4562 -0.1688 0.0856  0.0022  4  DA B "O5'" 
305 C "C5'" . DA B 4  ? 0.4572 0.4472 0.4765 -0.1706 0.0825  0.0170  4  DA B "C5'" 
306 C "C4'" . DA B 4  ? 0.3866 0.3990 0.3963 -0.1680 0.0866  0.0381  4  DA B "C4'" 
307 O "O4'" . DA B 4  ? 0.4349 0.4483 0.4482 -0.1561 0.0890  0.0404  4  DA B "O4'" 
308 C "C3'" . DA B 4  ? 0.5131 0.5174 0.4966 -0.1705 0.0888  0.0444  4  DA B "C3'" 
309 O "O3'" . DA B 4  ? 0.5868 0.6146 0.5676 -0.1651 0.0877  0.0627  4  DA B "O3'" 
310 C "C2'" . DA B 4  ? 0.4863 0.4744 0.4595 -0.1570 0.0899  0.0417  4  DA B "C2'" 
311 C "C1'" . DA B 4  ? 0.4260 0.4299 0.4181 -0.1414 0.0876  0.0457  4  DA B "C1'" 
312 N N9    . DA B 4  ? 0.3463 0.3288 0.3439 -0.1132 0.0799  0.0311  4  DA B N9    
313 C C8    . DA B 4  ? 0.4017 0.3526 0.4008 -0.1050 0.0746  0.0104  4  DA B C8    
314 N N7    . DA B 4  ? 0.3810 0.3185 0.3842 -0.0799 0.0685  0.0025  4  DA B N7    
315 C C5    . DA B 4  ? 0.3610 0.3228 0.3662 -0.0706 0.0701  0.0180  4  DA B C5    
316 C C6    . DA B 4  ? 0.3932 0.3552 0.4020 -0.0463 0.0669  0.0191  4  DA B C6    
317 N N6    . DA B 4  ? 0.3481 0.2847 0.3585 -0.0265 0.0606  0.0041  4  DA B N6    
318 N N1    . DA B 4  ? 0.4450 0.4343 0.4557 -0.0442 0.0715  0.0377  4  DA B N1    
319 C C2    . DA B 4  ? 0.4575 0.4723 0.4660 -0.0652 0.0785  0.0553  4  DA B C2    
320 N N3    . DA B 4  ? 0.3421 0.3596 0.3457 -0.0900 0.0817  0.0565  4  DA B N3    
321 C C4    . DA B 4  ? 0.3399 0.3295 0.3422 -0.0909 0.0773  0.0363  4  DA B C4    
322 P P     . DT B 5  ? 0.6442 0.6701 0.6019 -0.1644 0.0872  0.0714  5  DT B P     
323 O OP1   . DT B 5  ? 0.7284 0.7680 0.6913 -0.1619 0.0851  0.0789  5  DT B OP1   
324 O OP2   . DT B 5  ? 0.6408 0.6435 0.5853 -0.1726 0.0875  0.0578  5  DT B OP2   
325 O "O5'" . DT B 5  ? 0.5132 0.5453 0.4588 -0.1535 0.0894  0.0861  5  DT B "O5'" 
326 C "C5'" . DT B 5  ? 0.4855 0.5349 0.4427 -0.1433 0.0909  0.0976  5  DT B "C5'" 
327 C "C4'" . DT B 5  ? 0.5607 0.6124 0.5046 -0.1317 0.0923  0.1093  5  DT B "C4'" 
328 O "O4'" . DT B 5  ? 0.5352 0.5733 0.4824 -0.1269 0.0916  0.0968  5  DT B "O4'" 
329 C "C3'" . DT B 5  ? 0.6193 0.6646 0.5383 -0.1259 0.0891  0.1163  5  DT B "C3'" 
330 O "O3'" . DT B 5  ? 0.7275 0.7814 0.6426 -0.1118 0.0880  0.1290  5  DT B "O3'" 
331 C "C2'" . DT B 5  ? 0.5384 0.5682 0.4475 -0.1191 0.0869  0.1081  5  DT B "C2'" 
332 C "C1'" . DT B 5  ? 0.4611 0.4882 0.3942 -0.1052 0.0859  0.0968  5  DT B "C1'" 
333 N N1    . DT B 5  ? 0.4337 0.4329 0.3765 -0.0879 0.0792  0.0711  5  DT B N1    
334 C C2    . DT B 5  ? 0.3930 0.3875 0.3433 -0.0629 0.0752  0.0671  5  DT B C2    
335 O O2    . DT B 5  ? 0.4156 0.4269 0.3660 -0.0533 0.0771  0.0824  5  DT B O2    
336 N N3    . DT B 5  ? 0.3924 0.3605 0.3498 -0.0497 0.0695  0.0454  5  DT B N3    
337 C C4    . DT B 5  ? 0.4998 0.4457 0.4590 -0.0579 0.0676  0.0280  5  DT B C4    
338 O O4    . DT B 5  ? 0.4536 0.3763 0.4191 -0.0443 0.0627  0.0117  5  DT B O4    
339 C C5    . DT B 5  ? 0.4333 0.3851 0.3858 -0.0837 0.0726  0.0322  5  DT B C5    
340 C C7    . DT B 5  ? 0.4579 0.3861 0.4121 -0.0955 0.0726  0.0151  5  DT B C7    
341 C C6    . DT B 5  ? 0.4173 0.3951 0.3615 -0.0975 0.0779  0.0529  5  DT B C6    
342 P P     . DT B 6  ? 0.8594 0.9088 0.7538 -0.1030 0.0827  0.1360  6  DT B P     
343 O OP1   . DT B 6  ? 0.8036 0.8559 0.7015 -0.0994 0.0826  0.1398  6  DT B OP1   
344 O OP2   . DT B 6  ? 0.8192 0.8610 0.7042 -0.1115 0.0801  0.1291  6  DT B OP2   
345 O "O5'" . DT B 6  ? 0.7052 0.7556 0.5878 -0.0872 0.0798  0.1448  6  DT B "O5'" 
346 C "C5'" . DT B 6  ? 0.6101 0.6692 0.5041 -0.0784 0.0824  0.1506  6  DT B "C5'" 
347 C "C4'" . DT B 6  ? 0.6305 0.6914 0.5170 -0.0598 0.0800  0.1583  6  DT B "C4'" 
348 O "O4'" . DT B 6  ? 0.6770 0.7209 0.5747 -0.0546 0.0779  0.1360  6  DT B "O4'" 
349 C "C3'" . DT B 6  ? 0.6399 0.6940 0.5057 -0.0501 0.0714  0.1608  6  DT B "C3'" 
350 O "O3'" . DT B 6  ? 0.7865 0.8444 0.6522 -0.0311 0.0680  0.1684  6  DT B "O3'" 
351 C "C2'" . DT B 6  ? 0.5751 0.6156 0.4402 -0.0453 0.0672  0.1450  6  DT B "C2'" 
352 C "C1'" . DT B 6  ? 0.5646 0.5932 0.4529 -0.0377 0.0693  0.1258  6  DT B "C1'" 
353 N N1    . DT B 6  ? 0.5046 0.5100 0.4028 -0.0399 0.0661  0.0989  6  DT B N1    
354 C C2    . DT B 6  ? 0.4177 0.4059 0.3287 -0.0210 0.0623  0.0814  6  DT B C2    
355 O O2    . DT B 6  ? 0.4560 0.4474 0.3702 -0.0032 0.0617  0.0857  6  DT B O2    
356 N N3    . DT B 6  ? 0.3915 0.3579 0.3106 -0.0246 0.0599  0.0597  6  DT B N3    
357 C C4    . DT B 6  ? 0.3926 0.3519 0.3098 -0.0441 0.0615  0.0526  6  DT B C4    
358 O O4    . DT B 6  ? 0.4635 0.4010 0.3892 -0.0451 0.0599  0.0338  6  DT B O4    
359 C C5    . DT B 6  ? 0.4432 0.4215 0.3470 -0.0635 0.0659  0.0703  6  DT B C5    
360 C C7    . DT B 6  ? 0.5277 0.5001 0.4272 -0.0868 0.0692  0.0646  6  DT B C7    
361 C C6    . DT B 6  ? 0.4005 0.4006 0.2950 -0.0606 0.0676  0.0928  6  DT B C6    
362 P P     . DA B 7  ? 0.8856 0.9392 0.7370 -0.0194 0.0570  0.1702  7  DA B P     
363 O OP1   . DA B 7  ? 0.9993 1.0548 0.8559 -0.0188 0.0559  0.1735  7  DA B OP1   
364 O OP2   . DA B 7  ? 0.8271 0.8740 0.6659 -0.0275 0.0519  0.1644  7  DA B OP2   
365 O "O5'" . DA B 7  ? 0.9336 0.9875 0.7835 0.0053  0.0554  0.1736  7  DA B "O5'" 
366 C "C5'" . DA B 7  ? 0.8899 0.9455 0.7516 0.0172  0.0644  0.1767  7  DA B "C5'" 
367 C "C4'" . DA B 7  ? 0.8860 0.9233 0.7533 0.0394  0.0569  0.1562  7  DA B "C4'" 
368 O "O4'" . DA B 7  ? 0.8755 0.8942 0.7534 0.0345  0.0538  0.1294  7  DA B "O4'" 
369 C "C3'" . DA B 7  ? 0.9156 0.9542 0.7670 0.0515  0.0472  0.1618  7  DA B "C3'" 
370 O "O3'" . DA B 7  ? 0.9955 1.0260 0.8524 0.0735  0.0451  0.1552  7  DA B "O3'" 
371 C "C2'" . DA B 7  ? 0.8348 0.8624 0.6868 0.0435  0.0400  0.1425  7  DA B "C2'" 
372 C "C1'" . DA B 7  ? 0.7767 0.7870 0.6477 0.0402  0.0443  0.1195  7  DA B "C1'" 
373 N N9    . DA B 7  ? 0.5807 0.5821 0.4552 0.0228  0.0438  0.1056  7  DA B N9    
374 C C8    . DA B 7  ? 0.6363 0.6468 0.5013 0.0024  0.0459  0.1144  7  DA B C8    
375 N N7    . DA B 7  ? 0.5080 0.5052 0.3800 -0.0100 0.0462  0.0970  7  DA B N7    
376 C C5    . DA B 7  ? 0.3990 0.3770 0.2860 0.0032  0.0438  0.0766  7  DA B C5    
377 C C6    . DA B 7  ? 0.3989 0.3552 0.2985 -0.0003 0.0432  0.0544  7  DA B C6    
378 N N6    . DA B 7  ? 0.4169 0.3662 0.3178 -0.0189 0.0457  0.0467  7  DA B N6    
379 N N1    . DA B 7  ? 0.4715 0.4119 0.3818 0.0159  0.0406  0.0410  7  DA B N1    
380 C C2    . DA B 7  ? 0.4336 0.3794 0.3426 0.0340  0.0392  0.0475  7  DA B C2    
381 N N3    . DA B 7  ? 0.4905 0.4556 0.3894 0.0392  0.0402  0.0671  7  DA B N3    
382 C C4    . DA B 7  ? 0.4456 0.4262 0.3337 0.0232  0.0423  0.0816  7  DA B C4    
383 P P     . DT B 8  ? 1.0764 1.1106 0.9207 0.0908  0.0355  0.1625  8  DT B P     
384 O OP1   . DT B 8  ? 1.1685 1.2069 1.0159 0.1030  0.0404  0.1731  8  DT B OP1   
385 O OP2   . DT B 8  ? 0.9346 0.9786 0.7708 0.0774  0.0269  0.1667  8  DT B OP2   
386 O "O5'" . DT B 8  ? 0.9360 0.9515 0.7923 0.1005  0.0284  0.1340  8  DT B "O5'" 
387 C "C5'" . DT B 8  ? 0.9185 0.9176 0.7907 0.1025  0.0341  0.1158  8  DT B "C5'" 
388 C "C4'" . DT B 8  ? 0.9484 0.9298 0.8299 0.1039  0.0275  0.0910  8  DT B "C4'" 
389 O "O4'" . DT B 8  ? 0.9338 0.9116 0.8183 0.0857  0.0270  0.0826  8  DT B "O4'" 
390 C "C3'" . DT B 8  ? 0.9140 0.8982 0.7919 0.1142  0.0171  0.0887  8  DT B "C3'" 
391 O "O3'" . DT B 8  ? 1.0378 1.0047 0.9262 0.1253  0.0167  0.0715  8  DT B "O3'" 
392 C "C2'" . DT B 8  ? 0.7761 0.7629 0.6546 0.0998  0.0111  0.0825  8  DT B "C2'" 
393 C "C1'" . DT B 8  ? 0.7146 0.6867 0.6023 0.0861  0.0186  0.0702  8  DT B "C1'" 
394 N N1    . DT B 8  ? 0.5384 0.5122 0.4253 0.0664  0.0189  0.0678  8  DT B N1    
395 C C2    . DT B 8  ? 0.5153 0.4709 0.4151 0.0583  0.0197  0.0482  8  DT B C2    
396 O O2    . DT B 8  ? 0.5965 0.5348 0.5071 0.0662  0.0194  0.0337  8  DT B O2    
397 N N3    . DT B 8  ? 0.4988 0.4560 0.3972 0.0396  0.0213  0.0473  8  DT B N3    
398 C C4    . DT B 8  ? 0.4274 0.4022 0.3121 0.0278  0.0220  0.0634  8  DT B C4    
399 O O4    . DT B 8  ? 0.4765 0.4499 0.3604 0.0102  0.0245  0.0603  8  DT B O4    
400 C C5    . DT B 8  ? 0.5875 0.5808 0.4581 0.0371  0.0205  0.0849  8  DT B C5    
401 C C7    . DT B 8  ? 0.6342 0.6467 0.4869 0.0250  0.0210  0.1063  8  DT B C7    
402 C C6    . DT B 8  ? 0.5152 0.5072 0.3883 0.0559  0.0192  0.0861  8  DT B C6    
403 P P     . DA B 9  ? 0.8560 0.8235 0.7454 0.1396  0.0081  0.0671  9  DA B P     
404 O OP1   . DA B 9  ? 0.8678 0.8286 0.7564 0.1547  0.0136  0.0690  9  DA B OP1   
405 O OP2   . DA B 9  ? 0.7210 0.7091 0.6021 0.1386  -0.0011 0.0797  9  DA B OP2   
406 O "O5'" . DA B 9  ? 0.6679 0.6179 0.5719 0.1340  0.0050  0.0442  9  DA B "O5'" 
407 C "C5'" . DA B 9  ? 0.6123 0.5432 0.5235 0.1276  0.0121  0.0326  9  DA B "C5'" 
408 C "C4'" . DA B 9  ? 0.6250 0.5405 0.5485 0.1193  0.0089  0.0152  9  DA B "C4'" 
409 O "O4'" . DA B 9  ? 0.6602 0.5815 0.5849 0.1028  0.0081  0.0155  9  DA B "O4'" 
410 C "C3'" . DA B 9  ? 0.5452 0.4629 0.4755 0.1248  0.0012  0.0092  9  DA B "C3'" 
411 O "O3'" . DA B 9  ? 0.6185 0.5139 0.5602 0.1220  0.0024  -0.0064 9  DA B "O3'" 
412 C "C2'" . DA B 9  ? 0.6049 0.5417 0.5365 0.1149  -0.0056 0.0141  9  DA B "C2'" 
413 C "C1'" . DA B 9  ? 0.5973 0.5273 0.5285 0.0993  0.0003  0.0122  9  DA B "C1'" 
414 N N9    . DA B 9  ? 0.5488 0.4981 0.4709 0.0903  -0.0016 0.0247  9  DA B N9    
415 C C8    . DA B 9  ? 0.5820 0.5516 0.4901 0.0965  -0.0045 0.0427  9  DA B C8    
416 N N7    . DA B 9  ? 0.4569 0.4401 0.3569 0.0849  -0.0055 0.0526  9  DA B N7    
417 C C5    . DA B 9  ? 0.5271 0.4980 0.4376 0.0700  -0.0024 0.0389  9  DA B C5    
418 C C6    . DA B 9  ? 0.4464 0.4215 0.3545 0.0526  -0.0006 0.0402  9  DA B C6    
419 N N6    . DA B 9  ? 0.3704 0.3648 0.2633 0.0472  -0.0027 0.0571  9  DA B N6    
420 N N1    . DA B 9  ? 0.6411 0.5990 0.5624 0.0407  0.0036  0.0245  9  DA B N1    
421 C C2    . DA B 9  ? 0.5481 0.4859 0.4827 0.0461  0.0053  0.0101  9  DA B C2    
422 N N3    . DA B 9  ? 0.4061 0.3378 0.3426 0.0621  0.0037  0.0078  9  DA B N3    
423 C C4    . DA B 9  ? 0.4972 0.4466 0.4215 0.0733  0.0001  0.0222  9  DA B C4    
424 P P     . DG B 10 ? 0.7207 0.6134 0.6723 0.1274  -0.0031 -0.0140 10 DG B P     
425 O OP1   . DG B 10 ? 0.8824 0.7476 0.8379 0.1291  0.0017  -0.0252 10 DG B OP1   
426 O OP2   . DG B 10 ? 0.6533 0.5655 0.5981 0.1396  -0.0079 -0.0040 10 DG B OP2   
427 O "O5'" . DG B 10 ? 0.6162 0.5184 0.5819 0.1134  -0.0087 -0.0182 10 DG B "O5'" 
428 C "C5'" . DG B 10 ? 0.5883 0.4747 0.5620 0.0995  -0.0046 -0.0264 10 DG B "C5'" 
429 C "C4'" . DG B 10 ? 0.4577 0.3615 0.4423 0.0872  -0.0093 -0.0257 10 DG B "C4'" 
430 O "O4'" . DG B 10 ? 0.4079 0.3314 0.3797 0.0858  -0.0108 -0.0141 10 DG B "O4'" 
431 C "C3'" . DG B 10 ? 0.3581 0.2807 0.3568 0.0897  -0.0180 -0.0261 10 DG B "C3'" 
432 O "O3'" . DG B 10 ? 0.3751 0.2998 0.3929 0.0753  -0.0186 -0.0322 10 DG B "O3'" 
433 C "C2'" . DG B 10 ? 0.3383 0.2902 0.3270 0.0955  -0.0253 -0.0135 10 DG B "C2'" 
434 C "C1'" . DG B 10 ? 0.3384 0.2871 0.3179 0.0845  -0.0198 -0.0100 10 DG B "C1'" 
435 N N9    . DG B 10 ? 0.3391 0.3091 0.3025 0.0867  -0.0233 0.0047  10 DG B N9    
436 C C8    . DG B 10 ? 0.3885 0.3738 0.3380 0.1004  -0.0281 0.0179  10 DG B C8    
437 N N7    . DG B 10 ? 0.3484 0.3499 0.2839 0.0972  -0.0300 0.0317  10 DG B N7    
438 C C5    . DG B 10 ? 0.3390 0.3359 0.2796 0.0800  -0.0261 0.0262  10 DG B C5    
439 C C6    . DG B 10 ? 0.3383 0.3460 0.2685 0.0680  -0.0253 0.0354  10 DG B C6    
440 O O6    . DG B 10 ? 0.3394 0.3639 0.2520 0.0700  -0.0286 0.0525  10 DG B O6    
441 N N1    . DG B 10 ? 0.3369 0.3326 0.2777 0.0513  -0.0195 0.0240  10 DG B N1    
442 C C2    . DG B 10 ? 0.3355 0.3110 0.2950 0.0473  -0.0153 0.0073  10 DG B C2    
443 N N2    . DG B 10 ? 0.3344 0.2986 0.3027 0.0306  -0.0091 -0.0011 10 DG B N2    
444 N N3    . DG B 10 ? 0.3356 0.3010 0.3042 0.0581  -0.0164 0.0000  10 DG B N3    
445 C C4    . DG B 10 ? 0.3376 0.3149 0.2958 0.0740  -0.0219 0.0095  10 DG B C4    
446 P P     . DC B 11 ? 0.4486 0.3566 0.4872 0.0687  -0.0163 -0.0423 11 DC B P     
447 O OP1   . DC B 11 ? 0.4944 0.3714 0.5215 0.0747  -0.0095 -0.0463 11 DC B OP1   
448 O OP2   . DC B 11 ? 0.4496 0.3819 0.5053 0.0707  -0.0251 -0.0415 11 DC B OP2   
449 O "O5'" . DC B 11 ? 0.4429 0.3457 0.4956 0.0503  -0.0118 -0.0465 11 DC B "O5'" 
450 C "C5'" . DC B 11 ? 0.4108 0.2939 0.4511 0.0446  -0.0041 -0.0477 11 DC B "C5'" 
451 C "C4'" . DC B 11 ? 0.3772 0.2693 0.4276 0.0285  -0.0020 -0.0481 11 DC B "C4'" 
452 O "O4'" . DC B 11 ? 0.3854 0.3039 0.4241 0.0305  -0.0072 -0.0395 11 DC B "O4'" 
453 C "C3'" . DC B 11 ? 0.3524 0.2554 0.4311 0.0179  -0.0038 -0.0515 11 DC B "C3'" 
454 O "O3'" . DC B 11 ? 0.4247 0.3143 0.5104 0.0017  0.0044  -0.0550 11 DC B "O3'" 
455 C "C2'" . DC B 11 ? 0.4360 0.3777 0.5184 0.0224  -0.0145 -0.0448 11 DC B "C2'" 
456 C "C1'" . DC B 11 ? 0.3395 0.2851 0.3961 0.0249  -0.0138 -0.0380 11 DC B "C1'" 
457 N N1    . DC B 11 ? 0.3280 0.2999 0.3698 0.0381  -0.0235 -0.0273 11 DC B N1    
458 C C2    . DC B 11 ? 0.3091 0.2968 0.3369 0.0344  -0.0253 -0.0185 11 DC B C2    
459 O O2    . DC B 11 ? 0.3108 0.2915 0.3399 0.0195  -0.0186 -0.0209 11 DC B O2    
460 N N3    . DC B 11 ? 0.2863 0.2955 0.2986 0.0465  -0.0338 -0.0064 11 DC B N3    
461 C C4    . DC B 11 ? 0.2851 0.3002 0.2962 0.0620  -0.0400 -0.0040 11 DC B C4    
462 N N4    . DC B 11 ? 0.2850 0.3200 0.2799 0.0739  -0.0480 0.0094  11 DC B N4    
463 C C5    . DC B 11 ? 0.3552 0.3544 0.3805 0.0655  -0.0377 -0.0143 11 DC B C5    
464 C C6    . DC B 11 ? 0.4039 0.3818 0.4435 0.0532  -0.0296 -0.0251 11 DC B C6    
465 P P     . DG B 12 ? 0.4241 0.3167 0.5418 -0.0144 0.0078  -0.0589 12 DG B P     
466 O OP1   . DG B 12 ? 0.4858 0.3470 0.6041 -0.0272 0.0194  -0.0634 12 DG B OP1   
467 O OP2   . DG B 12 ? 0.3628 0.2649 0.4998 -0.0105 0.0027  -0.0591 12 DG B OP2   
468 O "O5'" . DG B 12 ? 0.3462 0.2742 0.4719 -0.0204 0.0025  -0.0550 12 DG B "O5'" 
469 C "C5'" . DG B 12 ? 0.3821 0.3089 0.4961 -0.0298 0.0076  -0.0538 12 DG B "C5'" 
470 C "C4'" . DG B 12 ? 0.3118 0.2756 0.4384 -0.0341 0.0004  -0.0495 12 DG B "C4'" 
471 O "O4'" . DG B 12 ? 0.3631 0.3511 0.4726 -0.0183 -0.0117 -0.0415 12 DG B "O4'" 
472 C "C3'" . DG B 12 ? 0.3151 0.2974 0.4790 -0.0401 -0.0027 -0.0522 12 DG B "C3'" 
473 O "O3'" . DG B 12 ? 0.4065 0.3969 0.5884 -0.0571 0.0032  -0.0537 12 DG B "O3'" 
474 C "C2'" . DG B 12 ? 0.3321 0.3515 0.4994 -0.0264 -0.0182 -0.0465 12 DG B "C2'" 
475 C "C1'" . DG B 12 ? 0.2840 0.3076 0.4155 -0.0161 -0.0226 -0.0390 12 DG B "C1'" 
476 N N9    . DG B 12 ? 0.2112 0.2477 0.3293 0.0026  -0.0336 -0.0332 12 DG B N9    
477 C C8    . DG B 12 ? 0.2948 0.3247 0.4180 0.0126  -0.0361 -0.0359 12 DG B C8    
478 N N7    . DG B 12 ? 0.3262 0.3700 0.4329 0.0290  -0.0455 -0.0288 12 DG B N7    
479 C C5    . DG B 12 ? 0.2191 0.2794 0.3086 0.0298  -0.0497 -0.0198 12 DG B C5    
480 C C6    . DG B 12 ? 0.2300 0.3085 0.2967 0.0437  -0.0593 -0.0074 12 DG B C6    
481 O O6    . DG B 12 ? 0.2864 0.3707 0.3443 0.0592  -0.0658 -0.0026 12 DG B O6    
482 N N1    . DG B 12 ? 0.2213 0.3108 0.2739 0.0376  -0.0601 0.0008  12 DG B N1    
483 C C2    . DG B 12 ? 0.2195 0.3038 0.2790 0.0202  -0.0524 -0.0035 12 DG B C2    
484 N N2    . DG B 12 ? 0.2285 0.3249 0.2701 0.0157  -0.0542 0.0065  12 DG B N2    
485 N N3    . DG B 12 ? 0.2165 0.2832 0.2982 0.0074  -0.0429 -0.0158 12 DG B N3    
486 C C4    . DG B 12 ? 0.2149 0.2707 0.3101 0.0133  -0.0424 -0.0226 12 DG B C4    
# 
